data_1T4Y
# 
_entry.id   1T4Y 
# 
_audit_conform.dict_name       mmcif_pdbx.dic 
_audit_conform.dict_version    5.391 
_audit_conform.dict_location   http://mmcif.pdb.org/dictionaries/ascii/mmcif_pdbx.dic 
# 
loop_
_database_2.database_id 
_database_2.database_code 
_database_2.pdbx_database_accession 
_database_2.pdbx_DOI 
PDB   1T4Y         pdb_00001t4y 10.2210/pdb1t4y/pdb 
RCSB  RCSB022317   ?            ?                   
WWPDB D_1000022317 ?            ?                   
# 
loop_
_pdbx_audit_revision_history.ordinal 
_pdbx_audit_revision_history.data_content_type 
_pdbx_audit_revision_history.major_revision 
_pdbx_audit_revision_history.minor_revision 
_pdbx_audit_revision_history.revision_date 
1 'Structure model' 1 0 2004-11-16 
2 'Structure model' 1 1 2008-04-30 
3 'Structure model' 1 2 2011-07-13 
4 'Structure model' 1 3 2024-05-01 
# 
_pdbx_audit_revision_details.ordinal             1 
_pdbx_audit_revision_details.revision_ordinal    1 
_pdbx_audit_revision_details.data_content_type   'Structure model' 
_pdbx_audit_revision_details.provider            repository 
_pdbx_audit_revision_details.type                'Initial release' 
_pdbx_audit_revision_details.description         ? 
_pdbx_audit_revision_details.details             ? 
# 
loop_
_pdbx_audit_revision_group.ordinal 
_pdbx_audit_revision_group.revision_ordinal 
_pdbx_audit_revision_group.data_content_type 
_pdbx_audit_revision_group.group 
1 2 'Structure model' 'Version format compliance' 
2 3 'Structure model' 'Source and taxonomy'       
3 3 'Structure model' 'Version format compliance' 
4 4 'Structure model' 'Data collection'           
5 4 'Structure model' 'Database references'       
# 
loop_
_pdbx_audit_revision_category.ordinal 
_pdbx_audit_revision_category.revision_ordinal 
_pdbx_audit_revision_category.data_content_type 
_pdbx_audit_revision_category.category 
1 4 'Structure model' chem_comp_atom     
2 4 'Structure model' chem_comp_bond     
3 4 'Structure model' database_2         
4 4 'Structure model' struct_ref_seq_dif 
# 
loop_
_pdbx_audit_revision_item.ordinal 
_pdbx_audit_revision_item.revision_ordinal 
_pdbx_audit_revision_item.data_content_type 
_pdbx_audit_revision_item.item 
1 4 'Structure model' '_database_2.pdbx_DOI'                
2 4 'Structure model' '_database_2.pdbx_database_accession' 
3 4 'Structure model' '_struct_ref_seq_dif.details'         
# 
_pdbx_database_status.status_code                     REL 
_pdbx_database_status.entry_id                        1T4Y 
_pdbx_database_status.recvd_initial_deposition_date   2004-04-30 
_pdbx_database_status.deposit_site                    RCSB 
_pdbx_database_status.process_site                    RCSB 
_pdbx_database_status.status_code_mr                  REL 
_pdbx_database_status.SG_entry                        . 
_pdbx_database_status.pdb_format_compatible           Y 
_pdbx_database_status.status_code_sf                  ? 
_pdbx_database_status.status_code_cs                  ? 
_pdbx_database_status.status_code_nmr_data            ? 
_pdbx_database_status.methods_development_category    ? 
# 
_pdbx_database_related.db_name        PDB 
_pdbx_database_related.db_id          1T4Z 
_pdbx_database_related.details        . 
_pdbx_database_related.content_type   unspecified 
# 
loop_
_audit_author.name 
_audit_author.pdbx_ordinal 
'Vakonakis, I.' 1 
'Klewer, D.A.'  2 
'LiWang, A.C.'  3 
# 
_citation.id                        primary 
_citation.title                     'Structure of the N-terminal domain of the circadian clock-associated histidine kinase SasA.' 
_citation.journal_abbrev            J.Mol.Biol. 
_citation.journal_volume            342 
_citation.page_first                9 
_citation.page_last                 17 
_citation.year                      2004 
_citation.journal_id_ASTM           JMOBAK 
_citation.country                   UK 
_citation.journal_id_ISSN           0022-2836 
_citation.journal_id_CSD            0070 
_citation.book_publisher            ? 
_citation.pdbx_database_id_PubMed   15313603 
_citation.pdbx_database_id_DOI      10.1016/j.jmb.2004.07.010 
# 
loop_
_citation_author.citation_id 
_citation_author.name 
_citation_author.ordinal 
_citation_author.identifier_ORCID 
primary 'Vakonakis, I.'  1 ? 
primary 'Klewer, D.A.'   2 ? 
primary 'Williams, S.B.' 3 ? 
primary 'Golden, S.S.'   4 ? 
primary 'LiWang, A.C.'   5 ? 
# 
_entity.id                         1 
_entity.type                       polymer 
_entity.src_method                 man 
_entity.pdbx_description           'Adaptive-response sensory-kinase sasA' 
_entity.formula_weight             11483.250 
_entity.pdbx_number_of_molecules   1 
_entity.pdbx_ec                    2.7.-.- 
_entity.pdbx_mutation              ? 
_entity.pdbx_fragment              'N-terminal domain' 
_entity.details                    ? 
# 
_entity_poly.entity_id                      1 
_entity_poly.type                           'polypeptide(L)' 
_entity_poly.nstd_linkage                   no 
_entity_poly.nstd_monomer                   no 
_entity_poly.pdbx_seq_one_letter_code       
;GSSLSPQALAQPLLLQLFVDTRPLSQHIVQRVKNILAAVEATVPISLQVINVADQPQLVEYYRLVVTPALVKIGPGSRQV
LSGIDLTDQLANQLPQWLVQQEGIF
;
_entity_poly.pdbx_seq_one_letter_code_can   
;GSSLSPQALAQPLLLQLFVDTRPLSQHIVQRVKNILAAVEATVPISLQVINVADQPQLVEYYRLVVTPALVKIGPGSRQV
LSGIDLTDQLANQLPQWLVQQEGIF
;
_entity_poly.pdbx_strand_id                 A 
_entity_poly.pdbx_target_identifier         ? 
# 
loop_
_entity_poly_seq.entity_id 
_entity_poly_seq.num 
_entity_poly_seq.mon_id 
_entity_poly_seq.hetero 
1 1   GLY n 
1 2   SER n 
1 3   SER n 
1 4   LEU n 
1 5   SER n 
1 6   PRO n 
1 7   GLN n 
1 8   ALA n 
1 9   LEU n 
1 10  ALA n 
1 11  GLN n 
1 12  PRO n 
1 13  LEU n 
1 14  LEU n 
1 15  LEU n 
1 16  GLN n 
1 17  LEU n 
1 18  PHE n 
1 19  VAL n 
1 20  ASP n 
1 21  THR n 
1 22  ARG n 
1 23  PRO n 
1 24  LEU n 
1 25  SER n 
1 26  GLN n 
1 27  HIS n 
1 28  ILE n 
1 29  VAL n 
1 30  GLN n 
1 31  ARG n 
1 32  VAL n 
1 33  LYS n 
1 34  ASN n 
1 35  ILE n 
1 36  LEU n 
1 37  ALA n 
1 38  ALA n 
1 39  VAL n 
1 40  GLU n 
1 41  ALA n 
1 42  THR n 
1 43  VAL n 
1 44  PRO n 
1 45  ILE n 
1 46  SER n 
1 47  LEU n 
1 48  GLN n 
1 49  VAL n 
1 50  ILE n 
1 51  ASN n 
1 52  VAL n 
1 53  ALA n 
1 54  ASP n 
1 55  GLN n 
1 56  PRO n 
1 57  GLN n 
1 58  LEU n 
1 59  VAL n 
1 60  GLU n 
1 61  TYR n 
1 62  TYR n 
1 63  ARG n 
1 64  LEU n 
1 65  VAL n 
1 66  VAL n 
1 67  THR n 
1 68  PRO n 
1 69  ALA n 
1 70  LEU n 
1 71  VAL n 
1 72  LYS n 
1 73  ILE n 
1 74  GLY n 
1 75  PRO n 
1 76  GLY n 
1 77  SER n 
1 78  ARG n 
1 79  GLN n 
1 80  VAL n 
1 81  LEU n 
1 82  SER n 
1 83  GLY n 
1 84  ILE n 
1 85  ASP n 
1 86  LEU n 
1 87  THR n 
1 88  ASP n 
1 89  GLN n 
1 90  LEU n 
1 91  ALA n 
1 92  ASN n 
1 93  GLN n 
1 94  LEU n 
1 95  PRO n 
1 96  GLN n 
1 97  TRP n 
1 98  LEU n 
1 99  VAL n 
1 100 GLN n 
1 101 GLN n 
1 102 GLU n 
1 103 GLY n 
1 104 ILE n 
1 105 PHE n 
# 
_entity_src_gen.entity_id                          1 
_entity_src_gen.pdbx_src_id                        1 
_entity_src_gen.pdbx_alt_source_flag               sample 
_entity_src_gen.pdbx_seq_type                      ? 
_entity_src_gen.pdbx_beg_seq_num                   ? 
_entity_src_gen.pdbx_end_seq_num                   ? 
_entity_src_gen.gene_src_common_name               ? 
_entity_src_gen.gene_src_genus                     Synechococcus 
_entity_src_gen.pdbx_gene_src_gene                 'SASA, SARS' 
_entity_src_gen.gene_src_species                   'Synechococcus elongatus' 
_entity_src_gen.gene_src_strain                    'PCC 7942' 
_entity_src_gen.gene_src_tissue                    ? 
_entity_src_gen.gene_src_tissue_fraction           ? 
_entity_src_gen.gene_src_details                   ? 
_entity_src_gen.pdbx_gene_src_fragment             ? 
_entity_src_gen.pdbx_gene_src_scientific_name      'Synechococcus elongatus' 
_entity_src_gen.pdbx_gene_src_ncbi_taxonomy_id     1140 
_entity_src_gen.pdbx_gene_src_variant              ? 
_entity_src_gen.pdbx_gene_src_cell_line            ? 
_entity_src_gen.pdbx_gene_src_atcc                 ? 
_entity_src_gen.pdbx_gene_src_organ                ? 
_entity_src_gen.pdbx_gene_src_organelle            ? 
_entity_src_gen.pdbx_gene_src_cell                 ? 
_entity_src_gen.pdbx_gene_src_cellular_location    ? 
_entity_src_gen.host_org_common_name               ? 
_entity_src_gen.pdbx_host_org_scientific_name      'Escherichia coli BL21(DE3)' 
_entity_src_gen.pdbx_host_org_ncbi_taxonomy_id     469008 
_entity_src_gen.host_org_genus                     Escherichia 
_entity_src_gen.pdbx_host_org_gene                 ? 
_entity_src_gen.pdbx_host_org_organ                ? 
_entity_src_gen.host_org_species                   'Escherichia coli' 
_entity_src_gen.pdbx_host_org_tissue               ? 
_entity_src_gen.pdbx_host_org_tissue_fraction      ? 
_entity_src_gen.pdbx_host_org_strain               'BL21(DE3)' 
_entity_src_gen.pdbx_host_org_variant              ? 
_entity_src_gen.pdbx_host_org_cell_line            ? 
_entity_src_gen.pdbx_host_org_atcc                 ? 
_entity_src_gen.pdbx_host_org_culture_collection   ? 
_entity_src_gen.pdbx_host_org_cell                 ? 
_entity_src_gen.pdbx_host_org_organelle            ? 
_entity_src_gen.pdbx_host_org_cellular_location    ? 
_entity_src_gen.pdbx_host_org_vector_type          plasmid 
_entity_src_gen.pdbx_host_org_vector               ? 
_entity_src_gen.host_org_details                   ? 
_entity_src_gen.expression_system_id               ? 
_entity_src_gen.plasmid_name                       pET32a+ 
_entity_src_gen.plasmid_details                    ? 
_entity_src_gen.pdbx_description                   ? 
# 
loop_
_chem_comp.id 
_chem_comp.type 
_chem_comp.mon_nstd_flag 
_chem_comp.name 
_chem_comp.pdbx_synonyms 
_chem_comp.formula 
_chem_comp.formula_weight 
ALA 'L-peptide linking' y ALANINE         ? 'C3 H7 N O2'     89.093  
ARG 'L-peptide linking' y ARGININE        ? 'C6 H15 N4 O2 1' 175.209 
ASN 'L-peptide linking' y ASPARAGINE      ? 'C4 H8 N2 O3'    132.118 
ASP 'L-peptide linking' y 'ASPARTIC ACID' ? 'C4 H7 N O4'     133.103 
GLN 'L-peptide linking' y GLUTAMINE       ? 'C5 H10 N2 O3'   146.144 
GLU 'L-peptide linking' y 'GLUTAMIC ACID' ? 'C5 H9 N O4'     147.129 
GLY 'peptide linking'   y GLYCINE         ? 'C2 H5 N O2'     75.067  
HIS 'L-peptide linking' y HISTIDINE       ? 'C6 H10 N3 O2 1' 156.162 
ILE 'L-peptide linking' y ISOLEUCINE      ? 'C6 H13 N O2'    131.173 
LEU 'L-peptide linking' y LEUCINE         ? 'C6 H13 N O2'    131.173 
LYS 'L-peptide linking' y LYSINE          ? 'C6 H15 N2 O2 1' 147.195 
PHE 'L-peptide linking' y PHENYLALANINE   ? 'C9 H11 N O2'    165.189 
PRO 'L-peptide linking' y PROLINE         ? 'C5 H9 N O2'     115.130 
SER 'L-peptide linking' y SERINE          ? 'C3 H7 N O3'     105.093 
THR 'L-peptide linking' y THREONINE       ? 'C4 H9 N O3'     119.119 
TRP 'L-peptide linking' y TRYPTOPHAN      ? 'C11 H12 N2 O2'  204.225 
TYR 'L-peptide linking' y TYROSINE        ? 'C9 H11 N O3'    181.189 
VAL 'L-peptide linking' y VALINE          ? 'C5 H11 N O2'    117.146 
# 
loop_
_pdbx_poly_seq_scheme.asym_id 
_pdbx_poly_seq_scheme.entity_id 
_pdbx_poly_seq_scheme.seq_id 
_pdbx_poly_seq_scheme.mon_id 
_pdbx_poly_seq_scheme.ndb_seq_num 
_pdbx_poly_seq_scheme.pdb_seq_num 
_pdbx_poly_seq_scheme.auth_seq_num 
_pdbx_poly_seq_scheme.pdb_mon_id 
_pdbx_poly_seq_scheme.auth_mon_id 
_pdbx_poly_seq_scheme.pdb_strand_id 
_pdbx_poly_seq_scheme.pdb_ins_code 
_pdbx_poly_seq_scheme.hetero 
A 1 1   GLY 1   1   1   GLY GLY A . n 
A 1 2   SER 2   2   2   SER SER A . n 
A 1 3   SER 3   3   3   SER SER A . n 
A 1 4   LEU 4   4   4   LEU LEU A . n 
A 1 5   SER 5   5   5   SER SER A . n 
A 1 6   PRO 6   6   6   PRO PRO A . n 
A 1 7   GLN 7   7   7   GLN GLN A . n 
A 1 8   ALA 8   8   8   ALA ALA A . n 
A 1 9   LEU 9   9   9   LEU LEU A . n 
A 1 10  ALA 10  10  10  ALA ALA A . n 
A 1 11  GLN 11  11  11  GLN GLN A . n 
A 1 12  PRO 12  12  12  PRO PRO A . n 
A 1 13  LEU 13  13  13  LEU LEU A . n 
A 1 14  LEU 14  14  14  LEU LEU A . n 
A 1 15  LEU 15  15  15  LEU LEU A . n 
A 1 16  GLN 16  16  16  GLN GLN A . n 
A 1 17  LEU 17  17  17  LEU LEU A . n 
A 1 18  PHE 18  18  18  PHE PHE A . n 
A 1 19  VAL 19  19  19  VAL VAL A . n 
A 1 20  ASP 20  20  20  ASP ASP A . n 
A 1 21  THR 21  21  21  THR THR A . n 
A 1 22  ARG 22  22  22  ARG ARG A . n 
A 1 23  PRO 23  23  23  PRO PRO A . n 
A 1 24  LEU 24  24  24  LEU LEU A . n 
A 1 25  SER 25  25  25  SER SER A . n 
A 1 26  GLN 26  26  26  GLN GLN A . n 
A 1 27  HIS 27  27  27  HIS HIS A . n 
A 1 28  ILE 28  28  28  ILE ILE A . n 
A 1 29  VAL 29  29  29  VAL VAL A . n 
A 1 30  GLN 30  30  30  GLN GLN A . n 
A 1 31  ARG 31  31  31  ARG ARG A . n 
A 1 32  VAL 32  32  32  VAL VAL A . n 
A 1 33  LYS 33  33  33  LYS LYS A . n 
A 1 34  ASN 34  34  34  ASN ASN A . n 
A 1 35  ILE 35  35  35  ILE ILE A . n 
A 1 36  LEU 36  36  36  LEU LEU A . n 
A 1 37  ALA 37  37  37  ALA ALA A . n 
A 1 38  ALA 38  38  38  ALA ALA A . n 
A 1 39  VAL 39  39  39  VAL VAL A . n 
A 1 40  GLU 40  40  40  GLU GLU A . n 
A 1 41  ALA 41  41  41  ALA ALA A . n 
A 1 42  THR 42  42  42  THR THR A . n 
A 1 43  VAL 43  43  43  VAL VAL A . n 
A 1 44  PRO 44  44  44  PRO PRO A . n 
A 1 45  ILE 45  45  45  ILE ILE A . n 
A 1 46  SER 46  46  46  SER SER A . n 
A 1 47  LEU 47  47  47  LEU LEU A . n 
A 1 48  GLN 48  48  48  GLN GLN A . n 
A 1 49  VAL 49  49  49  VAL VAL A . n 
A 1 50  ILE 50  50  50  ILE ILE A . n 
A 1 51  ASN 51  51  51  ASN ASN A . n 
A 1 52  VAL 52  52  52  VAL VAL A . n 
A 1 53  ALA 53  53  53  ALA ALA A . n 
A 1 54  ASP 54  54  54  ASP ASP A . n 
A 1 55  GLN 55  55  55  GLN GLN A . n 
A 1 56  PRO 56  56  56  PRO PRO A . n 
A 1 57  GLN 57  57  57  GLN GLN A . n 
A 1 58  LEU 58  58  58  LEU LEU A . n 
A 1 59  VAL 59  59  59  VAL VAL A . n 
A 1 60  GLU 60  60  60  GLU GLU A . n 
A 1 61  TYR 61  61  61  TYR TYR A . n 
A 1 62  TYR 62  62  62  TYR TYR A . n 
A 1 63  ARG 63  63  63  ARG ARG A . n 
A 1 64  LEU 64  64  64  LEU LEU A . n 
A 1 65  VAL 65  65  65  VAL VAL A . n 
A 1 66  VAL 66  66  66  VAL VAL A . n 
A 1 67  THR 67  67  67  THR THR A . n 
A 1 68  PRO 68  68  68  PRO PRO A . n 
A 1 69  ALA 69  69  69  ALA ALA A . n 
A 1 70  LEU 70  70  70  LEU LEU A . n 
A 1 71  VAL 71  71  71  VAL VAL A . n 
A 1 72  LYS 72  72  72  LYS LYS A . n 
A 1 73  ILE 73  73  73  ILE ILE A . n 
A 1 74  GLY 74  74  74  GLY GLY A . n 
A 1 75  PRO 75  75  75  PRO PRO A . n 
A 1 76  GLY 76  76  76  GLY GLY A . n 
A 1 77  SER 77  77  77  SER SER A . n 
A 1 78  ARG 78  78  78  ARG ARG A . n 
A 1 79  GLN 79  79  79  GLN GLN A . n 
A 1 80  VAL 80  80  80  VAL VAL A . n 
A 1 81  LEU 81  81  81  LEU LEU A . n 
A 1 82  SER 82  82  82  SER SER A . n 
A 1 83  GLY 83  83  83  GLY GLY A . n 
A 1 84  ILE 84  84  84  ILE ILE A . n 
A 1 85  ASP 85  85  85  ASP ASP A . n 
A 1 86  LEU 86  86  86  LEU LEU A . n 
A 1 87  THR 87  87  87  THR THR A . n 
A 1 88  ASP 88  88  88  ASP ASP A . n 
A 1 89  GLN 89  89  89  GLN GLN A . n 
A 1 90  LEU 90  90  90  LEU LEU A . n 
A 1 91  ALA 91  91  91  ALA ALA A . n 
A 1 92  ASN 92  92  92  ASN ASN A . n 
A 1 93  GLN 93  93  93  GLN GLN A . n 
A 1 94  LEU 94  94  94  LEU LEU A . n 
A 1 95  PRO 95  95  95  PRO PRO A . n 
A 1 96  GLN 96  96  96  GLN GLN A . n 
A 1 97  TRP 97  97  97  TRP TRP A . n 
A 1 98  LEU 98  98  98  LEU LEU A . n 
A 1 99  VAL 99  99  99  VAL VAL A . n 
A 1 100 GLN 100 100 100 GLN GLN A . n 
A 1 101 GLN 101 101 101 GLN GLN A . n 
A 1 102 GLU 102 102 102 GLU GLU A . n 
A 1 103 GLY 103 103 103 GLY GLY A . n 
A 1 104 ILE 104 104 104 ILE ILE A . n 
A 1 105 PHE 105 105 105 PHE PHE A . n 
# 
_exptl.entry_id          1T4Y 
_exptl.method            'SOLUTION NMR' 
_exptl.crystals_number   ? 
# 
_exptl_crystal.id                    1 
_exptl_crystal.density_meas          ? 
_exptl_crystal.density_percent_sol   ? 
_exptl_crystal.description           ? 
_exptl_crystal.density_Matthews      ? 
# 
_diffrn.id                     1 
_diffrn.ambient_temp           ? 
_diffrn.ambient_temp_details   ? 
_diffrn.crystal_id             1 
# 
_diffrn_radiation.diffrn_id                        1 
_diffrn_radiation.wavelength_id                    1 
_diffrn_radiation.pdbx_monochromatic_or_laue_m_l   M 
_diffrn_radiation.monochromator                    ? 
_diffrn_radiation.pdbx_diffrn_protocol             'SINGLE WAVELENGTH' 
_diffrn_radiation.pdbx_scattering_type             x-ray 
# 
_diffrn_radiation_wavelength.id           1 
_diffrn_radiation_wavelength.wavelength   . 
_diffrn_radiation_wavelength.wt           1.0 
# 
_struct.entry_id                  1T4Y 
_struct.title                     
'Solution structure of the N-terminal domain of Synechococcus elongatus SasA (average minimized structure)' 
_struct.pdbx_model_details        ? 
_struct.pdbx_CASP_flag            ? 
_struct.pdbx_model_type_details   'minimized average' 
# 
_struct_keywords.entry_id        1T4Y 
_struct_keywords.pdbx_keywords   TRANSFERASE 
_struct_keywords.text            'Alpha/Beta protein, Thioredoxin fold, TRANSFERASE' 
# 
_struct_asym.id                            A 
_struct_asym.pdbx_blank_PDB_chainid_flag   N 
_struct_asym.pdbx_modified                 N 
_struct_asym.entity_id                     1 
_struct_asym.details                       ? 
# 
_struct_ref.id                         1 
_struct_ref.db_name                    UNP 
_struct_ref.db_code                    SASA_SYNP7 
_struct_ref.pdbx_db_accession          Q06904 
_struct_ref.entity_id                  1 
_struct_ref.pdbx_seq_one_letter_code   
;SLSPQALAQPLLLQLFVDTRPLSQHIVQRVKNILAAVEATVPISLQVINVADQPQLVEYYRLVVTPALVKIGPGSRQVLS
GIDLTDQLANQLPQWLVQQE
;
_struct_ref.pdbx_align_begin           4 
_struct_ref.pdbx_db_isoform            ? 
# 
_struct_ref_seq.align_id                      1 
_struct_ref_seq.ref_id                        1 
_struct_ref_seq.pdbx_PDB_id_code              1T4Y 
_struct_ref_seq.pdbx_strand_id                A 
_struct_ref_seq.seq_align_beg                 3 
_struct_ref_seq.pdbx_seq_align_beg_ins_code   ? 
_struct_ref_seq.seq_align_end                 102 
_struct_ref_seq.pdbx_seq_align_end_ins_code   ? 
_struct_ref_seq.pdbx_db_accession             Q06904 
_struct_ref_seq.db_align_beg                  4 
_struct_ref_seq.pdbx_db_align_beg_ins_code    ? 
_struct_ref_seq.db_align_end                  103 
_struct_ref_seq.pdbx_db_align_end_ins_code    ? 
_struct_ref_seq.pdbx_auth_seq_align_beg       3 
_struct_ref_seq.pdbx_auth_seq_align_end       102 
# 
loop_
_struct_ref_seq_dif.align_id 
_struct_ref_seq_dif.pdbx_pdb_id_code 
_struct_ref_seq_dif.mon_id 
_struct_ref_seq_dif.pdbx_pdb_strand_id 
_struct_ref_seq_dif.seq_num 
_struct_ref_seq_dif.pdbx_pdb_ins_code 
_struct_ref_seq_dif.pdbx_seq_db_name 
_struct_ref_seq_dif.pdbx_seq_db_accession_code 
_struct_ref_seq_dif.db_mon_id 
_struct_ref_seq_dif.pdbx_seq_db_seq_num 
_struct_ref_seq_dif.details 
_struct_ref_seq_dif.pdbx_auth_seq_num 
_struct_ref_seq_dif.pdbx_ordinal 
1 1T4Y GLY A 1   ? UNP Q06904 ? ? 'cloning artifact' 1   1 
1 1T4Y SER A 2   ? UNP Q06904 ? ? 'cloning artifact' 2   2 
1 1T4Y GLY A 103 ? UNP Q06904 ? ? 'cloning artifact' 103 3 
1 1T4Y ILE A 104 ? UNP Q06904 ? ? 'cloning artifact' 104 4 
1 1T4Y PHE A 105 ? UNP Q06904 ? ? 'cloning artifact' 105 5 
# 
_pdbx_struct_assembly.id                   1 
_pdbx_struct_assembly.details              author_defined_assembly 
_pdbx_struct_assembly.method_details       ? 
_pdbx_struct_assembly.oligomeric_details   monomeric 
_pdbx_struct_assembly.oligomeric_count     1 
# 
_pdbx_struct_assembly_gen.assembly_id       1 
_pdbx_struct_assembly_gen.oper_expression   1 
_pdbx_struct_assembly_gen.asym_id_list      A 
# 
_pdbx_struct_oper_list.id                   1 
_pdbx_struct_oper_list.type                 'identity operation' 
_pdbx_struct_oper_list.name                 1_555 
_pdbx_struct_oper_list.symmetry_operation   x,y,z 
_pdbx_struct_oper_list.matrix[1][1]         1.0000000000 
_pdbx_struct_oper_list.matrix[1][2]         0.0000000000 
_pdbx_struct_oper_list.matrix[1][3]         0.0000000000 
_pdbx_struct_oper_list.vector[1]            0.0000000000 
_pdbx_struct_oper_list.matrix[2][1]         0.0000000000 
_pdbx_struct_oper_list.matrix[2][2]         1.0000000000 
_pdbx_struct_oper_list.matrix[2][3]         0.0000000000 
_pdbx_struct_oper_list.vector[2]            0.0000000000 
_pdbx_struct_oper_list.matrix[3][1]         0.0000000000 
_pdbx_struct_oper_list.matrix[3][2]         0.0000000000 
_pdbx_struct_oper_list.matrix[3][3]         1.0000000000 
_pdbx_struct_oper_list.vector[3]            0.0000000000 
# 
_struct_biol.id   1 
# 
loop_
_struct_conf.conf_type_id 
_struct_conf.id 
_struct_conf.pdbx_PDB_helix_id 
_struct_conf.beg_label_comp_id 
_struct_conf.beg_label_asym_id 
_struct_conf.beg_label_seq_id 
_struct_conf.pdbx_beg_PDB_ins_code 
_struct_conf.end_label_comp_id 
_struct_conf.end_label_asym_id 
_struct_conf.end_label_seq_id 
_struct_conf.pdbx_end_PDB_ins_code 
_struct_conf.beg_auth_comp_id 
_struct_conf.beg_auth_asym_id 
_struct_conf.beg_auth_seq_id 
_struct_conf.end_auth_comp_id 
_struct_conf.end_auth_asym_id 
_struct_conf.end_auth_seq_id 
_struct_conf.pdbx_PDB_helix_class 
_struct_conf.details 
_struct_conf.pdbx_PDB_helix_length 
HELX_P HELX_P1 1 GLY A 1  ? SER A 5  ? GLY A 1  SER A 5  5 ? 5  
HELX_P HELX_P2 2 ARG A 22 ? GLU A 40 ? ARG A 22 GLU A 40 1 ? 19 
HELX_P HELX_P3 3 GLN A 55 ? TYR A 62 ? GLN A 55 TYR A 62 1 ? 8  
HELX_P HELX_P4 4 ASP A 85 ? VAL A 99 ? ASP A 85 VAL A 99 1 ? 15 
# 
_struct_conf_type.id          HELX_P 
_struct_conf_type.criteria    ? 
_struct_conf_type.reference   ? 
# 
loop_
_struct_mon_prot_cis.pdbx_id 
_struct_mon_prot_cis.label_comp_id 
_struct_mon_prot_cis.label_seq_id 
_struct_mon_prot_cis.label_asym_id 
_struct_mon_prot_cis.label_alt_id 
_struct_mon_prot_cis.pdbx_PDB_ins_code 
_struct_mon_prot_cis.auth_comp_id 
_struct_mon_prot_cis.auth_seq_id 
_struct_mon_prot_cis.auth_asym_id 
_struct_mon_prot_cis.pdbx_label_comp_id_2 
_struct_mon_prot_cis.pdbx_label_seq_id_2 
_struct_mon_prot_cis.pdbx_label_asym_id_2 
_struct_mon_prot_cis.pdbx_PDB_ins_code_2 
_struct_mon_prot_cis.pdbx_auth_comp_id_2 
_struct_mon_prot_cis.pdbx_auth_seq_id_2 
_struct_mon_prot_cis.pdbx_auth_asym_id_2 
_struct_mon_prot_cis.pdbx_PDB_model_num 
_struct_mon_prot_cis.pdbx_omega_angle 
1 THR 67 A . ? THR 67 A PRO 68 A ? PRO 68 A 1 0.87 
2 GLY 74 A . ? GLY 74 A PRO 75 A ? PRO 75 A 1 0.54 
# 
_struct_sheet.id               A 
_struct_sheet.type             ? 
_struct_sheet.number_strands   4 
_struct_sheet.details          ? 
# 
loop_
_struct_sheet_order.sheet_id 
_struct_sheet_order.range_id_1 
_struct_sheet_order.range_id_2 
_struct_sheet_order.offset 
_struct_sheet_order.sense 
A 1 2 ? parallel      
A 2 3 ? anti-parallel 
A 3 4 ? anti-parallel 
# 
loop_
_struct_sheet_range.sheet_id 
_struct_sheet_range.id 
_struct_sheet_range.beg_label_comp_id 
_struct_sheet_range.beg_label_asym_id 
_struct_sheet_range.beg_label_seq_id 
_struct_sheet_range.pdbx_beg_PDB_ins_code 
_struct_sheet_range.end_label_comp_id 
_struct_sheet_range.end_label_asym_id 
_struct_sheet_range.end_label_seq_id 
_struct_sheet_range.pdbx_end_PDB_ins_code 
_struct_sheet_range.beg_auth_comp_id 
_struct_sheet_range.beg_auth_asym_id 
_struct_sheet_range.beg_auth_seq_id 
_struct_sheet_range.end_auth_comp_id 
_struct_sheet_range.end_auth_asym_id 
_struct_sheet_range.end_auth_seq_id 
A 1 ILE A 45 ? ASN A 51 ? ILE A 45 ASN A 51 
A 2 LEU A 13 ? VAL A 19 ? LEU A 13 VAL A 19 
A 3 ALA A 69 ? GLY A 74 ? ALA A 69 GLY A 74 
A 4 GLN A 79 ? SER A 82 ? GLN A 79 SER A 82 
# 
loop_
_pdbx_struct_sheet_hbond.sheet_id 
_pdbx_struct_sheet_hbond.range_id_1 
_pdbx_struct_sheet_hbond.range_id_2 
_pdbx_struct_sheet_hbond.range_1_label_atom_id 
_pdbx_struct_sheet_hbond.range_1_label_comp_id 
_pdbx_struct_sheet_hbond.range_1_label_asym_id 
_pdbx_struct_sheet_hbond.range_1_label_seq_id 
_pdbx_struct_sheet_hbond.range_1_PDB_ins_code 
_pdbx_struct_sheet_hbond.range_1_auth_atom_id 
_pdbx_struct_sheet_hbond.range_1_auth_comp_id 
_pdbx_struct_sheet_hbond.range_1_auth_asym_id 
_pdbx_struct_sheet_hbond.range_1_auth_seq_id 
_pdbx_struct_sheet_hbond.range_2_label_atom_id 
_pdbx_struct_sheet_hbond.range_2_label_comp_id 
_pdbx_struct_sheet_hbond.range_2_label_asym_id 
_pdbx_struct_sheet_hbond.range_2_label_seq_id 
_pdbx_struct_sheet_hbond.range_2_PDB_ins_code 
_pdbx_struct_sheet_hbond.range_2_auth_atom_id 
_pdbx_struct_sheet_hbond.range_2_auth_comp_id 
_pdbx_struct_sheet_hbond.range_2_auth_asym_id 
_pdbx_struct_sheet_hbond.range_2_auth_seq_id 
A 1 2 O SER A 46 ? O SER A 46 N LEU A 13 ? N LEU A 13 
A 2 3 N LEU A 14 ? N LEU A 14 O GLY A 74 ? O GLY A 74 
A 3 4 N LEU A 70 ? N LEU A 70 O LEU A 81 ? O LEU A 81 
# 
loop_
_pdbx_validate_close_contact.id 
_pdbx_validate_close_contact.PDB_model_num 
_pdbx_validate_close_contact.auth_atom_id_1 
_pdbx_validate_close_contact.auth_asym_id_1 
_pdbx_validate_close_contact.auth_comp_id_1 
_pdbx_validate_close_contact.auth_seq_id_1 
_pdbx_validate_close_contact.PDB_ins_code_1 
_pdbx_validate_close_contact.label_alt_id_1 
_pdbx_validate_close_contact.auth_atom_id_2 
_pdbx_validate_close_contact.auth_asym_id_2 
_pdbx_validate_close_contact.auth_comp_id_2 
_pdbx_validate_close_contact.auth_seq_id_2 
_pdbx_validate_close_contact.PDB_ins_code_2 
_pdbx_validate_close_contact.label_alt_id_2 
_pdbx_validate_close_contact.dist 
1  1 O    A GLU 102 ? ? H   A ILE 104 ? ? 0.32 
2  1 O    A SER 2   ? ? H   A LEU 4   ? ? 0.74 
3  1 O    A GLN 101 ? ? H   A GLY 103 ? ? 1.13 
4  1 O    A SER 2   ? ? N   A LEU 4   ? ? 1.15 
5  1 HG   A SER 82  ? ? H   A GLY 83  ? ? 1.19 
6  1 O    A GLU 102 ? ? N   A ILE 104 ? ? 1.20 
7  1 O    A ASP 20  ? ? HG1 A THR 21  ? ? 1.24 
8  1 C    A GLU 102 ? ? H   A ILE 104 ? ? 1.25 
9  1 O    A VAL 99  ? ? H   A GLN 101 ? ? 1.26 
10 1 HG12 A VAL 99  ? ? HG3 A GLN 101 ? ? 1.29 
11 1 C    A SER 2   ? ? H   A LEU 4   ? ? 1.31 
12 1 H    A LEU 70  ? ? O   A LEU 81  ? ? 1.42 
13 1 HG11 A VAL 59  ? ? O   A LEU 64  ? ? 1.43 
14 1 O    A GLY 83  ? ? H   A ASP 85  ? ? 1.45 
15 1 HE22 A GLN 79  ? ? OE1 A GLN 93  ? ? 1.46 
16 1 O    A LEU 90  ? ? H   A LEU 94  ? ? 1.46 
17 1 O    A TRP 97  ? ? HG3 A GLN 100 ? ? 1.47 
18 1 HD13 A LEU 58  ? ? N   A VAL 59  ? ? 1.47 
19 1 H    A LEU 14  ? ? O   A GLY 74  ? ? 1.48 
20 1 O    A LEU 86  ? ? H   A LEU 90  ? ? 1.50 
21 1 O    A PRO 6   ? ? HB2 A GLN 7   ? ? 1.55 
22 1 O    A LEU 24  ? ? H   A ILE 28  ? ? 1.56 
23 1 O    A GLN 89  ? ? H   A GLN 93  ? ? 1.57 
24 1 O    A VAL 99  ? ? N   A GLN 101 ? ? 1.57 
25 1 O    A GLN 101 ? ? N   A GLY 103 ? ? 1.85 
26 1 O    A GLY 83  ? ? N   A ASP 85  ? ? 1.90 
27 1 O    A SER 2   ? ? CA  A LEU 4   ? ? 2.04 
28 1 C    A SER 2   ? ? N   A LEU 4   ? ? 2.06 
29 1 O    A GLN 30  ? ? ND2 A ASN 34  ? ? 2.11 
30 1 C    A GLU 102 ? ? N   A ILE 104 ? ? 2.12 
31 1 O    A SER 2   ? ? N   A SER 5   ? ? 2.16 
32 1 O    A TRP 97  ? ? CG  A GLN 100 ? ? 2.18 
33 1 O    A SER 82  ? ? OD1 A ASP 85  ? ? 2.18 
34 1 O    A GLU 102 ? ? CA  A ILE 104 ? ? 2.19 
# 
loop_
_pdbx_validate_torsion.id 
_pdbx_validate_torsion.PDB_model_num 
_pdbx_validate_torsion.auth_comp_id 
_pdbx_validate_torsion.auth_asym_id 
_pdbx_validate_torsion.auth_seq_id 
_pdbx_validate_torsion.PDB_ins_code 
_pdbx_validate_torsion.label_alt_id 
_pdbx_validate_torsion.phi 
_pdbx_validate_torsion.psi 
1  1 SER A 2   ? ? -26.75 166.14  
2  1 SER A 3   ? ? -0.30  19.69   
3  1 LEU A 4   ? ? 92.73  -7.37   
4  1 PRO A 6   ? ? -77.59 45.55   
5  1 GLN A 7   ? ? 155.88 130.48  
6  1 GLU A 40  ? ? 34.70  -107.04 
7  1 ALA A 41  ? ? 82.85  169.77  
8  1 ARG A 63  ? ? 54.39  3.38    
9  1 ILE A 84  ? ? 31.83  5.72    
10 1 GLN A 100 ? ? -8.81  41.46   
11 1 GLU A 102 ? ? -40.29 56.04   
# 
loop_
_pdbx_validate_planes.id 
_pdbx_validate_planes.PDB_model_num 
_pdbx_validate_planes.auth_comp_id 
_pdbx_validate_planes.auth_asym_id 
_pdbx_validate_planes.auth_seq_id 
_pdbx_validate_planes.PDB_ins_code 
_pdbx_validate_planes.label_alt_id 
_pdbx_validate_planes.rmsd 
_pdbx_validate_planes.type 
1 1 ARG A 22 ? ? 0.283 'SIDE CHAIN' 
2 1 ARG A 31 ? ? 0.203 'SIDE CHAIN' 
3 1 ARG A 63 ? ? 0.278 'SIDE CHAIN' 
4 1 ARG A 78 ? ? 0.118 'SIDE CHAIN' 
# 
_pdbx_nmr_ensemble.entry_id                             1T4Y 
_pdbx_nmr_ensemble.conformers_calculated_total_number   ? 
_pdbx_nmr_ensemble.conformers_submitted_total_number    1 
_pdbx_nmr_ensemble.conformer_selection_criteria         ? 
# 
_pdbx_nmr_representative.entry_id             1T4Y 
_pdbx_nmr_representative.conformer_id         ? 
_pdbx_nmr_representative.selection_criteria   'minimized average structure' 
# 
loop_
_pdbx_nmr_sample_details.solution_id 
_pdbx_nmr_sample_details.contents 
_pdbx_nmr_sample_details.solvent_system 
1 '0.8mM N-SasA U-15N, 13C, 20mM phosphate buffer pH 7.0, 100mM NaCl, 95% H2O, 5% D2O' '95% H2O/5% D2O' 
2 '0.8mM N-SasA U-15N, 13C, 20mM phosphate buffer pH 7.0, 100mM NaCl, 100% D2O'        '100% D2O'       
3 '0.8mM N-SasA U-15N, 20mM phosphate buffer pH 7.0, 100mM NaCl, 95% H2O, 5% D2O'      '95% H2O/5% D2O' 
# 
_pdbx_nmr_exptl_sample_conditions.conditions_id       1 
_pdbx_nmr_exptl_sample_conditions.temperature         298 
_pdbx_nmr_exptl_sample_conditions.pressure            ambient 
_pdbx_nmr_exptl_sample_conditions.pH                  7.0 
_pdbx_nmr_exptl_sample_conditions.ionic_strength      '100 mM NaCl, 20 mM NaPi' 
_pdbx_nmr_exptl_sample_conditions.pressure_units      ? 
_pdbx_nmr_exptl_sample_conditions.temperature_units   K 
# 
loop_
_pdbx_nmr_exptl.experiment_id 
_pdbx_nmr_exptl.solution_id 
_pdbx_nmr_exptl.conditions_id 
_pdbx_nmr_exptl.type 
1 1 1 4D_13C/15N-separated_NOESY 
2 2 1 4D_13C-separated_NOESY     
3 3 1 3D_15N-separated_NOESY     
4 3 1 HNHA                       
# 
_pdbx_nmr_details.entry_id   1T4Y 
_pdbx_nmr_details.text       'The structure was determined using triple-resonance NMR spectroscopy.' 
# 
_pdbx_nmr_refine.entry_id           1T4Y 
_pdbx_nmr_refine.method             
'Distance geometry, Simulated annealing, Slow refinement in the presence of database potentials' 
_pdbx_nmr_refine.details            
;The structure is based on 2267 restraints, 1764 were NOE, 197 dihedral angles, 71 couplings, 198 chemical shifts and 34 hydrogen bonds
;
_pdbx_nmr_refine.software_ordinal   1 
# 
loop_
_pdbx_nmr_software.name 
_pdbx_nmr_software.version 
_pdbx_nmr_software.classification 
_pdbx_nmr_software.authors 
_pdbx_nmr_software.ordinal 
VNMR      '6.1 Rec. C'              collection           'Varian Assoc.'    1 
NMRPipe   '2.1 Rev. 2002.044.17.08' processing           Delaglio           2 
PIPP      4.2.6                     'data analysis'      Garrett            3 
XPLOR-NIH 2.9.1                     'structure solution' 'Clore, Kuszewski' 4 
XPLOR-NIH 2.9.1                     refinement           'Clore, Kuszewski' 5 
# 
loop_
_chem_comp_atom.comp_id 
_chem_comp_atom.atom_id 
_chem_comp_atom.type_symbol 
_chem_comp_atom.pdbx_aromatic_flag 
_chem_comp_atom.pdbx_stereo_config 
_chem_comp_atom.pdbx_ordinal 
ALA N    N N N 1   
ALA CA   C N S 2   
ALA C    C N N 3   
ALA O    O N N 4   
ALA CB   C N N 5   
ALA OXT  O N N 6   
ALA H    H N N 7   
ALA H2   H N N 8   
ALA HA   H N N 9   
ALA HB1  H N N 10  
ALA HB2  H N N 11  
ALA HB3  H N N 12  
ALA HXT  H N N 13  
ARG N    N N N 14  
ARG CA   C N S 15  
ARG C    C N N 16  
ARG O    O N N 17  
ARG CB   C N N 18  
ARG CG   C N N 19  
ARG CD   C N N 20  
ARG NE   N N N 21  
ARG CZ   C N N 22  
ARG NH1  N N N 23  
ARG NH2  N N N 24  
ARG OXT  O N N 25  
ARG H    H N N 26  
ARG H2   H N N 27  
ARG HA   H N N 28  
ARG HB2  H N N 29  
ARG HB3  H N N 30  
ARG HG2  H N N 31  
ARG HG3  H N N 32  
ARG HD2  H N N 33  
ARG HD3  H N N 34  
ARG HE   H N N 35  
ARG HH11 H N N 36  
ARG HH12 H N N 37  
ARG HH21 H N N 38  
ARG HH22 H N N 39  
ARG HXT  H N N 40  
ASN N    N N N 41  
ASN CA   C N S 42  
ASN C    C N N 43  
ASN O    O N N 44  
ASN CB   C N N 45  
ASN CG   C N N 46  
ASN OD1  O N N 47  
ASN ND2  N N N 48  
ASN OXT  O N N 49  
ASN H    H N N 50  
ASN H2   H N N 51  
ASN HA   H N N 52  
ASN HB2  H N N 53  
ASN HB3  H N N 54  
ASN HD21 H N N 55  
ASN HD22 H N N 56  
ASN HXT  H N N 57  
ASP N    N N N 58  
ASP CA   C N S 59  
ASP C    C N N 60  
ASP O    O N N 61  
ASP CB   C N N 62  
ASP CG   C N N 63  
ASP OD1  O N N 64  
ASP OD2  O N N 65  
ASP OXT  O N N 66  
ASP H    H N N 67  
ASP H2   H N N 68  
ASP HA   H N N 69  
ASP HB2  H N N 70  
ASP HB3  H N N 71  
ASP HD2  H N N 72  
ASP HXT  H N N 73  
GLN N    N N N 74  
GLN CA   C N S 75  
GLN C    C N N 76  
GLN O    O N N 77  
GLN CB   C N N 78  
GLN CG   C N N 79  
GLN CD   C N N 80  
GLN OE1  O N N 81  
GLN NE2  N N N 82  
GLN OXT  O N N 83  
GLN H    H N N 84  
GLN H2   H N N 85  
GLN HA   H N N 86  
GLN HB2  H N N 87  
GLN HB3  H N N 88  
GLN HG2  H N N 89  
GLN HG3  H N N 90  
GLN HE21 H N N 91  
GLN HE22 H N N 92  
GLN HXT  H N N 93  
GLU N    N N N 94  
GLU CA   C N S 95  
GLU C    C N N 96  
GLU O    O N N 97  
GLU CB   C N N 98  
GLU CG   C N N 99  
GLU CD   C N N 100 
GLU OE1  O N N 101 
GLU OE2  O N N 102 
GLU OXT  O N N 103 
GLU H    H N N 104 
GLU H2   H N N 105 
GLU HA   H N N 106 
GLU HB2  H N N 107 
GLU HB3  H N N 108 
GLU HG2  H N N 109 
GLU HG3  H N N 110 
GLU HE2  H N N 111 
GLU HXT  H N N 112 
GLY N    N N N 113 
GLY CA   C N N 114 
GLY C    C N N 115 
GLY O    O N N 116 
GLY OXT  O N N 117 
GLY H    H N N 118 
GLY H2   H N N 119 
GLY HA2  H N N 120 
GLY HA3  H N N 121 
GLY HXT  H N N 122 
HIS N    N N N 123 
HIS CA   C N S 124 
HIS C    C N N 125 
HIS O    O N N 126 
HIS CB   C N N 127 
HIS CG   C Y N 128 
HIS ND1  N Y N 129 
HIS CD2  C Y N 130 
HIS CE1  C Y N 131 
HIS NE2  N Y N 132 
HIS OXT  O N N 133 
HIS H    H N N 134 
HIS H2   H N N 135 
HIS HA   H N N 136 
HIS HB2  H N N 137 
HIS HB3  H N N 138 
HIS HD1  H N N 139 
HIS HD2  H N N 140 
HIS HE1  H N N 141 
HIS HE2  H N N 142 
HIS HXT  H N N 143 
ILE N    N N N 144 
ILE CA   C N S 145 
ILE C    C N N 146 
ILE O    O N N 147 
ILE CB   C N S 148 
ILE CG1  C N N 149 
ILE CG2  C N N 150 
ILE CD1  C N N 151 
ILE OXT  O N N 152 
ILE H    H N N 153 
ILE H2   H N N 154 
ILE HA   H N N 155 
ILE HB   H N N 156 
ILE HG12 H N N 157 
ILE HG13 H N N 158 
ILE HG21 H N N 159 
ILE HG22 H N N 160 
ILE HG23 H N N 161 
ILE HD11 H N N 162 
ILE HD12 H N N 163 
ILE HD13 H N N 164 
ILE HXT  H N N 165 
LEU N    N N N 166 
LEU CA   C N S 167 
LEU C    C N N 168 
LEU O    O N N 169 
LEU CB   C N N 170 
LEU CG   C N N 171 
LEU CD1  C N N 172 
LEU CD2  C N N 173 
LEU OXT  O N N 174 
LEU H    H N N 175 
LEU H2   H N N 176 
LEU HA   H N N 177 
LEU HB2  H N N 178 
LEU HB3  H N N 179 
LEU HG   H N N 180 
LEU HD11 H N N 181 
LEU HD12 H N N 182 
LEU HD13 H N N 183 
LEU HD21 H N N 184 
LEU HD22 H N N 185 
LEU HD23 H N N 186 
LEU HXT  H N N 187 
LYS N    N N N 188 
LYS CA   C N S 189 
LYS C    C N N 190 
LYS O    O N N 191 
LYS CB   C N N 192 
LYS CG   C N N 193 
LYS CD   C N N 194 
LYS CE   C N N 195 
LYS NZ   N N N 196 
LYS OXT  O N N 197 
LYS H    H N N 198 
LYS H2   H N N 199 
LYS HA   H N N 200 
LYS HB2  H N N 201 
LYS HB3  H N N 202 
LYS HG2  H N N 203 
LYS HG3  H N N 204 
LYS HD2  H N N 205 
LYS HD3  H N N 206 
LYS HE2  H N N 207 
LYS HE3  H N N 208 
LYS HZ1  H N N 209 
LYS HZ2  H N N 210 
LYS HZ3  H N N 211 
LYS HXT  H N N 212 
PHE N    N N N 213 
PHE CA   C N S 214 
PHE C    C N N 215 
PHE O    O N N 216 
PHE CB   C N N 217 
PHE CG   C Y N 218 
PHE CD1  C Y N 219 
PHE CD2  C Y N 220 
PHE CE1  C Y N 221 
PHE CE2  C Y N 222 
PHE CZ   C Y N 223 
PHE OXT  O N N 224 
PHE H    H N N 225 
PHE H2   H N N 226 
PHE HA   H N N 227 
PHE HB2  H N N 228 
PHE HB3  H N N 229 
PHE HD1  H N N 230 
PHE HD2  H N N 231 
PHE HE1  H N N 232 
PHE HE2  H N N 233 
PHE HZ   H N N 234 
PHE HXT  H N N 235 
PRO N    N N N 236 
PRO CA   C N S 237 
PRO C    C N N 238 
PRO O    O N N 239 
PRO CB   C N N 240 
PRO CG   C N N 241 
PRO CD   C N N 242 
PRO OXT  O N N 243 
PRO H    H N N 244 
PRO HA   H N N 245 
PRO HB2  H N N 246 
PRO HB3  H N N 247 
PRO HG2  H N N 248 
PRO HG3  H N N 249 
PRO HD2  H N N 250 
PRO HD3  H N N 251 
PRO HXT  H N N 252 
SER N    N N N 253 
SER CA   C N S 254 
SER C    C N N 255 
SER O    O N N 256 
SER CB   C N N 257 
SER OG   O N N 258 
SER OXT  O N N 259 
SER H    H N N 260 
SER H2   H N N 261 
SER HA   H N N 262 
SER HB2  H N N 263 
SER HB3  H N N 264 
SER HG   H N N 265 
SER HXT  H N N 266 
THR N    N N N 267 
THR CA   C N S 268 
THR C    C N N 269 
THR O    O N N 270 
THR CB   C N R 271 
THR OG1  O N N 272 
THR CG2  C N N 273 
THR OXT  O N N 274 
THR H    H N N 275 
THR H2   H N N 276 
THR HA   H N N 277 
THR HB   H N N 278 
THR HG1  H N N 279 
THR HG21 H N N 280 
THR HG22 H N N 281 
THR HG23 H N N 282 
THR HXT  H N N 283 
TRP N    N N N 284 
TRP CA   C N S 285 
TRP C    C N N 286 
TRP O    O N N 287 
TRP CB   C N N 288 
TRP CG   C Y N 289 
TRP CD1  C Y N 290 
TRP CD2  C Y N 291 
TRP NE1  N Y N 292 
TRP CE2  C Y N 293 
TRP CE3  C Y N 294 
TRP CZ2  C Y N 295 
TRP CZ3  C Y N 296 
TRP CH2  C Y N 297 
TRP OXT  O N N 298 
TRP H    H N N 299 
TRP H2   H N N 300 
TRP HA   H N N 301 
TRP HB2  H N N 302 
TRP HB3  H N N 303 
TRP HD1  H N N 304 
TRP HE1  H N N 305 
TRP HE3  H N N 306 
TRP HZ2  H N N 307 
TRP HZ3  H N N 308 
TRP HH2  H N N 309 
TRP HXT  H N N 310 
TYR N    N N N 311 
TYR CA   C N S 312 
TYR C    C N N 313 
TYR O    O N N 314 
TYR CB   C N N 315 
TYR CG   C Y N 316 
TYR CD1  C Y N 317 
TYR CD2  C Y N 318 
TYR CE1  C Y N 319 
TYR CE2  C Y N 320 
TYR CZ   C Y N 321 
TYR OH   O N N 322 
TYR OXT  O N N 323 
TYR H    H N N 324 
TYR H2   H N N 325 
TYR HA   H N N 326 
TYR HB2  H N N 327 
TYR HB3  H N N 328 
TYR HD1  H N N 329 
TYR HD2  H N N 330 
TYR HE1  H N N 331 
TYR HE2  H N N 332 
TYR HH   H N N 333 
TYR HXT  H N N 334 
VAL N    N N N 335 
VAL CA   C N S 336 
VAL C    C N N 337 
VAL O    O N N 338 
VAL CB   C N N 339 
VAL CG1  C N N 340 
VAL CG2  C N N 341 
VAL OXT  O N N 342 
VAL H    H N N 343 
VAL H2   H N N 344 
VAL HA   H N N 345 
VAL HB   H N N 346 
VAL HG11 H N N 347 
VAL HG12 H N N 348 
VAL HG13 H N N 349 
VAL HG21 H N N 350 
VAL HG22 H N N 351 
VAL HG23 H N N 352 
VAL HXT  H N N 353 
# 
loop_
_chem_comp_bond.comp_id 
_chem_comp_bond.atom_id_1 
_chem_comp_bond.atom_id_2 
_chem_comp_bond.value_order 
_chem_comp_bond.pdbx_aromatic_flag 
_chem_comp_bond.pdbx_stereo_config 
_chem_comp_bond.pdbx_ordinal 
ALA N   CA   sing N N 1   
ALA N   H    sing N N 2   
ALA N   H2   sing N N 3   
ALA CA  C    sing N N 4   
ALA CA  CB   sing N N 5   
ALA CA  HA   sing N N 6   
ALA C   O    doub N N 7   
ALA C   OXT  sing N N 8   
ALA CB  HB1  sing N N 9   
ALA CB  HB2  sing N N 10  
ALA CB  HB3  sing N N 11  
ALA OXT HXT  sing N N 12  
ARG N   CA   sing N N 13  
ARG N   H    sing N N 14  
ARG N   H2   sing N N 15  
ARG CA  C    sing N N 16  
ARG CA  CB   sing N N 17  
ARG CA  HA   sing N N 18  
ARG C   O    doub N N 19  
ARG C   OXT  sing N N 20  
ARG CB  CG   sing N N 21  
ARG CB  HB2  sing N N 22  
ARG CB  HB3  sing N N 23  
ARG CG  CD   sing N N 24  
ARG CG  HG2  sing N N 25  
ARG CG  HG3  sing N N 26  
ARG CD  NE   sing N N 27  
ARG CD  HD2  sing N N 28  
ARG CD  HD3  sing N N 29  
ARG NE  CZ   sing N N 30  
ARG NE  HE   sing N N 31  
ARG CZ  NH1  sing N N 32  
ARG CZ  NH2  doub N N 33  
ARG NH1 HH11 sing N N 34  
ARG NH1 HH12 sing N N 35  
ARG NH2 HH21 sing N N 36  
ARG NH2 HH22 sing N N 37  
ARG OXT HXT  sing N N 38  
ASN N   CA   sing N N 39  
ASN N   H    sing N N 40  
ASN N   H2   sing N N 41  
ASN CA  C    sing N N 42  
ASN CA  CB   sing N N 43  
ASN CA  HA   sing N N 44  
ASN C   O    doub N N 45  
ASN C   OXT  sing N N 46  
ASN CB  CG   sing N N 47  
ASN CB  HB2  sing N N 48  
ASN CB  HB3  sing N N 49  
ASN CG  OD1  doub N N 50  
ASN CG  ND2  sing N N 51  
ASN ND2 HD21 sing N N 52  
ASN ND2 HD22 sing N N 53  
ASN OXT HXT  sing N N 54  
ASP N   CA   sing N N 55  
ASP N   H    sing N N 56  
ASP N   H2   sing N N 57  
ASP CA  C    sing N N 58  
ASP CA  CB   sing N N 59  
ASP CA  HA   sing N N 60  
ASP C   O    doub N N 61  
ASP C   OXT  sing N N 62  
ASP CB  CG   sing N N 63  
ASP CB  HB2  sing N N 64  
ASP CB  HB3  sing N N 65  
ASP CG  OD1  doub N N 66  
ASP CG  OD2  sing N N 67  
ASP OD2 HD2  sing N N 68  
ASP OXT HXT  sing N N 69  
GLN N   CA   sing N N 70  
GLN N   H    sing N N 71  
GLN N   H2   sing N N 72  
GLN CA  C    sing N N 73  
GLN CA  CB   sing N N 74  
GLN CA  HA   sing N N 75  
GLN C   O    doub N N 76  
GLN C   OXT  sing N N 77  
GLN CB  CG   sing N N 78  
GLN CB  HB2  sing N N 79  
GLN CB  HB3  sing N N 80  
GLN CG  CD   sing N N 81  
GLN CG  HG2  sing N N 82  
GLN CG  HG3  sing N N 83  
GLN CD  OE1  doub N N 84  
GLN CD  NE2  sing N N 85  
GLN NE2 HE21 sing N N 86  
GLN NE2 HE22 sing N N 87  
GLN OXT HXT  sing N N 88  
GLU N   CA   sing N N 89  
GLU N   H    sing N N 90  
GLU N   H2   sing N N 91  
GLU CA  C    sing N N 92  
GLU CA  CB   sing N N 93  
GLU CA  HA   sing N N 94  
GLU C   O    doub N N 95  
GLU C   OXT  sing N N 96  
GLU CB  CG   sing N N 97  
GLU CB  HB2  sing N N 98  
GLU CB  HB3  sing N N 99  
GLU CG  CD   sing N N 100 
GLU CG  HG2  sing N N 101 
GLU CG  HG3  sing N N 102 
GLU CD  OE1  doub N N 103 
GLU CD  OE2  sing N N 104 
GLU OE2 HE2  sing N N 105 
GLU OXT HXT  sing N N 106 
GLY N   CA   sing N N 107 
GLY N   H    sing N N 108 
GLY N   H2   sing N N 109 
GLY CA  C    sing N N 110 
GLY CA  HA2  sing N N 111 
GLY CA  HA3  sing N N 112 
GLY C   O    doub N N 113 
GLY C   OXT  sing N N 114 
GLY OXT HXT  sing N N 115 
HIS N   CA   sing N N 116 
HIS N   H    sing N N 117 
HIS N   H2   sing N N 118 
HIS CA  C    sing N N 119 
HIS CA  CB   sing N N 120 
HIS CA  HA   sing N N 121 
HIS C   O    doub N N 122 
HIS C   OXT  sing N N 123 
HIS CB  CG   sing N N 124 
HIS CB  HB2  sing N N 125 
HIS CB  HB3  sing N N 126 
HIS CG  ND1  sing Y N 127 
HIS CG  CD2  doub Y N 128 
HIS ND1 CE1  doub Y N 129 
HIS ND1 HD1  sing N N 130 
HIS CD2 NE2  sing Y N 131 
HIS CD2 HD2  sing N N 132 
HIS CE1 NE2  sing Y N 133 
HIS CE1 HE1  sing N N 134 
HIS NE2 HE2  sing N N 135 
HIS OXT HXT  sing N N 136 
ILE N   CA   sing N N 137 
ILE N   H    sing N N 138 
ILE N   H2   sing N N 139 
ILE CA  C    sing N N 140 
ILE CA  CB   sing N N 141 
ILE CA  HA   sing N N 142 
ILE C   O    doub N N 143 
ILE C   OXT  sing N N 144 
ILE CB  CG1  sing N N 145 
ILE CB  CG2  sing N N 146 
ILE CB  HB   sing N N 147 
ILE CG1 CD1  sing N N 148 
ILE CG1 HG12 sing N N 149 
ILE CG1 HG13 sing N N 150 
ILE CG2 HG21 sing N N 151 
ILE CG2 HG22 sing N N 152 
ILE CG2 HG23 sing N N 153 
ILE CD1 HD11 sing N N 154 
ILE CD1 HD12 sing N N 155 
ILE CD1 HD13 sing N N 156 
ILE OXT HXT  sing N N 157 
LEU N   CA   sing N N 158 
LEU N   H    sing N N 159 
LEU N   H2   sing N N 160 
LEU CA  C    sing N N 161 
LEU CA  CB   sing N N 162 
LEU CA  HA   sing N N 163 
LEU C   O    doub N N 164 
LEU C   OXT  sing N N 165 
LEU CB  CG   sing N N 166 
LEU CB  HB2  sing N N 167 
LEU CB  HB3  sing N N 168 
LEU CG  CD1  sing N N 169 
LEU CG  CD2  sing N N 170 
LEU CG  HG   sing N N 171 
LEU CD1 HD11 sing N N 172 
LEU CD1 HD12 sing N N 173 
LEU CD1 HD13 sing N N 174 
LEU CD2 HD21 sing N N 175 
LEU CD2 HD22 sing N N 176 
LEU CD2 HD23 sing N N 177 
LEU OXT HXT  sing N N 178 
LYS N   CA   sing N N 179 
LYS N   H    sing N N 180 
LYS N   H2   sing N N 181 
LYS CA  C    sing N N 182 
LYS CA  CB   sing N N 183 
LYS CA  HA   sing N N 184 
LYS C   O    doub N N 185 
LYS C   OXT  sing N N 186 
LYS CB  CG   sing N N 187 
LYS CB  HB2  sing N N 188 
LYS CB  HB3  sing N N 189 
LYS CG  CD   sing N N 190 
LYS CG  HG2  sing N N 191 
LYS CG  HG3  sing N N 192 
LYS CD  CE   sing N N 193 
LYS CD  HD2  sing N N 194 
LYS CD  HD3  sing N N 195 
LYS CE  NZ   sing N N 196 
LYS CE  HE2  sing N N 197 
LYS CE  HE3  sing N N 198 
LYS NZ  HZ1  sing N N 199 
LYS NZ  HZ2  sing N N 200 
LYS NZ  HZ3  sing N N 201 
LYS OXT HXT  sing N N 202 
PHE N   CA   sing N N 203 
PHE N   H    sing N N 204 
PHE N   H2   sing N N 205 
PHE CA  C    sing N N 206 
PHE CA  CB   sing N N 207 
PHE CA  HA   sing N N 208 
PHE C   O    doub N N 209 
PHE C   OXT  sing N N 210 
PHE CB  CG   sing N N 211 
PHE CB  HB2  sing N N 212 
PHE CB  HB3  sing N N 213 
PHE CG  CD1  doub Y N 214 
PHE CG  CD2  sing Y N 215 
PHE CD1 CE1  sing Y N 216 
PHE CD1 HD1  sing N N 217 
PHE CD2 CE2  doub Y N 218 
PHE CD2 HD2  sing N N 219 
PHE CE1 CZ   doub Y N 220 
PHE CE1 HE1  sing N N 221 
PHE CE2 CZ   sing Y N 222 
PHE CE2 HE2  sing N N 223 
PHE CZ  HZ   sing N N 224 
PHE OXT HXT  sing N N 225 
PRO N   CA   sing N N 226 
PRO N   CD   sing N N 227 
PRO N   H    sing N N 228 
PRO CA  C    sing N N 229 
PRO CA  CB   sing N N 230 
PRO CA  HA   sing N N 231 
PRO C   O    doub N N 232 
PRO C   OXT  sing N N 233 
PRO CB  CG   sing N N 234 
PRO CB  HB2  sing N N 235 
PRO CB  HB3  sing N N 236 
PRO CG  CD   sing N N 237 
PRO CG  HG2  sing N N 238 
PRO CG  HG3  sing N N 239 
PRO CD  HD2  sing N N 240 
PRO CD  HD3  sing N N 241 
PRO OXT HXT  sing N N 242 
SER N   CA   sing N N 243 
SER N   H    sing N N 244 
SER N   H2   sing N N 245 
SER CA  C    sing N N 246 
SER CA  CB   sing N N 247 
SER CA  HA   sing N N 248 
SER C   O    doub N N 249 
SER C   OXT  sing N N 250 
SER CB  OG   sing N N 251 
SER CB  HB2  sing N N 252 
SER CB  HB3  sing N N 253 
SER OG  HG   sing N N 254 
SER OXT HXT  sing N N 255 
THR N   CA   sing N N 256 
THR N   H    sing N N 257 
THR N   H2   sing N N 258 
THR CA  C    sing N N 259 
THR CA  CB   sing N N 260 
THR CA  HA   sing N N 261 
THR C   O    doub N N 262 
THR C   OXT  sing N N 263 
THR CB  OG1  sing N N 264 
THR CB  CG2  sing N N 265 
THR CB  HB   sing N N 266 
THR OG1 HG1  sing N N 267 
THR CG2 HG21 sing N N 268 
THR CG2 HG22 sing N N 269 
THR CG2 HG23 sing N N 270 
THR OXT HXT  sing N N 271 
TRP N   CA   sing N N 272 
TRP N   H    sing N N 273 
TRP N   H2   sing N N 274 
TRP CA  C    sing N N 275 
TRP CA  CB   sing N N 276 
TRP CA  HA   sing N N 277 
TRP C   O    doub N N 278 
TRP C   OXT  sing N N 279 
TRP CB  CG   sing N N 280 
TRP CB  HB2  sing N N 281 
TRP CB  HB3  sing N N 282 
TRP CG  CD1  doub Y N 283 
TRP CG  CD2  sing Y N 284 
TRP CD1 NE1  sing Y N 285 
TRP CD1 HD1  sing N N 286 
TRP CD2 CE2  doub Y N 287 
TRP CD2 CE3  sing Y N 288 
TRP NE1 CE2  sing Y N 289 
TRP NE1 HE1  sing N N 290 
TRP CE2 CZ2  sing Y N 291 
TRP CE3 CZ3  doub Y N 292 
TRP CE3 HE3  sing N N 293 
TRP CZ2 CH2  doub Y N 294 
TRP CZ2 HZ2  sing N N 295 
TRP CZ3 CH2  sing Y N 296 
TRP CZ3 HZ3  sing N N 297 
TRP CH2 HH2  sing N N 298 
TRP OXT HXT  sing N N 299 
TYR N   CA   sing N N 300 
TYR N   H    sing N N 301 
TYR N   H2   sing N N 302 
TYR CA  C    sing N N 303 
TYR CA  CB   sing N N 304 
TYR CA  HA   sing N N 305 
TYR C   O    doub N N 306 
TYR C   OXT  sing N N 307 
TYR CB  CG   sing N N 308 
TYR CB  HB2  sing N N 309 
TYR CB  HB3  sing N N 310 
TYR CG  CD1  doub Y N 311 
TYR CG  CD2  sing Y N 312 
TYR CD1 CE1  sing Y N 313 
TYR CD1 HD1  sing N N 314 
TYR CD2 CE2  doub Y N 315 
TYR CD2 HD2  sing N N 316 
TYR CE1 CZ   doub Y N 317 
TYR CE1 HE1  sing N N 318 
TYR CE2 CZ   sing Y N 319 
TYR CE2 HE2  sing N N 320 
TYR CZ  OH   sing N N 321 
TYR OH  HH   sing N N 322 
TYR OXT HXT  sing N N 323 
VAL N   CA   sing N N 324 
VAL N   H    sing N N 325 
VAL N   H2   sing N N 326 
VAL CA  C    sing N N 327 
VAL CA  CB   sing N N 328 
VAL CA  HA   sing N N 329 
VAL C   O    doub N N 330 
VAL C   OXT  sing N N 331 
VAL CB  CG1  sing N N 332 
VAL CB  CG2  sing N N 333 
VAL CB  HB   sing N N 334 
VAL CG1 HG11 sing N N 335 
VAL CG1 HG12 sing N N 336 
VAL CG1 HG13 sing N N 337 
VAL CG2 HG21 sing N N 338 
VAL CG2 HG22 sing N N 339 
VAL CG2 HG23 sing N N 340 
VAL OXT HXT  sing N N 341 
# 
loop_
_pdbx_nmr_spectrometer.spectrometer_id 
_pdbx_nmr_spectrometer.type 
_pdbx_nmr_spectrometer.manufacturer 
_pdbx_nmr_spectrometer.model 
_pdbx_nmr_spectrometer.field_strength 
1 ? Varian INOVA 600 
2 ? Varian INOVA 500 
# 
_atom_sites.entry_id                    1T4Y 
_atom_sites.fract_transf_matrix[1][1]   1.000000 
_atom_sites.fract_transf_matrix[1][2]   0.000000 
_atom_sites.fract_transf_matrix[1][3]   0.000000 
_atom_sites.fract_transf_matrix[2][1]   0.000000 
_atom_sites.fract_transf_matrix[2][2]   1.000000 
_atom_sites.fract_transf_matrix[2][3]   0.000000 
_atom_sites.fract_transf_matrix[3][1]   0.000000 
_atom_sites.fract_transf_matrix[3][2]   0.000000 
_atom_sites.fract_transf_matrix[3][3]   1.000000 
_atom_sites.fract_transf_vector[1]      0.00000 
_atom_sites.fract_transf_vector[2]      0.00000 
_atom_sites.fract_transf_vector[3]      0.00000 
# 
loop_
_atom_type.symbol 
C 
H 
N 
O 
# 
loop_
_atom_site.group_PDB 
_atom_site.id 
_atom_site.type_symbol 
_atom_site.label_atom_id 
_atom_site.label_alt_id 
_atom_site.label_comp_id 
_atom_site.label_asym_id 
_atom_site.label_entity_id 
_atom_site.label_seq_id 
_atom_site.pdbx_PDB_ins_code 
_atom_site.Cartn_x 
_atom_site.Cartn_y 
_atom_site.Cartn_z 
_atom_site.occupancy 
_atom_site.B_iso_or_equiv 
_atom_site.pdbx_formal_charge 
_atom_site.auth_seq_id 
_atom_site.auth_comp_id 
_atom_site.auth_asym_id 
_atom_site.auth_atom_id 
_atom_site.pdbx_PDB_model_num 
ATOM 1    N N    . GLY A 1 1   ? -26.620 -14.182 -13.865 1.00 13.46 ? 1   GLY A N    1 
ATOM 2    C CA   . GLY A 1 1   ? -26.273 -12.752 -14.134 1.00 13.07 ? 1   GLY A CA   1 
ATOM 3    C C    . GLY A 1 1   ? -24.872 -12.676 -14.740 1.00 12.38 ? 1   GLY A C    1 
ATOM 4    O O    . GLY A 1 1   ? -24.490 -13.552 -15.519 1.00 12.28 ? 1   GLY A O    1 
ATOM 5    H H1   . GLY A 1 1   ? -26.318 -14.771 -14.667 1.00 13.56 ? 1   GLY A H1   1 
ATOM 6    H H2   . GLY A 1 1   ? -27.648 -14.271 -13.736 1.00 13.62 ? 1   GLY A H2   1 
ATOM 7    H H3   . GLY A 1 1   ? -26.135 -14.500 -13.002 1.00 13.63 ? 1   GLY A H3   1 
ATOM 8    H HA2  . GLY A 1 1   ? -26.988 -12.335 -14.831 1.00 13.19 ? 1   GLY A HA2  1 
ATOM 9    H HA3  . GLY A 1 1   ? -26.299 -12.195 -13.209 1.00 13.35 ? 1   GLY A HA3  1 
ATOM 10   N N    . SER A 1 2   ? -24.105 -11.631 -14.388 1.00 12.09 ? 2   SER A N    1 
ATOM 11   C CA   . SER A 1 2   ? -22.744 -11.489 -14.926 1.00 11.64 ? 2   SER A CA   1 
ATOM 12   C C    . SER A 1 2   ? -22.203 -12.871 -15.275 1.00 10.84 ? 2   SER A C    1 
ATOM 13   O O    . SER A 1 2   ? -22.783 -13.878 -14.870 1.00 10.86 ? 2   SER A O    1 
ATOM 14   C CB   . SER A 1 2   ? -21.825 -10.820 -13.902 1.00 11.88 ? 2   SER A CB   1 
ATOM 15   O OG   . SER A 1 2   ? -22.592 -9.952  -13.083 1.00 11.96 ? 2   SER A OG   1 
ATOM 16   H H    . SER A 1 2   ? -24.452 -10.958 -13.765 1.00 12.33 ? 2   SER A H    1 
ATOM 17   H HA   . SER A 1 2   ? -22.773 -10.884 -15.823 1.00 11.91 ? 2   SER A HA   1 
ATOM 18   H HB2  . SER A 1 2   ? -21.360 -11.571 -13.287 1.00 11.96 ? 2   SER A HB2  1 
ATOM 19   H HB3  . SER A 1 2   ? -21.059 -10.259 -14.421 1.00 12.12 ? 2   SER A HB3  1 
ATOM 20   H HG   . SER A 1 2   ? -23.510 -10.030 -13.359 1.00 12.16 ? 2   SER A HG   1 
ATOM 21   N N    . SER A 1 3   ? -21.104 -12.937 -16.032 1.00 10.34 ? 3   SER A N    1 
ATOM 22   C CA   . SER A 1 3   ? -20.572 -14.244 -16.397 1.00 9.73  ? 3   SER A CA   1 
ATOM 23   C C    . SER A 1 3   ? -21.463 -15.310 -15.772 1.00 9.13  ? 3   SER A C    1 
ATOM 24   O O    . SER A 1 3   ? -21.058 -16.459 -15.578 1.00 9.02  ? 3   SER A O    1 
ATOM 25   C CB   . SER A 1 3   ? -19.132 -14.398 -15.901 1.00 9.84  ? 3   SER A CB   1 
ATOM 26   O OG   . SER A 1 3   ? -19.101 -15.344 -14.834 1.00 10.18 ? 3   SER A OG   1 
ATOM 27   H H    . SER A 1 3   ? -20.667 -12.120 -16.345 1.00 10.52 ? 3   SER A H    1 
ATOM 28   H HA   . SER A 1 3   ? -20.597 -14.343 -17.469 1.00 9.91  ? 3   SER A HA   1 
ATOM 29   H HB2  . SER A 1 3   ? -18.506 -14.747 -16.707 1.00 9.75  ? 3   SER A HB2  1 
ATOM 30   H HB3  . SER A 1 3   ? -18.766 -13.435 -15.558 1.00 9.99  ? 3   SER A HB3  1 
ATOM 31   H HG   . SER A 1 3   ? -18.636 -14.951 -14.091 1.00 10.16 ? 3   SER A HG   1 
ATOM 32   N N    . LEU A 1 4   ? -22.675 -14.874 -15.429 1.00 9.03  ? 4   LEU A N    1 
ATOM 33   C CA   . LEU A 1 4   ? -23.663 -15.714 -14.782 1.00 8.78  ? 4   LEU A CA   1 
ATOM 34   C C    . LEU A 1 4   ? -23.506 -15.524 -13.285 1.00 8.12  ? 4   LEU A C    1 
ATOM 35   O O    . LEU A 1 4   ? -24.317 -15.988 -12.484 1.00 8.38  ? 4   LEU A O    1 
ATOM 36   C CB   . LEU A 1 4   ? -23.497 -17.180 -15.175 1.00 9.09  ? 4   LEU A CB   1 
ATOM 37   C CG   . LEU A 1 4   ? -24.814 -17.922 -14.918 1.00 9.24  ? 4   LEU A CG   1 
ATOM 38   C CD1  . LEU A 1 4   ? -24.559 -19.118 -14.009 1.00 9.65  ? 4   LEU A CD1  1 
ATOM 39   C CD2  . LEU A 1 4   ? -25.840 -16.979 -14.264 1.00 9.56  ? 4   LEU A CD2  1 
ATOM 40   H H    . LEU A 1 4   ? -22.900 -13.938 -15.594 1.00 9.32  ? 4   LEU A H    1 
ATOM 41   H HA   . LEU A 1 4   ? -24.651 -15.380 -15.077 1.00 9.14  ? 4   LEU A HA   1 
ATOM 42   H HB2  . LEU A 1 4   ? -23.252 -17.240 -16.227 1.00 9.67  ? 4   LEU A HB2  1 
ATOM 43   H HB3  . LEU A 1 4   ? -22.707 -17.634 -14.595 1.00 8.91  ? 4   LEU A HB3  1 
ATOM 44   H HG   . LEU A 1 4   ? -25.207 -18.278 -15.856 1.00 9.12  ? 4   LEU A HG   1 
ATOM 45   H HD11 . LEU A 1 4   ? -24.081 -19.901 -14.580 1.00 9.72  ? 4   LEU A HD11 1 
ATOM 46   H HD12 . LEU A 1 4   ? -25.500 -19.481 -13.619 1.00 9.76  ? 4   LEU A HD12 1 
ATOM 47   H HD13 . LEU A 1 4   ? -23.916 -18.824 -13.192 1.00 9.99  ? 4   LEU A HD13 1 
ATOM 48   H HD21 . LEU A 1 4   ? -26.666 -17.561 -13.871 1.00 9.86  ? 4   LEU A HD21 1 
ATOM 49   H HD22 . LEU A 1 4   ? -26.214 -16.286 -15.004 1.00 9.71  ? 4   LEU A HD22 1 
ATOM 50   H HD23 . LEU A 1 4   ? -25.374 -16.426 -13.460 1.00 9.58  ? 4   LEU A HD23 1 
ATOM 51   N N    . SER A 1 5   ? -22.442 -14.792 -12.938 1.00 7.49  ? 5   SER A N    1 
ATOM 52   C CA   . SER A 1 5   ? -22.130 -14.471 -11.549 1.00 7.01  ? 5   SER A CA   1 
ATOM 53   C C    . SER A 1 5   ? -22.708 -13.099 -11.197 1.00 6.45  ? 5   SER A C    1 
ATOM 54   O O    . SER A 1 5   ? -22.560 -12.133 -11.955 1.00 6.24  ? 5   SER A O    1 
ATOM 55   C CB   . SER A 1 5   ? -20.612 -14.456 -11.340 1.00 7.05  ? 5   SER A CB   1 
ATOM 56   O OG   . SER A 1 5   ? -20.002 -15.427 -12.183 1.00 7.16  ? 5   SER A OG   1 
ATOM 57   H H    . SER A 1 5   ? -21.859 -14.445 -13.649 1.00 7.52  ? 5   SER A H    1 
ATOM 58   H HA   . SER A 1 5   ? -22.571 -15.221 -10.910 1.00 7.35  ? 5   SER A HA   1 
ATOM 59   H HB2  . SER A 1 5   ? -20.226 -13.481 -11.596 1.00 7.23  ? 5   SER A HB2  1 
ATOM 60   H HB3  . SER A 1 5   ? -20.393 -14.673 -10.306 1.00 7.19  ? 5   SER A HB3  1 
ATOM 61   H HG   . SER A 1 5   ? -19.471 -14.959 -12.833 1.00 7.22  ? 5   SER A HG   1 
ATOM 62   N N    . PRO A 1 6   ? -23.384 -13.014 -10.084 1.00 6.53  ? 6   PRO A N    1 
ATOM 63   C CA   . PRO A 1 6   ? -24.059 -11.767 -9.608  1.00 6.37  ? 6   PRO A CA   1 
ATOM 64   C C    . PRO A 1 6   ? -23.126 -10.729 -8.990  1.00 5.91  ? 6   PRO A C    1 
ATOM 65   O O    . PRO A 1 6   ? -23.454 -10.162 -7.945  1.00 5.98  ? 6   PRO A O    1 
ATOM 66   C CB   . PRO A 1 6   ? -25.046 -12.255 -8.538  1.00 6.99  ? 6   PRO A CB   1 
ATOM 67   C CG   . PRO A 1 6   ? -24.892 -13.746 -8.450  1.00 7.44  ? 6   PRO A CG   1 
ATOM 68   C CD   . PRO A 1 6   ? -23.579 -14.114 -9.146  1.00 7.18  ? 6   PRO A CD   1 
ATOM 69   H HA   . PRO A 1 6   ? -24.619 -11.321 -10.412 1.00 6.53  ? 6   PRO A HA   1 
ATOM 70   H HB2  . PRO A 1 6   ? -24.811 -11.798 -7.583  1.00 6.96  ? 6   PRO A HB2  1 
ATOM 71   H HB3  . PRO A 1 6   ? -26.054 -12.005 -8.824  1.00 7.39  ? 6   PRO A HB3  1 
ATOM 72   H HG2  . PRO A 1 6   ? -24.865 -14.051 -7.412  1.00 7.72  ? 6   PRO A HG2  1 
ATOM 73   H HG3  . PRO A 1 6   ? -25.715 -14.226 -8.955  1.00 7.93  ? 6   PRO A HG3  1 
ATOM 74   H HD2  . PRO A 1 6   ? -22.763 -14.155 -8.434  1.00 7.37  ? 6   PRO A HD2  1 
ATOM 75   H HD3  . PRO A 1 6   ? -23.670 -15.049 -9.681  1.00 7.55  ? 6   PRO A HD3  1 
ATOM 76   N N    . GLN A 1 7   ? -21.991 -10.442 -9.611  1.00 5.77  ? 7   GLN A N    1 
ATOM 77   C CA   . GLN A 1 7   ? -21.124 -9.434  -9.020  1.00 5.59  ? 7   GLN A CA   1 
ATOM 78   C C    . GLN A 1 7   ? -19.666 -9.558  -9.411  1.00 4.70  ? 7   GLN A C    1 
ATOM 79   O O    . GLN A 1 7   ? -19.039 -10.607 -9.246  1.00 4.85  ? 7   GLN A O    1 
ATOM 80   C CB   . GLN A 1 7   ? -21.213 -9.527  -7.498  1.00 6.28  ? 7   GLN A CB   1 
ATOM 81   C CG   . GLN A 1 7   ? -21.324 -8.120  -6.913  1.00 7.21  ? 7   GLN A CG   1 
ATOM 82   C CD   . GLN A 1 7   ? -21.933 -7.168  -7.935  1.00 8.08  ? 7   GLN A CD   1 
ATOM 83   O OE1  . GLN A 1 7   ? -22.244 -7.568  -9.059  1.00 8.40  ? 7   GLN A OE1  1 
ATOM 84   N NE2  . GLN A 1 7   ? -22.124 -5.923  -7.601  1.00 8.73  ? 7   GLN A NE2  1 
ATOM 85   H H    . GLN A 1 7   ? -21.752 -10.885 -10.452 1.00 6.00  ? 7   GLN A H    1 
ATOM 86   H HA   . GLN A 1 7   ? -21.476 -8.460  -9.316  1.00 5.92  ? 7   GLN A HA   1 
ATOM 87   H HB2  . GLN A 1 7   ? -22.081 -10.109 -7.219  1.00 6.49  ? 7   GLN A HB2  1 
ATOM 88   H HB3  . GLN A 1 7   ? -20.321 -10.004 -7.111  1.00 6.24  ? 7   GLN A HB3  1 
ATOM 89   H HG2  . GLN A 1 7   ? -21.946 -8.142  -6.034  1.00 7.32  ? 7   GLN A HG2  1 
ATOM 90   H HG3  . GLN A 1 7   ? -20.338 -7.767  -6.646  1.00 7.41  ? 7   GLN A HG3  1 
ATOM 91   H HE21 . GLN A 1 7   ? -21.878 -5.615  -6.702  1.00 8.68  ? 7   GLN A HE21 1 
ATOM 92   H HE22 . GLN A 1 7   ? -22.500 -5.293  -8.251  1.00 9.40  ? 7   GLN A HE22 1 
ATOM 93   N N    . ALA A 1 8   ? -19.110 -8.434  -9.833  1.00 4.14  ? 8   ALA A N    1 
ATOM 94   C CA   . ALA A 1 8   ? -17.700 -8.361  -10.141 1.00 3.53  ? 8   ALA A CA   1 
ATOM 95   C C    . ALA A 1 8   ? -17.013 -8.014  -8.833  1.00 2.91  ? 8   ALA A C    1 
ATOM 96   O O    . ALA A 1 8   ? -17.205 -6.918  -8.297  1.00 2.85  ? 8   ALA A O    1 
ATOM 97   C CB   . ALA A 1 8   ? -17.431 -7.290  -11.203 1.00 3.99  ? 8   ALA A CB   1 
ATOM 98   H H    . ALA A 1 8   ? -19.651 -7.619  -9.869  1.00 4.42  ? 8   ALA A H    1 
ATOM 99   H HA   . ALA A 1 8   ? -17.351 -9.322  -10.490 1.00 3.59  ? 8   ALA A HA   1 
ATOM 100  H HB1  . ALA A 1 8   ? -18.112 -6.462  -11.062 1.00 4.23  ? 8   ALA A HB1  1 
ATOM 101  H HB2  . ALA A 1 8   ? -17.587 -7.714  -12.185 1.00 4.18  ? 8   ALA A HB2  1 
ATOM 102  H HB3  . ALA A 1 8   ? -16.413 -6.938  -11.122 1.00 4.41  ? 8   ALA A HB3  1 
ATOM 103  N N    . LEU A 1 9   ? -16.274 -8.959  -8.277  1.00 2.61  ? 9   LEU A N    1 
ATOM 104  C CA   . LEU A 1 9   ? -15.651 -8.724  -6.986  1.00 2.14  ? 9   LEU A CA   1 
ATOM 105  C C    . LEU A 1 9   ? -14.604 -7.640  -7.090  1.00 1.68  ? 9   LEU A C    1 
ATOM 106  O O    . LEU A 1 9   ? -13.899 -7.527  -8.092  1.00 1.71  ? 9   LEU A O    1 
ATOM 107  C CB   . LEU A 1 9   ? -15.003 -10.005 -6.457  1.00 2.33  ? 9   LEU A CB   1 
ATOM 108  C CG   . LEU A 1 9   ? -14.177 -10.659 -7.567  1.00 2.58  ? 9   LEU A CG   1 
ATOM 109  C CD1  . LEU A 1 9   ? -12.878 -11.222 -6.982  1.00 3.03  ? 9   LEU A CD1  1 
ATOM 110  C CD2  . LEU A 1 9   ? -14.980 -11.794 -8.209  1.00 3.27  ? 9   LEU A CD2  1 
ATOM 111  H H    . LEU A 1 9   ? -16.188 -9.834  -8.710  1.00 2.83  ? 9   LEU A H    1 
ATOM 112  H HA   . LEU A 1 9   ? -16.412 -8.408  -6.289  1.00 2.22  ? 9   LEU A HA   1 
ATOM 113  H HB2  . LEU A 1 9   ? -14.357 -9.758  -5.624  1.00 2.18  ? 9   LEU A HB2  1 
ATOM 114  H HB3  . LEU A 1 9   ? -15.770 -10.688 -6.127  1.00 2.68  ? 9   LEU A HB3  1 
ATOM 115  H HG   . LEU A 1 9   ? -13.937 -9.918  -8.317  1.00 2.55  ? 9   LEU A HG   1 
ATOM 116  H HD11 . LEU A 1 9   ? -13.102 -11.816 -6.108  1.00 3.32  ? 9   LEU A HD11 1 
ATOM 117  H HD12 . LEU A 1 9   ? -12.225 -10.407 -6.705  1.00 3.30  ? 9   LEU A HD12 1 
ATOM 118  H HD13 . LEU A 1 9   ? -12.389 -11.839 -7.721  1.00 3.46  ? 9   LEU A HD13 1 
ATOM 119  H HD21 . LEU A 1 9   ? -14.559 -12.029 -9.176  1.00 3.81  ? 9   LEU A HD21 1 
ATOM 120  H HD22 . LEU A 1 9   ? -16.008 -11.485 -8.330  1.00 3.35  ? 9   LEU A HD22 1 
ATOM 121  H HD23 . LEU A 1 9   ? -14.938 -12.669 -7.577  1.00 3.67  ? 9   LEU A HD23 1 
ATOM 122  N N    . ALA A 1 10  ? -14.520 -6.836  -6.046  1.00 1.36  ? 10  ALA A N    1 
ATOM 123  C CA   . ALA A 1 10  ? -13.569 -5.750  -6.020  1.00 1.02  ? 10  ALA A CA   1 
ATOM 124  C C    . ALA A 1 10  ? -12.162 -6.303  -6.162  1.00 0.81  ? 10  ALA A C    1 
ATOM 125  O O    . ALA A 1 10  ? -11.857 -7.386  -5.664  1.00 0.97  ? 10  ALA A O    1 
ATOM 126  C CB   . ALA A 1 10  ? -13.697 -4.984  -4.706  1.00 0.93  ? 10  ALA A CB   1 
ATOM 127  H H    . ALA A 1 10  ? -15.117 -6.976  -5.280  1.00 1.44  ? 10  ALA A H    1 
ATOM 128  H HA   . ALA A 1 10  ? -13.772 -5.081  -6.841  1.00 1.21  ? 10  ALA A HA   1 
ATOM 129  H HB1  . ALA A 1 10  ? -13.428 -3.952  -4.865  1.00 1.41  ? 10  ALA A HB1  1 
ATOM 130  H HB2  . ALA A 1 10  ? -13.034 -5.421  -3.971  1.00 1.35  ? 10  ALA A HB2  1 
ATOM 131  H HB3  . ALA A 1 10  ? -14.714 -5.044  -4.353  1.00 1.40  ? 10  ALA A HB3  1 
ATOM 132  N N    . GLN A 1 11  ? -11.310 -5.560  -6.846  1.00 0.71  ? 11  GLN A N    1 
ATOM 133  C CA   . GLN A 1 11  ? -9.945  -6.004  -7.047  1.00 0.68  ? 11  GLN A CA   1 
ATOM 134  C C    . GLN A 1 11  ? -9.145  -5.751  -5.786  1.00 0.53  ? 11  GLN A C    1 
ATOM 135  O O    . GLN A 1 11  ? -9.153  -4.646  -5.242  1.00 0.51  ? 11  GLN A O    1 
ATOM 136  C CB   . GLN A 1 11  ? -9.322  -5.251  -8.221  1.00 0.83  ? 11  GLN A CB   1 
ATOM 137  C CG   . GLN A 1 11  ? -10.372 -5.090  -9.318  1.00 0.83  ? 11  GLN A CG   1 
ATOM 138  C CD   . GLN A 1 11  ? -9.910  -5.782  -10.595 1.00 1.23  ? 11  GLN A CD   1 
ATOM 139  O OE1  . GLN A 1 11  ? -10.733 -6.291  -11.356 1.00 1.81  ? 11  GLN A OE1  1 
ATOM 140  N NE2  . GLN A 1 11  ? -8.637  -5.835  -10.875 1.00 1.57  ? 11  GLN A NE2  1 
ATOM 141  H H    . GLN A 1 11  ? -11.607 -4.706  -7.229  1.00 0.87  ? 11  GLN A H    1 
ATOM 142  H HA   . GLN A 1 11  ? -9.944  -7.061  -7.264  1.00 0.80  ? 11  GLN A HA   1 
ATOM 143  H HB2  . GLN A 1 11  ? -8.985  -4.278  -7.891  1.00 0.91  ? 11  GLN A HB2  1 
ATOM 144  H HB3  . GLN A 1 11  ? -8.485  -5.813  -8.606  1.00 1.02  ? 11  GLN A HB3  1 
ATOM 145  H HG2  . GLN A 1 11  ? -11.302 -5.531  -8.987  1.00 1.23  ? 11  GLN A HG2  1 
ATOM 146  H HG3  . GLN A 1 11  ? -10.527 -4.039  -9.516  1.00 1.16  ? 11  GLN A HG3  1 
ATOM 147  H HE21 . GLN A 1 11  ? -7.983  -5.434  -10.266 1.00 1.45  ? 11  GLN A HE21 1 
ATOM 148  H HE22 . GLN A 1 11  ? -8.335  -6.277  -11.697 1.00 2.18  ? 11  GLN A HE22 1 
ATOM 149  N N    . PRO A 1 12  ? -8.473  -6.753  -5.303  1.00 0.51  ? 12  PRO A N    1 
ATOM 150  C CA   . PRO A 1 12  ? -7.667  -6.644  -4.069  1.00 0.41  ? 12  PRO A CA   1 
ATOM 151  C C    . PRO A 1 12  ? -6.930  -5.317  -4.011  1.00 0.35  ? 12  PRO A C    1 
ATOM 152  O O    . PRO A 1 12  ? -6.505  -4.788  -5.038  1.00 0.38  ? 12  PRO A O    1 
ATOM 153  C CB   . PRO A 1 12  ? -6.698  -7.835  -4.144  1.00 0.46  ? 12  PRO A CB   1 
ATOM 154  C CG   . PRO A 1 12  ? -7.013  -8.569  -5.418  1.00 0.57  ? 12  PRO A CG   1 
ATOM 155  C CD   . PRO A 1 12  ? -8.388  -8.093  -5.879  1.00 0.64  ? 12  PRO A CD   1 
ATOM 156  H HA   . PRO A 1 12  ? -8.303  -6.753  -3.206  1.00 0.41  ? 12  PRO A HA   1 
ATOM 157  H HB2  . PRO A 1 12  ? -5.677  -7.481  -4.160  1.00 0.46  ? 12  PRO A HB2  1 
ATOM 158  H HB3  . PRO A 1 12  ? -6.851  -8.490  -3.299  1.00 0.48  ? 12  PRO A HB3  1 
ATOM 159  H HG2  . PRO A 1 12  ? -6.267  -8.339  -6.168  1.00 0.62  ? 12  PRO A HG2  1 
ATOM 160  H HG3  . PRO A 1 12  ? -7.039  -9.631  -5.236  1.00 0.64  ? 12  PRO A HG3  1 
ATOM 161  H HD2  . PRO A 1 12  ? -8.438  -8.055  -6.959  1.00 0.76  ? 12  PRO A HD2  1 
ATOM 162  H HD3  . PRO A 1 12  ? -9.167  -8.723  -5.478  1.00 0.75  ? 12  PRO A HD3  1 
ATOM 163  N N    . LEU A 1 13  ? -6.792  -4.770  -2.812  1.00 0.30  ? 13  LEU A N    1 
ATOM 164  C CA   . LEU A 1 13  ? -6.116  -3.496  -2.659  1.00 0.26  ? 13  LEU A CA   1 
ATOM 165  C C    . LEU A 1 13  ? -4.669  -3.628  -3.108  1.00 0.22  ? 13  LEU A C    1 
ATOM 166  O O    . LEU A 1 13  ? -3.936  -4.497  -2.633  1.00 0.22  ? 13  LEU A O    1 
ATOM 167  C CB   . LEU A 1 13  ? -6.178  -3.038  -1.201  1.00 0.25  ? 13  LEU A CB   1 
ATOM 168  C CG   . LEU A 1 13  ? -5.703  -1.591  -1.106  1.00 0.25  ? 13  LEU A CG   1 
ATOM 169  C CD1  . LEU A 1 13  ? -5.789  -1.121  0.347   1.00 0.28  ? 13  LEU A CD1  1 
ATOM 170  C CD2  . LEU A 1 13  ? -4.255  -1.508  -1.593  1.00 0.23  ? 13  LEU A CD2  1 
ATOM 171  H H    . LEU A 1 13  ? -7.155  -5.224  -2.023  1.00 0.32  ? 13  LEU A H    1 
ATOM 172  H HA   . LEU A 1 13  ? -6.608  -2.762  -3.278  1.00 0.28  ? 13  LEU A HA   1 
ATOM 173  H HB2  . LEU A 1 13  ? -7.196  -3.108  -0.846  1.00 0.28  ? 13  LEU A HB2  1 
ATOM 174  H HB3  . LEU A 1 13  ? -5.541  -3.666  -0.597  1.00 0.24  ? 13  LEU A HB3  1 
ATOM 175  H HG   . LEU A 1 13  ? -6.330  -0.965  -1.724  1.00 0.28  ? 13  LEU A HG   1 
ATOM 176  H HD11 . LEU A 1 13  ? -5.030  -0.376  0.531   1.00 0.97  ? 13  LEU A HD11 1 
ATOM 177  H HD12 . LEU A 1 13  ? -5.635  -1.964  1.007   1.00 1.11  ? 13  LEU A HD12 1 
ATOM 178  H HD13 . LEU A 1 13  ? -6.765  -0.695  0.530   1.00 1.00  ? 13  LEU A HD13 1 
ATOM 179  H HD21 . LEU A 1 13  ? -4.242  -1.461  -2.672  1.00 1.04  ? 13  LEU A HD21 1 
ATOM 180  H HD22 . LEU A 1 13  ? -3.715  -2.383  -1.264  1.00 1.06  ? 13  LEU A HD22 1 
ATOM 181  H HD23 . LEU A 1 13  ? -3.788  -0.622  -1.188  1.00 1.02  ? 13  LEU A HD23 1 
ATOM 182  N N    . LEU A 1 14  ? -4.267  -2.773  -4.040  1.00 0.21  ? 14  LEU A N    1 
ATOM 183  C CA   . LEU A 1 14  ? -2.915  -2.817  -4.556  1.00 0.20  ? 14  LEU A CA   1 
ATOM 184  C C    . LEU A 1 14  ? -2.005  -1.939  -3.713  1.00 0.19  ? 14  LEU A C    1 
ATOM 185  O O    . LEU A 1 14  ? -2.032  -0.712  -3.810  1.00 0.19  ? 14  LEU A O    1 
ATOM 186  C CB   . LEU A 1 14  ? -2.902  -2.343  -6.009  1.00 0.24  ? 14  LEU A CB   1 
ATOM 187  C CG   . LEU A 1 14  ? -3.797  -3.256  -6.853  1.00 0.26  ? 14  LEU A CG   1 
ATOM 188  C CD1  . LEU A 1 14  ? -3.324  -3.239  -8.307  1.00 0.57  ? 14  LEU A CD1  1 
ATOM 189  C CD2  . LEU A 1 14  ? -3.723  -4.686  -6.313  1.00 0.49  ? 14  LEU A CD2  1 
ATOM 190  H H    . LEU A 1 14  ? -4.893  -2.109  -4.394  1.00 0.23  ? 14  LEU A H    1 
ATOM 191  H HA   . LEU A 1 14  ? -2.557  -3.833  -4.516  1.00 0.20  ? 14  LEU A HA   1 
ATOM 192  H HB2  . LEU A 1 14  ? -3.269  -1.328  -6.060  1.00 0.26  ? 14  LEU A HB2  1 
ATOM 193  H HB3  . LEU A 1 14  ? -1.896  -2.381  -6.386  1.00 0.29  ? 14  LEU A HB3  1 
ATOM 194  H HG   . LEU A 1 14  ? -4.816  -2.904  -6.803  1.00 0.46  ? 14  LEU A HG   1 
ATOM 195  H HD11 . LEU A 1 14  ? -3.867  -3.984  -8.870  1.00 1.11  ? 14  LEU A HD11 1 
ATOM 196  H HD12 . LEU A 1 14  ? -2.267  -3.461  -8.345  1.00 1.20  ? 14  LEU A HD12 1 
ATOM 197  H HD13 . LEU A 1 14  ? -3.503  -2.264  -8.734  1.00 1.26  ? 14  LEU A HD13 1 
ATOM 198  H HD21 . LEU A 1 14  ? -4.344  -5.331  -6.917  1.00 1.21  ? 14  LEU A HD21 1 
ATOM 199  H HD22 . LEU A 1 14  ? -4.074  -4.705  -5.291  1.00 1.15  ? 14  LEU A HD22 1 
ATOM 200  H HD23 . LEU A 1 14  ? -2.701  -5.033  -6.349  1.00 1.09  ? 14  LEU A HD23 1 
ATOM 201  N N    . LEU A 1 15  ? -1.202  -2.588  -2.884  1.00 0.18  ? 15  LEU A N    1 
ATOM 202  C CA   . LEU A 1 15  ? -0.281  -1.882  -2.014  1.00 0.18  ? 15  LEU A CA   1 
ATOM 203  C C    . LEU A 1 15  ? 1.144   -2.343  -2.288  1.00 0.17  ? 15  LEU A C    1 
ATOM 204  O O    . LEU A 1 15  ? 1.387   -3.528  -2.519  1.00 0.20  ? 15  LEU A O    1 
ATOM 205  C CB   . LEU A 1 15  ? -0.647  -2.156  -0.551  1.00 0.21  ? 15  LEU A CB   1 
ATOM 206  C CG   . LEU A 1 15  ? 0.065   -1.154  0.356   1.00 0.22  ? 15  LEU A CG   1 
ATOM 207  C CD1  . LEU A 1 15  ? 1.573   -1.385  0.277   1.00 0.19  ? 15  LEU A CD1  1 
ATOM 208  C CD2  . LEU A 1 15  ? -0.259  0.269   -0.103  1.00 0.26  ? 15  LEU A CD2  1 
ATOM 209  H H    . LEU A 1 15  ? -1.234  -3.567  -2.855  1.00 0.19  ? 15  LEU A H    1 
ATOM 210  H HA   . LEU A 1 15  ? -0.353  -0.823  -2.203  1.00 0.19  ? 15  LEU A HA   1 
ATOM 211  H HB2  . LEU A 1 15  ? -1.715  -2.059  -0.424  1.00 0.24  ? 15  LEU A HB2  1 
ATOM 212  H HB3  . LEU A 1 15  ? -0.343  -3.157  -0.285  1.00 0.22  ? 15  LEU A HB3  1 
ATOM 213  H HG   . LEU A 1 15  ? -0.267  -1.291  1.375   1.00 0.26  ? 15  LEU A HG   1 
ATOM 214  H HD11 . LEU A 1 15  ? 2.060   -0.866  1.088   1.00 1.03  ? 15  LEU A HD11 1 
ATOM 215  H HD12 . LEU A 1 15  ? 1.945   -1.011  -0.666  1.00 1.04  ? 15  LEU A HD12 1 
ATOM 216  H HD13 . LEU A 1 15  ? 1.777   -2.443  0.350   1.00 0.99  ? 15  LEU A HD13 1 
ATOM 217  H HD21 . LEU A 1 15  ? -0.607  0.848   0.739   1.00 1.05  ? 15  LEU A HD21 1 
ATOM 218  H HD22 . LEU A 1 15  ? -1.027  0.238   -0.861  1.00 0.99  ? 15  LEU A HD22 1 
ATOM 219  H HD23 . LEU A 1 15  ? 0.630   0.727   -0.511  1.00 1.07  ? 15  LEU A HD23 1 
ATOM 220  N N    . GLN A 1 16  ? 2.081   -1.404  -2.275  1.00 0.17  ? 16  GLN A N    1 
ATOM 221  C CA   . GLN A 1 16  ? 3.474   -1.737  -2.538  1.00 0.19  ? 16  GLN A CA   1 
ATOM 222  C C    . GLN A 1 16  ? 4.392   -1.042  -1.542  1.00 0.17  ? 16  GLN A C    1 
ATOM 223  O O    . GLN A 1 16  ? 3.977   -0.122  -0.836  1.00 0.25  ? 16  GLN A O    1 
ATOM 224  C CB   . GLN A 1 16  ? 3.849   -1.323  -3.962  1.00 0.25  ? 16  GLN A CB   1 
ATOM 225  C CG   . GLN A 1 16  ? 3.339   -2.375  -4.947  1.00 0.29  ? 16  GLN A CG   1 
ATOM 226  C CD   . GLN A 1 16  ? 3.506   -1.875  -6.378  1.00 0.36  ? 16  GLN A CD   1 
ATOM 227  O OE1  . GLN A 1 16  ? 2.777   -2.304  -7.273  1.00 1.09  ? 16  GLN A OE1  1 
ATOM 228  N NE2  . GLN A 1 16  ? 4.426   -0.990  -6.648  1.00 1.25  ? 16  GLN A NE2  1 
ATOM 229  H H    . GLN A 1 16  ? 1.831   -0.473  -2.094  1.00 0.18  ? 16  GLN A H    1 
ATOM 230  H HA   . GLN A 1 16  ? 3.601   -2.805  -2.443  1.00 0.20  ? 16  GLN A HA   1 
ATOM 231  H HB2  . GLN A 1 16  ? 3.400   -0.366  -4.188  1.00 0.26  ? 16  GLN A HB2  1 
ATOM 232  H HB3  . GLN A 1 16  ? 4.923   -1.246  -4.043  1.00 0.29  ? 16  GLN A HB3  1 
ATOM 233  H HG2  . GLN A 1 16  ? 3.901   -3.288  -4.819  1.00 0.33  ? 16  GLN A HG2  1 
ATOM 234  H HG3  . GLN A 1 16  ? 2.294   -2.567  -4.755  1.00 0.28  ? 16  GLN A HG3  1 
ATOM 235  H HE21 . GLN A 1 16  ? 5.004   -0.650  -5.934  1.00 2.06  ? 16  GLN A HE21 1 
ATOM 236  H HE22 . GLN A 1 16  ? 4.539   -0.664  -7.566  1.00 1.27  ? 16  GLN A HE22 1 
ATOM 237  N N    . LEU A 1 17  ? 5.637   -1.497  -1.486  1.00 0.16  ? 17  LEU A N    1 
ATOM 238  C CA   . LEU A 1 17  ? 6.609   -0.922  -0.567  1.00 0.15  ? 17  LEU A CA   1 
ATOM 239  C C    . LEU A 1 17  ? 8.002   -0.923  -1.189  1.00 0.15  ? 17  LEU A C    1 
ATOM 240  O O    . LEU A 1 17  ? 8.500   -1.964  -1.620  1.00 0.17  ? 17  LEU A O    1 
ATOM 241  C CB   . LEU A 1 17  ? 6.626   -1.731  0.732   1.00 0.15  ? 17  LEU A CB   1 
ATOM 242  C CG   . LEU A 1 17  ? 7.605   -1.099  1.722   1.00 0.16  ? 17  LEU A CG   1 
ATOM 243  C CD1  . LEU A 1 17  ? 6.980   0.160   2.324   1.00 0.18  ? 17  LEU A CD1  1 
ATOM 244  C CD2  . LEU A 1 17  ? 7.912   -2.099  2.838   1.00 0.19  ? 17  LEU A CD2  1 
ATOM 245  H H    . LEU A 1 17  ? 5.905   -2.237  -2.070  1.00 0.24  ? 17  LEU A H    1 
ATOM 246  H HA   . LEU A 1 17  ? 6.324   0.094   -0.342  1.00 0.15  ? 17  LEU A HA   1 
ATOM 247  H HB2  . LEU A 1 17  ? 5.635   -1.741  1.161   1.00 0.18  ? 17  LEU A HB2  1 
ATOM 248  H HB3  . LEU A 1 17  ? 6.936   -2.744  0.520   1.00 0.17  ? 17  LEU A HB3  1 
ATOM 249  H HG   . LEU A 1 17  ? 8.518   -0.837  1.208   1.00 0.18  ? 17  LEU A HG   1 
ATOM 250  H HD11 . LEU A 1 17  ? 7.038   0.968   1.611   1.00 1.01  ? 17  LEU A HD11 1 
ATOM 251  H HD12 . LEU A 1 17  ? 7.515   0.432   3.222   1.00 1.03  ? 17  LEU A HD12 1 
ATOM 252  H HD13 . LEU A 1 17  ? 5.945   -0.033  2.567   1.00 1.04  ? 17  LEU A HD13 1 
ATOM 253  H HD21 . LEU A 1 17  ? 7.474   -1.753  3.764   1.00 0.99  ? 17  LEU A HD21 1 
ATOM 254  H HD22 . LEU A 1 17  ? 8.982   -2.190  2.958   1.00 1.09  ? 17  LEU A HD22 1 
ATOM 255  H HD23 . LEU A 1 17  ? 7.496   -3.063  2.584   1.00 1.03  ? 17  LEU A HD23 1 
ATOM 256  N N    . PHE A 1 18  ? 8.628   0.249   -1.226  1.00 0.16  ? 18  PHE A N    1 
ATOM 257  C CA   . PHE A 1 18  ? 9.966   0.371   -1.791  1.00 0.19  ? 18  PHE A CA   1 
ATOM 258  C C    . PHE A 1 18  ? 11.008  0.256   -0.685  1.00 0.17  ? 18  PHE A C    1 
ATOM 259  O O    . PHE A 1 18  ? 10.999  1.032   0.270   1.00 0.19  ? 18  PHE A O    1 
ATOM 260  C CB   . PHE A 1 18  ? 10.117  1.720   -2.498  1.00 0.27  ? 18  PHE A CB   1 
ATOM 261  C CG   . PHE A 1 18  ? 9.418   1.673   -3.835  1.00 0.35  ? 18  PHE A CG   1 
ATOM 262  C CD1  . PHE A 1 18  ? 8.056   1.988   -3.924  1.00 0.60  ? 18  PHE A CD1  1 
ATOM 263  C CD2  . PHE A 1 18  ? 10.131  1.319   -4.987  1.00 0.37  ? 18  PHE A CD2  1 
ATOM 264  C CE1  . PHE A 1 18  ? 7.408   1.947   -5.164  1.00 0.70  ? 18  PHE A CE1  1 
ATOM 265  C CE2  . PHE A 1 18  ? 9.482   1.277   -6.227  1.00 0.44  ? 18  PHE A CE2  1 
ATOM 266  C CZ   . PHE A 1 18  ? 8.121   1.594   -6.316  1.00 0.56  ? 18  PHE A CZ   1 
ATOM 267  H H    . PHE A 1 18  ? 8.183   1.043   -0.864  1.00 0.18  ? 18  PHE A H    1 
ATOM 268  H HA   . PHE A 1 18  ? 10.122  -0.422  -2.508  1.00 0.21  ? 18  PHE A HA   1 
ATOM 269  H HB2  . PHE A 1 18  ? 9.677   2.495   -1.889  1.00 0.30  ? 18  PHE A HB2  1 
ATOM 270  H HB3  . PHE A 1 18  ? 11.165  1.932   -2.649  1.00 0.28  ? 18  PHE A HB3  1 
ATOM 271  H HD1  . PHE A 1 18  ? 7.506   2.261   -3.035  1.00 0.76  ? 18  PHE A HD1  1 
ATOM 272  H HD2  . PHE A 1 18  ? 11.180  1.076   -4.918  1.00 0.48  ? 18  PHE A HD2  1 
ATOM 273  H HE1  . PHE A 1 18  ? 6.357   2.190   -5.232  1.00 0.93  ? 18  PHE A HE1  1 
ATOM 274  H HE2  . PHE A 1 18  ? 10.034  1.003   -7.117  1.00 0.54  ? 18  PHE A HE2  1 
ATOM 275  H HZ   . PHE A 1 18  ? 7.621   1.562   -7.273  1.00 0.65  ? 18  PHE A HZ   1 
ATOM 276  N N    . VAL A 1 19  ? 11.897  -0.723  -0.812  1.00 0.16  ? 19  VAL A N    1 
ATOM 277  C CA   . VAL A 1 19  ? 12.928  -0.929  0.197   1.00 0.16  ? 19  VAL A CA   1 
ATOM 278  C C    . VAL A 1 19  ? 14.300  -1.096  -0.447  1.00 0.19  ? 19  VAL A C    1 
ATOM 279  O O    . VAL A 1 19  ? 14.411  -1.372  -1.643  1.00 0.22  ? 19  VAL A O    1 
ATOM 280  C CB   . VAL A 1 19  ? 12.599  -2.172  1.025   1.00 0.17  ? 19  VAL A CB   1 
ATOM 281  C CG1  . VAL A 1 19  ? 11.145  -2.104  1.496   1.00 0.19  ? 19  VAL A CG1  1 
ATOM 282  C CG2  . VAL A 1 19  ? 12.795  -3.422  0.162   1.00 0.20  ? 19  VAL A CG2  1 
ATOM 283  H H    . VAL A 1 19  ? 11.853  -1.319  -1.589  1.00 0.18  ? 19  VAL A H    1 
ATOM 284  H HA   . VAL A 1 19  ? 12.952  -0.072  0.853   1.00 0.19  ? 19  VAL A HA   1 
ATOM 285  H HB   . VAL A 1 19  ? 13.254  -2.218  1.883   1.00 0.20  ? 19  VAL A HB   1 
ATOM 286  H HG11 . VAL A 1 19  ? 10.676  -3.066  1.353   1.00 1.07  ? 19  VAL A HG11 1 
ATOM 287  H HG12 . VAL A 1 19  ? 10.616  -1.356  0.923   1.00 1.03  ? 19  VAL A HG12 1 
ATOM 288  H HG13 . VAL A 1 19  ? 11.118  -1.842  2.543   1.00 0.99  ? 19  VAL A HG13 1 
ATOM 289  H HG21 . VAL A 1 19  ? 12.946  -3.130  -0.866  1.00 1.05  ? 19  VAL A HG21 1 
ATOM 290  H HG22 . VAL A 1 19  ? 11.918  -4.049  0.234   1.00 1.04  ? 19  VAL A HG22 1 
ATOM 291  H HG23 . VAL A 1 19  ? 13.657  -3.969  0.512   1.00 1.02  ? 19  VAL A HG23 1 
ATOM 292  N N    . ASP A 1 20  ? 15.340  -0.933  0.365   1.00 0.22  ? 20  ASP A N    1 
ATOM 293  C CA   . ASP A 1 20  ? 16.709  -1.073  -0.115  1.00 0.26  ? 20  ASP A CA   1 
ATOM 294  C C    . ASP A 1 20  ? 17.334  -2.346  0.448   1.00 0.24  ? 20  ASP A C    1 
ATOM 295  O O    . ASP A 1 20  ? 18.550  -2.434  0.614   1.00 0.31  ? 20  ASP A O    1 
ATOM 296  C CB   . ASP A 1 20  ? 17.540  0.139   0.311   1.00 0.35  ? 20  ASP A CB   1 
ATOM 297  C CG   . ASP A 1 20  ? 17.633  0.197   1.832   1.00 0.43  ? 20  ASP A CG   1 
ATOM 298  O OD1  . ASP A 1 20  ? 16.597  0.119   2.473   1.00 1.20  ? 20  ASP A OD1  1 
ATOM 299  O OD2  . ASP A 1 20  ? 18.738  0.316   2.333   1.00 1.15  ? 20  ASP A OD2  1 
ATOM 300  H H    . ASP A 1 20  ? 15.183  -0.719  1.308   1.00 0.23  ? 20  ASP A H    1 
ATOM 301  H HA   . ASP A 1 20  ? 16.701  -1.131  -1.193  1.00 0.33  ? 20  ASP A HA   1 
ATOM 302  H HB2  . ASP A 1 20  ? 18.532  0.058   -0.108  1.00 0.38  ? 20  ASP A HB2  1 
ATOM 303  H HB3  . ASP A 1 20  ? 17.070  1.041   -0.052  1.00 0.47  ? 20  ASP A HB3  1 
ATOM 304  N N    . THR A 1 21  ? 16.489  -3.330  0.742   1.00 0.29  ? 21  THR A N    1 
ATOM 305  C CA   . THR A 1 21  ? 16.959  -4.598  1.289   1.00 0.34  ? 21  THR A CA   1 
ATOM 306  C C    . THR A 1 21  ? 17.442  -4.427  2.729   1.00 0.29  ? 21  THR A C    1 
ATOM 307  O O    . THR A 1 21  ? 17.933  -5.375  3.343   1.00 0.34  ? 21  THR A O    1 
ATOM 308  C CB   . THR A 1 21  ? 18.102  -5.143  0.430   1.00 0.43  ? 21  THR A CB   1 
ATOM 309  O OG1  . THR A 1 21  ? 19.302  -4.451  0.747   1.00 0.41  ? 21  THR A OG1  1 
ATOM 310  C CG2  . THR A 1 21  ? 17.771  -4.943  -1.050  1.00 0.49  ? 21  THR A CG2  1 
ATOM 311  H H    . THR A 1 21  ? 15.529  -3.200  0.590   1.00 0.38  ? 21  THR A H    1 
ATOM 312  H HA   . THR A 1 21  ? 16.146  -5.308  1.275   1.00 0.40  ? 21  THR A HA   1 
ATOM 313  H HB   . THR A 1 21  ? 18.230  -6.196  0.627   1.00 0.54  ? 21  THR A HB   1 
ATOM 314  H HG1  . THR A 1 21  ? 19.151  -3.514  0.604   1.00 1.02  ? 21  THR A HG1  1 
ATOM 315  H HG21 . THR A 1 21  ? 18.657  -5.112  -1.643  1.00 1.15  ? 21  THR A HG21 1 
ATOM 316  H HG22 . THR A 1 21  ? 17.418  -3.935  -1.207  1.00 1.07  ? 21  THR A HG22 1 
ATOM 317  H HG23 . THR A 1 21  ? 17.002  -5.643  -1.344  1.00 1.19  ? 21  THR A HG23 1 
ATOM 318  N N    . ARG A 1 22  ? 17.296  -3.218  3.264   1.00 0.24  ? 22  ARG A N    1 
ATOM 319  C CA   . ARG A 1 22  ? 17.720  -2.945  4.634   1.00 0.26  ? 22  ARG A CA   1 
ATOM 320  C C    . ARG A 1 22  ? 16.751  -3.572  5.634   1.00 0.25  ? 22  ARG A C    1 
ATOM 321  O O    . ARG A 1 22  ? 15.533  -3.510  5.459   1.00 0.22  ? 22  ARG A O    1 
ATOM 322  C CB   . ARG A 1 22  ? 17.801  -1.435  4.868   1.00 0.30  ? 22  ARG A CB   1 
ATOM 323  C CG   . ARG A 1 22  ? 16.390  -0.851  4.941   1.00 0.36  ? 22  ARG A CG   1 
ATOM 324  C CD   . ARG A 1 22  ? 16.449  0.661   4.712   1.00 0.72  ? 22  ARG A CD   1 
ATOM 325  N NE   . ARG A 1 22  ? 16.781  1.343   5.957   1.00 1.36  ? 22  ARG A NE   1 
ATOM 326  C CZ   . ARG A 1 22  ? 17.269  2.578   5.955   1.00 1.87  ? 22  ARG A CZ   1 
ATOM 327  N NH1  . ARG A 1 22  ? 16.523  3.573   5.565   1.00 2.46  ? 22  ARG A NH1  1 
ATOM 328  N NH2  . ARG A 1 22  ? 18.495  2.796   6.341   1.00 2.24  ? 22  ARG A NH2  1 
ATOM 329  H H    . ARG A 1 22  ? 16.896  -2.501  2.731   1.00 0.24  ? 22  ARG A H    1 
ATOM 330  H HA   . ARG A 1 22  ? 18.700  -3.372  4.786   1.00 0.31  ? 22  ARG A HA   1 
ATOM 331  H HB2  . ARG A 1 22  ? 18.319  -1.244  5.796   1.00 0.40  ? 22  ARG A HB2  1 
ATOM 332  H HB3  . ARG A 1 22  ? 18.338  -0.973  4.054   1.00 0.31  ? 22  ARG A HB3  1 
ATOM 333  H HG2  . ARG A 1 22  ? 15.770  -1.307  4.182   1.00 0.54  ? 22  ARG A HG2  1 
ATOM 334  H HG3  . ARG A 1 22  ? 15.970  -1.047  5.915   1.00 0.67  ? 22  ARG A HG3  1 
ATOM 335  H HD2  . ARG A 1 22  ? 17.202  0.881   3.972   1.00 1.29  ? 22  ARG A HD2  1 
ATOM 336  H HD3  . ARG A 1 22  ? 15.488  1.005   4.357   1.00 1.32  ? 22  ARG A HD3  1 
ATOM 337  H HE   . ARG A 1 22  ? 16.643  0.882   6.811   1.00 1.92  ? 22  ARG A HE   1 
ATOM 338  H HH11 . ARG A 1 22  ? 15.584  3.407   5.267   1.00 2.62  ? 22  ARG A HH11 1 
ATOM 339  H HH12 . ARG A 1 22  ? 16.892  4.502   5.564   1.00 2.97  ? 22  ARG A HH12 1 
ATOM 340  H HH21 . ARG A 1 22  ? 19.068  2.034   6.641   1.00 2.31  ? 22  ARG A HH21 1 
ATOM 341  H HH22 . ARG A 1 22  ? 18.862  3.727   6.338   1.00 2.75  ? 22  ARG A HH22 1 
ATOM 342  N N    . PRO A 1 23  ? 17.275  -4.175  6.667   1.00 0.29  ? 23  PRO A N    1 
ATOM 343  C CA   . PRO A 1 23  ? 16.461  -4.839  7.723   1.00 0.30  ? 23  PRO A CA   1 
ATOM 344  C C    . PRO A 1 23  ? 15.303  -3.963  8.191   1.00 0.25  ? 23  PRO A C    1 
ATOM 345  O O    . PRO A 1 23  ? 14.202  -4.455  8.437   1.00 0.23  ? 23  PRO A O    1 
ATOM 346  C CB   . PRO A 1 23  ? 17.446  -5.088  8.874   1.00 0.37  ? 23  PRO A CB   1 
ATOM 347  C CG   . PRO A 1 23  ? 18.777  -4.551  8.440   1.00 0.40  ? 23  PRO A CG   1 
ATOM 348  C CD   . PRO A 1 23  ? 18.706  -4.289  6.935   1.00 0.34  ? 23  PRO A CD   1 
ATOM 349  H HA   . PRO A 1 23  ? 16.087  -5.783  7.362   1.00 0.31  ? 23  PRO A HA   1 
ATOM 350  H HB2  . PRO A 1 23  ? 17.111  -4.572  9.763   1.00 0.37  ? 23  PRO A HB2  1 
ATOM 351  H HB3  . PRO A 1 23  ? 17.526  -6.147  9.069   1.00 0.41  ? 23  PRO A HB3  1 
ATOM 352  H HG2  . PRO A 1 23  ? 18.985  -3.630  8.967   1.00 0.42  ? 23  PRO A HG2  1 
ATOM 353  H HG3  . PRO A 1 23  ? 19.549  -5.276  8.645   1.00 0.46  ? 23  PRO A HG3  1 
ATOM 354  H HD2  . PRO A 1 23  ? 19.215  -3.369  6.689   1.00 0.34  ? 23  PRO A HD2  1 
ATOM 355  H HD3  . PRO A 1 23  ? 19.123  -5.117  6.385   1.00 0.36  ? 23  PRO A HD3  1 
ATOM 356  N N    . LEU A 1 24  ? 15.559  -2.665  8.312   1.00 0.26  ? 24  LEU A N    1 
ATOM 357  C CA   . LEU A 1 24  ? 14.526  -1.737  8.752   1.00 0.24  ? 24  LEU A CA   1 
ATOM 358  C C    . LEU A 1 24  ? 13.292  -1.868  7.866   1.00 0.19  ? 24  LEU A C    1 
ATOM 359  O O    . LEU A 1 24  ? 12.164  -1.898  8.357   1.00 0.19  ? 24  LEU A O    1 
ATOM 360  C CB   . LEU A 1 24  ? 15.050  -0.303  8.694   1.00 0.28  ? 24  LEU A CB   1 
ATOM 361  C CG   . LEU A 1 24  ? 14.026  0.639   9.322   1.00 0.31  ? 24  LEU A CG   1 
ATOM 362  C CD1  . LEU A 1 24  ? 14.174  0.615   10.845  1.00 0.35  ? 24  LEU A CD1  1 
ATOM 363  C CD2  . LEU A 1 24  ? 14.264  2.059   8.808   1.00 0.36  ? 24  LEU A CD2  1 
ATOM 364  H H    . LEU A 1 24  ? 16.455  -2.327  8.102   1.00 0.29  ? 24  LEU A H    1 
ATOM 365  H HA   . LEU A 1 24  ? 14.255  -1.970  9.774   1.00 0.25  ? 24  LEU A HA   1 
ATOM 366  H HB2  . LEU A 1 24  ? 15.982  -0.238  9.238   1.00 0.32  ? 24  LEU A HB2  1 
ATOM 367  H HB3  . LEU A 1 24  ? 15.214  -0.020  7.665   1.00 0.29  ? 24  LEU A HB3  1 
ATOM 368  H HG   . LEU A 1 24  ? 13.029  0.318   9.053   1.00 0.30  ? 24  LEU A HG   1 
ATOM 369  H HD11 . LEU A 1 24  ? 13.430  -0.042  11.269  1.00 1.13  ? 24  LEU A HD11 1 
ATOM 370  H HD12 . LEU A 1 24  ? 14.037  1.613   11.236  1.00 1.05  ? 24  LEU A HD12 1 
ATOM 371  H HD13 . LEU A 1 24  ? 15.160  0.259   11.105  1.00 1.05  ? 24  LEU A HD13 1 
ATOM 372  H HD21 . LEU A 1 24  ? 13.585  2.740   9.301   1.00 1.10  ? 24  LEU A HD21 1 
ATOM 373  H HD22 . LEU A 1 24  ? 14.092  2.086   7.742   1.00 0.99  ? 24  LEU A HD22 1 
ATOM 374  H HD23 . LEU A 1 24  ? 15.283  2.349   9.017   1.00 1.10  ? 24  LEU A HD23 1 
ATOM 375  N N    . SER A 1 25  ? 13.516  -1.967  6.558   1.00 0.19  ? 25  SER A N    1 
ATOM 376  C CA   . SER A 1 25  ? 12.415  -2.117  5.616   1.00 0.20  ? 25  SER A CA   1 
ATOM 377  C C    . SER A 1 25  ? 11.707  -3.435  5.891   1.00 0.19  ? 25  SER A C    1 
ATOM 378  O O    . SER A 1 25  ? 10.481  -3.485  5.996   1.00 0.20  ? 25  SER A O    1 
ATOM 379  C CB   . SER A 1 25  ? 12.937  -2.095  4.179   1.00 0.25  ? 25  SER A CB   1 
ATOM 380  O OG   . SER A 1 25  ? 14.358  -2.126  4.196   1.00 1.17  ? 25  SER A OG   1 
ATOM 381  H H    . SER A 1 25  ? 14.434  -1.949  6.225   1.00 0.21  ? 25  SER A H    1 
ATOM 382  H HA   . SER A 1 25  ? 11.717  -1.304  5.753   1.00 0.21  ? 25  SER A HA   1 
ATOM 383  H HB2  . SER A 1 25  ? 12.570  -2.957  3.647   1.00 1.02  ? 25  SER A HB2  1 
ATOM 384  H HB3  . SER A 1 25  ? 12.591  -1.197  3.686   1.00 1.00  ? 25  SER A HB3  1 
ATOM 385  H HG   . SER A 1 25  ? 14.668  -1.995  3.297   1.00 1.68  ? 25  SER A HG   1 
ATOM 386  N N    . GLN A 1 26  ? 12.494  -4.496  6.045   1.00 0.20  ? 26  GLN A N    1 
ATOM 387  C CA   . GLN A 1 26  ? 11.934  -5.802  6.356   1.00 0.22  ? 26  GLN A CA   1 
ATOM 388  C C    . GLN A 1 26  ? 11.284  -5.719  7.726   1.00 0.21  ? 26  GLN A C    1 
ATOM 389  O O    . GLN A 1 26  ? 10.326  -6.429  8.030   1.00 0.22  ? 26  GLN A O    1 
ATOM 390  C CB   . GLN A 1 26  ? 13.039  -6.863  6.363   1.00 0.27  ? 26  GLN A CB   1 
ATOM 391  C CG   . GLN A 1 26  ? 13.899  -6.710  5.109   1.00 0.30  ? 26  GLN A CG   1 
ATOM 392  C CD   . GLN A 1 26  ? 13.707  -7.915  4.195   1.00 1.34  ? 26  GLN A CD   1 
ATOM 393  O OE1  . GLN A 1 26  ? 13.642  -9.050  4.669   1.00 2.17  ? 26  GLN A OE1  1 
ATOM 394  N NE2  . GLN A 1 26  ? 13.609  -7.736  2.906   1.00 2.00  ? 26  GLN A NE2  1 
ATOM 395  H H    . GLN A 1 26  ? 13.466  -4.390  5.979   1.00 0.21  ? 26  GLN A H    1 
ATOM 396  H HA   . GLN A 1 26  ? 11.190  -6.061  5.617   1.00 0.24  ? 26  GLN A HA   1 
ATOM 397  H HB2  . GLN A 1 26  ? 13.656  -6.733  7.242   1.00 0.27  ? 26  GLN A HB2  1 
ATOM 398  H HB3  . GLN A 1 26  ? 12.595  -7.846  6.377   1.00 0.31  ? 26  GLN A HB3  1 
ATOM 399  H HG2  . GLN A 1 26  ? 13.610  -5.811  4.585   1.00 0.93  ? 26  GLN A HG2  1 
ATOM 400  H HG3  . GLN A 1 26  ? 14.939  -6.639  5.394   1.00 1.03  ? 26  GLN A HG3  1 
ATOM 401  H HE21 . GLN A 1 26  ? 13.660  -6.832  2.531   1.00 2.09  ? 26  GLN A HE21 1 
ATOM 402  H HE22 . GLN A 1 26  ? 13.484  -8.506  2.312   1.00 2.75  ? 26  GLN A HE22 1 
ATOM 403  N N    . HIS A 1 27  ? 11.818  -4.810  8.533   1.00 0.19  ? 27  HIS A N    1 
ATOM 404  C CA   . HIS A 1 27  ? 11.309  -4.566  9.873   1.00 0.19  ? 27  HIS A CA   1 
ATOM 405  C C    . HIS A 1 27  ? 9.937   -3.913  9.764   1.00 0.17  ? 27  HIS A C    1 
ATOM 406  O O    . HIS A 1 27  ? 8.939   -4.416  10.287  1.00 0.17  ? 27  HIS A O    1 
ATOM 407  C CB   . HIS A 1 27  ? 12.271  -3.620  10.593  1.00 0.22  ? 27  HIS A CB   1 
ATOM 408  C CG   . HIS A 1 27  ? 12.291  -3.908  12.065  1.00 0.26  ? 27  HIS A CG   1 
ATOM 409  N ND1  . HIS A 1 27  ? 11.177  -4.353  12.758  1.00 0.31  ? 27  HIS A ND1  1 
ATOM 410  C CD2  . HIS A 1 27  ? 13.298  -3.812  12.990  1.00 0.31  ? 27  HIS A CD2  1 
ATOM 411  C CE1  . HIS A 1 27  ? 11.538  -4.506  14.047  1.00 0.36  ? 27  HIS A CE1  1 
ATOM 412  N NE2  . HIS A 1 27  ? 12.822  -4.190  14.242  1.00 0.35  ? 27  HIS A NE2  1 
ATOM 413  H H    . HIS A 1 27  ? 12.568  -4.271  8.206   1.00 0.19  ? 27  HIS A H    1 
ATOM 414  H HA   . HIS A 1 27  ? 11.235  -5.495  10.415  1.00 0.22  ? 27  HIS A HA   1 
ATOM 415  H HB2  . HIS A 1 27  ? 13.265  -3.751  10.192  1.00 0.23  ? 27  HIS A HB2  1 
ATOM 416  H HB3  . HIS A 1 27  ? 11.954  -2.600  10.433  1.00 0.21  ? 27  HIS A HB3  1 
ATOM 417  H HD1  . HIS A 1 27  ? 10.289  -4.524  12.381  1.00 0.33  ? 27  HIS A HD1  1 
ATOM 418  H HD2  . HIS A 1 27  ? 14.308  -3.488  12.775  1.00 0.33  ? 27  HIS A HD2  1 
ATOM 419  H HE1  . HIS A 1 27  ? 10.872  -4.842  14.827  1.00 0.41  ? 27  HIS A HE1  1 
ATOM 420  N N    . ILE A 1 28  ? 9.905   -2.793  9.052   1.00 0.17  ? 28  ILE A N    1 
ATOM 421  C CA   . ILE A 1 28  ? 8.669   -2.063  8.837   1.00 0.18  ? 28  ILE A CA   1 
ATOM 422  C C    . ILE A 1 28  ? 7.697   -2.922  8.037   1.00 0.18  ? 28  ILE A C    1 
ATOM 423  O O    . ILE A 1 28  ? 6.483   -2.835  8.213   1.00 0.19  ? 28  ILE A O    1 
ATOM 424  C CB   . ILE A 1 28  ? 8.962   -0.767  8.082   1.00 0.21  ? 28  ILE A CB   1 
ATOM 425  C CG1  . ILE A 1 28  ? 9.706   0.202   9.005   1.00 0.24  ? 28  ILE A CG1  1 
ATOM 426  C CG2  . ILE A 1 28  ? 7.648   -0.129  7.628   1.00 0.25  ? 28  ILE A CG2  1 
ATOM 427  C CD1  . ILE A 1 28  ? 10.196  1.403   8.196   1.00 0.29  ? 28  ILE A CD1  1 
ATOM 428  H H    . ILE A 1 28  ? 10.734  -2.458  8.650   1.00 0.17  ? 28  ILE A H    1 
ATOM 429  H HA   . ILE A 1 28  ? 8.226   -1.823  9.793   1.00 0.20  ? 28  ILE A HA   1 
ATOM 430  H HB   . ILE A 1 28  ? 9.576   -0.985  7.218   1.00 0.21  ? 28  ILE A HB   1 
ATOM 431  H HG12 . ILE A 1 28  ? 9.040   0.538   9.786   1.00 0.26  ? 28  ILE A HG12 1 
ATOM 432  H HG13 . ILE A 1 28  ? 10.553  -0.303  9.446   1.00 0.24  ? 28  ILE A HG13 1 
ATOM 433  H HG21 . ILE A 1 28  ? 6.837   -0.504  8.236   1.00 0.97  ? 28  ILE A HG21 1 
ATOM 434  H HG22 . ILE A 1 28  ? 7.465   -0.378  6.592   1.00 1.07  ? 28  ILE A HG22 1 
ATOM 435  H HG23 . ILE A 1 28  ? 7.713   0.944   7.735   1.00 1.00  ? 28  ILE A HG23 1 
ATOM 436  H HD11 . ILE A 1 28  ? 9.350   1.996   7.883   1.00 1.05  ? 28  ILE A HD11 1 
ATOM 437  H HD12 . ILE A 1 28  ? 10.735  1.057   7.327   1.00 1.03  ? 28  ILE A HD12 1 
ATOM 438  H HD13 . ILE A 1 28  ? 10.851  2.007   8.808   1.00 1.11  ? 28  ILE A HD13 1 
ATOM 439  N N    . VAL A 1 29  ? 8.247   -3.761  7.162   1.00 0.18  ? 29  VAL A N    1 
ATOM 440  C CA   . VAL A 1 29  ? 7.422   -4.643  6.348   1.00 0.20  ? 29  VAL A CA   1 
ATOM 441  C C    . VAL A 1 29  ? 6.540   -5.494  7.250   1.00 0.21  ? 29  VAL A C    1 
ATOM 442  O O    . VAL A 1 29  ? 5.333   -5.603  7.033   1.00 0.23  ? 29  VAL A O    1 
ATOM 443  C CB   . VAL A 1 29  ? 8.307   -5.546  5.487   1.00 0.22  ? 29  VAL A CB   1 
ATOM 444  C CG1  . VAL A 1 29  ? 7.454   -6.647  4.856   1.00 0.26  ? 29  VAL A CG1  1 
ATOM 445  C CG2  . VAL A 1 29  ? 8.962   -4.712  4.384   1.00 0.23  ? 29  VAL A CG2  1 
ATOM 446  H H    . VAL A 1 29  ? 9.223   -3.792  7.071   1.00 0.18  ? 29  VAL A H    1 
ATOM 447  H HA   . VAL A 1 29  ? 6.795   -4.047  5.705   1.00 0.21  ? 29  VAL A HA   1 
ATOM 448  H HB   . VAL A 1 29  ? 9.071   -5.994  6.106   1.00 0.21  ? 29  VAL A HB   1 
ATOM 449  H HG11 . VAL A 1 29  ? 7.989   -7.085  4.026   1.00 0.95  ? 29  VAL A HG11 1 
ATOM 450  H HG12 . VAL A 1 29  ? 6.524   -6.225  4.503   1.00 1.01  ? 29  VAL A HG12 1 
ATOM 451  H HG13 . VAL A 1 29  ? 7.246   -7.410  5.593   1.00 1.10  ? 29  VAL A HG13 1 
ATOM 452  H HG21 . VAL A 1 29  ? 8.890   -3.665  4.635   1.00 0.99  ? 29  VAL A HG21 1 
ATOM 453  H HG22 . VAL A 1 29  ? 8.456   -4.894  3.447   1.00 1.06  ? 29  VAL A HG22 1 
ATOM 454  H HG23 . VAL A 1 29  ? 10.001  -4.991  4.292   1.00 1.05  ? 29  VAL A HG23 1 
ATOM 455  N N    . GLN A 1 30  ? 7.149   -6.075  8.277   1.00 0.20  ? 30  GLN A N    1 
ATOM 456  C CA   . GLN A 1 30  ? 6.404   -6.893  9.222   1.00 0.22  ? 30  GLN A CA   1 
ATOM 457  C C    . GLN A 1 30  ? 5.304   -6.053  9.842   1.00 0.21  ? 30  GLN A C    1 
ATOM 458  O O    . GLN A 1 30  ? 4.169   -6.503  9.997   1.00 0.24  ? 30  GLN A O    1 
ATOM 459  C CB   . GLN A 1 30  ? 7.330   -7.416  10.319  1.00 0.22  ? 30  GLN A CB   1 
ATOM 460  C CG   . GLN A 1 30  ? 8.302   -8.426  9.719   1.00 0.26  ? 30  GLN A CG   1 
ATOM 461  C CD   . GLN A 1 30  ? 7.552   -9.396  8.812   1.00 0.59  ? 30  GLN A CD   1 
ATOM 462  O OE1  . GLN A 1 30  ? 6.664   -8.985  8.065   1.00 1.47  ? 30  GLN A OE1  1 
ATOM 463  N NE2  . GLN A 1 30  ? 7.856   -10.665 8.834   1.00 1.15  ? 30  GLN A NE2  1 
ATOM 464  H H    . GLN A 1 30  ? 8.110   -5.937  8.407   1.00 0.20  ? 30  GLN A H    1 
ATOM 465  H HA   . GLN A 1 30  ? 5.962   -7.729  8.701   1.00 0.24  ? 30  GLN A HA   1 
ATOM 466  H HB2  . GLN A 1 30  ? 7.882   -6.592  10.747  1.00 0.21  ? 30  GLN A HB2  1 
ATOM 467  H HB3  . GLN A 1 30  ? 6.743   -7.896  11.089  1.00 0.24  ? 30  GLN A HB3  1 
ATOM 468  H HG2  . GLN A 1 30  ? 9.050   -7.901  9.144   1.00 0.51  ? 30  GLN A HG2  1 
ATOM 469  H HG3  . GLN A 1 30  ? 8.780   -8.978  10.514  1.00 0.47  ? 30  GLN A HG3  1 
ATOM 470  H HE21 . GLN A 1 30  ? 8.563   -10.988 9.431   1.00 1.82  ? 30  GLN A HE21 1 
ATOM 471  H HE22 . GLN A 1 30  ? 7.377   -11.295 8.256   1.00 1.33  ? 30  GLN A HE22 1 
ATOM 472  N N    . ARG A 1 31  ? 5.650   -4.815  10.179  1.00 0.20  ? 31  ARG A N    1 
ATOM 473  C CA   . ARG A 1 31  ? 4.680   -3.901  10.765  1.00 0.21  ? 31  ARG A CA   1 
ATOM 474  C C    . ARG A 1 31  ? 3.562   -3.639  9.764   1.00 0.22  ? 31  ARG A C    1 
ATOM 475  O O    . ARG A 1 31  ? 2.382   -3.652  10.115  1.00 0.24  ? 31  ARG A O    1 
ATOM 476  C CB   . ARG A 1 31  ? 5.354   -2.579  11.133  1.00 0.22  ? 31  ARG A CB   1 
ATOM 477  C CG   . ARG A 1 31  ? 6.293   -2.801  12.319  1.00 0.22  ? 31  ARG A CG   1 
ATOM 478  C CD   . ARG A 1 31  ? 6.762   -1.449  12.853  1.00 0.24  ? 31  ARG A CD   1 
ATOM 479  N NE   . ARG A 1 31  ? 8.020   -1.600  13.574  1.00 1.07  ? 31  ARG A NE   1 
ATOM 480  C CZ   . ARG A 1 31  ? 8.315   -0.822  14.610  1.00 1.58  ? 31  ARG A CZ   1 
ATOM 481  N NH1  . ARG A 1 31  ? 8.054   0.455   14.564  1.00 2.07  ? 31  ARG A NH1  1 
ATOM 482  N NH2  . ARG A 1 31  ? 8.865   -1.336  15.676  1.00 2.10  ? 31  ARG A NH2  1 
ATOM 483  H H    . ARG A 1 31  ? 6.573   -4.512  10.020  1.00 0.19  ? 31  ARG A H    1 
ATOM 484  H HA   . ARG A 1 31  ? 4.262   -4.347  11.653  1.00 0.23  ? 31  ARG A HA   1 
ATOM 485  H HB2  . ARG A 1 31  ? 5.920   -2.215  10.288  1.00 0.21  ? 31  ARG A HB2  1 
ATOM 486  H HB3  . ARG A 1 31  ? 4.602   -1.854  11.404  1.00 0.24  ? 31  ARG A HB3  1 
ATOM 487  H HG2  . ARG A 1 31  ? 5.767   -3.335  13.098  1.00 0.25  ? 31  ARG A HG2  1 
ATOM 488  H HG3  . ARG A 1 31  ? 7.148   -3.377  12.000  1.00 0.22  ? 31  ARG A HG3  1 
ATOM 489  H HD2  . ARG A 1 31  ? 6.906   -0.769  12.027  1.00 0.83  ? 31  ARG A HD2  1 
ATOM 490  H HD3  . ARG A 1 31  ? 6.011   -1.048  13.517  1.00 0.83  ? 31  ARG A HD3  1 
ATOM 491  H HE   . ARG A 1 31  ? 8.658   -2.289  13.292  1.00 1.72  ? 31  ARG A HE   1 
ATOM 492  H HH11 . ARG A 1 31  ? 7.632   0.850   13.747  1.00 2.11  ? 31  ARG A HH11 1 
ATOM 493  H HH12 . ARG A 1 31  ? 8.277   1.040   15.343  1.00 2.63  ? 31  ARG A HH12 1 
ATOM 494  H HH21 . ARG A 1 31  ? 9.064   -2.315  15.712  1.00 2.12  ? 31  ARG A HH21 1 
ATOM 495  H HH22 . ARG A 1 31  ? 9.088   -0.751  16.455  1.00 2.70  ? 31  ARG A HH22 1 
ATOM 496  N N    . VAL A 1 32  ? 3.947   -3.418  8.511   1.00 0.21  ? 32  VAL A N    1 
ATOM 497  C CA   . VAL A 1 32  ? 2.976   -3.173  7.455   1.00 0.22  ? 32  VAL A CA   1 
ATOM 498  C C    . VAL A 1 32  ? 2.097   -4.405  7.269   1.00 0.23  ? 32  VAL A C    1 
ATOM 499  O O    . VAL A 1 32  ? 0.869   -4.316  7.284   1.00 0.26  ? 32  VAL A O    1 
ATOM 500  C CB   . VAL A 1 32  ? 3.703   -2.853  6.148   1.00 0.22  ? 32  VAL A CB   1 
ATOM 501  C CG1  . VAL A 1 32  ? 2.693   -2.759  5.006   1.00 0.25  ? 32  VAL A CG1  1 
ATOM 502  C CG2  . VAL A 1 32  ? 4.439   -1.518  6.289   1.00 0.24  ? 32  VAL A CG2  1 
ATOM 503  H H    . VAL A 1 32  ? 4.902   -3.432  8.294   1.00 0.20  ? 32  VAL A H    1 
ATOM 504  H HA   . VAL A 1 32  ? 2.357   -2.333  7.730   1.00 0.24  ? 32  VAL A HA   1 
ATOM 505  H HB   . VAL A 1 32  ? 4.417   -3.636  5.931   1.00 0.22  ? 32  VAL A HB   1 
ATOM 506  H HG11 . VAL A 1 32  ? 2.830   -1.826  4.480   1.00 1.00  ? 32  VAL A HG11 1 
ATOM 507  H HG12 . VAL A 1 32  ? 1.690   -2.801  5.407   1.00 1.00  ? 32  VAL A HG12 1 
ATOM 508  H HG13 . VAL A 1 32  ? 2.842   -3.583  4.324   1.00 0.96  ? 32  VAL A HG13 1 
ATOM 509  H HG21 . VAL A 1 32  ? 5.120   -1.569  7.125   1.00 1.03  ? 32  VAL A HG21 1 
ATOM 510  H HG22 . VAL A 1 32  ? 3.721   -0.729  6.456   1.00 1.06  ? 32  VAL A HG22 1 
ATOM 511  H HG23 . VAL A 1 32  ? 4.993   -1.315  5.384   1.00 1.05  ? 32  VAL A HG23 1 
ATOM 512  N N    . LYS A 1 33  ? 2.742   -5.555  7.103   1.00 0.23  ? 33  LYS A N    1 
ATOM 513  C CA   . LYS A 1 33  ? 2.028   -6.810  6.925   1.00 0.26  ? 33  LYS A CA   1 
ATOM 514  C C    . LYS A 1 33  ? 1.175   -7.125  8.151   1.00 0.26  ? 33  LYS A C    1 
ATOM 515  O O    . LYS A 1 33  ? 0.042   -7.593  8.029   1.00 0.28  ? 33  LYS A O    1 
ATOM 516  C CB   . LYS A 1 33  ? 3.030   -7.941  6.699   1.00 0.27  ? 33  LYS A CB   1 
ATOM 517  C CG   . LYS A 1 33  ? 3.647   -7.810  5.306   1.00 0.30  ? 33  LYS A CG   1 
ATOM 518  C CD   . LYS A 1 33  ? 4.419   -9.088  4.972   1.00 0.34  ? 33  LYS A CD   1 
ATOM 519  C CE   . LYS A 1 33  ? 5.299   -8.848  3.745   1.00 0.38  ? 33  LYS A CE   1 
ATOM 520  N NZ   . LYS A 1 33  ? 4.969   -9.851  2.694   1.00 1.13  ? 33  LYS A NZ   1 
ATOM 521  H H    . LYS A 1 33  ? 3.721   -5.561  7.108   1.00 0.23  ? 33  LYS A H    1 
ATOM 522  H HA   . LYS A 1 33  ? 1.388   -6.734  6.058   1.00 0.28  ? 33  LYS A HA   1 
ATOM 523  H HB2  . LYS A 1 33  ? 3.811   -7.882  7.446   1.00 0.26  ? 33  LYS A HB2  1 
ATOM 524  H HB3  . LYS A 1 33  ? 2.526   -8.888  6.780   1.00 0.29  ? 33  LYS A HB3  1 
ATOM 525  H HG2  . LYS A 1 33  ? 2.863   -7.660  4.578   1.00 0.32  ? 33  LYS A HG2  1 
ATOM 526  H HG3  . LYS A 1 33  ? 4.323   -6.969  5.288   1.00 0.28  ? 33  LYS A HG3  1 
ATOM 527  H HD2  . LYS A 1 33  ? 5.038   -9.363  5.813   1.00 0.35  ? 33  LYS A HD2  1 
ATOM 528  H HD3  . LYS A 1 33  ? 3.721   -9.884  4.763   1.00 0.36  ? 33  LYS A HD3  1 
ATOM 529  H HE2  . LYS A 1 33  ? 5.120   -7.854  3.362   1.00 0.67  ? 33  LYS A HE2  1 
ATOM 530  H HE3  . LYS A 1 33  ? 6.338   -8.944  4.022   1.00 0.75  ? 33  LYS A HE3  1 
ATOM 531  H HZ1  . LYS A 1 33  ? 5.590   -10.679 2.797   1.00 1.66  ? 33  LYS A HZ1  1 
ATOM 532  H HZ2  . LYS A 1 33  ? 5.109   -9.426  1.754   1.00 1.67  ? 33  LYS A HZ2  1 
ATOM 533  H HZ3  . LYS A 1 33  ? 3.978   -10.149 2.797   1.00 1.59  ? 33  LYS A HZ3  1 
ATOM 534  N N    . ASN A 1 34  ? 1.736   -6.878  9.330   1.00 0.25  ? 34  ASN A N    1 
ATOM 535  C CA   . ASN A 1 34  ? 1.035   -7.146  10.578  1.00 0.27  ? 34  ASN A CA   1 
ATOM 536  C C    . ASN A 1 34  ? -0.207  -6.270  10.712  1.00 0.27  ? 34  ASN A C    1 
ATOM 537  O O    . ASN A 1 34  ? -1.275  -6.747  11.097  1.00 0.28  ? 34  ASN A O    1 
ATOM 538  C CB   . ASN A 1 34  ? 1.974   -6.887  11.754  1.00 0.29  ? 34  ASN A CB   1 
ATOM 539  C CG   . ASN A 1 34  ? 3.124   -7.890  11.733  1.00 0.30  ? 34  ASN A CG   1 
ATOM 540  O OD1  . ASN A 1 34  ? 2.898   -9.092  11.595  1.00 0.61  ? 34  ASN A OD1  1 
ATOM 541  N ND2  . ASN A 1 34  ? 4.351   -7.463  11.862  1.00 0.41  ? 34  ASN A ND2  1 
ATOM 542  H H    . ASN A 1 34  ? 2.645   -6.513  9.364   1.00 0.25  ? 34  ASN A H    1 
ATOM 543  H HA   . ASN A 1 34  ? 0.736   -8.183  10.594  1.00 0.28  ? 34  ASN A HA   1 
ATOM 544  H HB2  . ASN A 1 34  ? 2.371   -5.885  11.681  1.00 0.28  ? 34  ASN A HB2  1 
ATOM 545  H HB3  . ASN A 1 34  ? 1.427   -6.988  12.675  1.00 0.31  ? 34  ASN A HB3  1 
ATOM 546  H HD21 . ASN A 1 34  ? 4.529   -6.506  11.971  1.00 0.68  ? 34  ASN A HD21 1 
ATOM 547  H HD22 . ASN A 1 34  ? 5.096   -8.101  11.847  1.00 0.41  ? 34  ASN A HD22 1 
ATOM 548  N N    . ILE A 1 35  ? -0.059  -4.989  10.399  1.00 0.26  ? 35  ILE A N    1 
ATOM 549  C CA   . ILE A 1 35  ? -1.175  -4.055  10.495  1.00 0.27  ? 35  ILE A CA   1 
ATOM 550  C C    . ILE A 1 35  ? -2.236  -4.366  9.446   1.00 0.26  ? 35  ILE A C    1 
ATOM 551  O O    . ILE A 1 35  ? -3.419  -4.487  9.764   1.00 0.26  ? 35  ILE A O    1 
ATOM 552  C CB   . ILE A 1 35  ? -0.676  -2.628  10.296  1.00 0.28  ? 35  ILE A CB   1 
ATOM 553  C CG1  . ILE A 1 35  ? 0.336   -2.283  11.391  1.00 0.30  ? 35  ILE A CG1  1 
ATOM 554  C CG2  . ILE A 1 35  ? -1.858  -1.658  10.369  1.00 0.32  ? 35  ILE A CG2  1 
ATOM 555  C CD1  . ILE A 1 35  ? 0.990   -0.937  11.076  1.00 0.33  ? 35  ILE A CD1  1 
ATOM 556  H H    . ILE A 1 35  ? 0.817   -4.664  10.102  1.00 0.26  ? 35  ILE A H    1 
ATOM 557  H HA   . ILE A 1 35  ? -1.617  -4.134  11.477  1.00 0.29  ? 35  ILE A HA   1 
ATOM 558  H HB   . ILE A 1 35  ? -0.206  -2.549  9.328   1.00 0.27  ? 35  ILE A HB   1 
ATOM 559  H HG12 . ILE A 1 35  ? -0.171  -2.224  12.343  1.00 0.34  ? 35  ILE A HG12 1 
ATOM 560  H HG13 . ILE A 1 35  ? 1.095   -3.049  11.433  1.00 0.29  ? 35  ILE A HG13 1 
ATOM 561  H HG21 . ILE A 1 35  ? -2.260  -1.656  11.371  1.00 1.07  ? 35  ILE A HG21 1 
ATOM 562  H HG22 . ILE A 1 35  ? -2.624  -1.971  9.674   1.00 1.04  ? 35  ILE A HG22 1 
ATOM 563  H HG23 . ILE A 1 35  ? -1.523  -0.663  10.112  1.00 1.07  ? 35  ILE A HG23 1 
ATOM 564  H HD11 . ILE A 1 35  ? 1.334   -0.935  10.052  1.00 1.07  ? 35  ILE A HD11 1 
ATOM 565  H HD12 . ILE A 1 35  ? 1.828   -0.780  11.738  1.00 1.06  ? 35  ILE A HD12 1 
ATOM 566  H HD13 . ILE A 1 35  ? 0.268   -0.146  11.215  1.00 1.04  ? 35  ILE A HD13 1 
ATOM 567  N N    . LEU A 1 36  ? -1.806  -4.492  8.195   1.00 0.26  ? 36  LEU A N    1 
ATOM 568  C CA   . LEU A 1 36  ? -2.736  -4.788  7.112   1.00 0.27  ? 36  LEU A CA   1 
ATOM 569  C C    . LEU A 1 36  ? -3.475  -6.085  7.402   1.00 0.28  ? 36  LEU A C    1 
ATOM 570  O O    . LEU A 1 36  ? -4.697  -6.162  7.269   1.00 0.30  ? 36  LEU A O    1 
ATOM 571  C CB   . LEU A 1 36  ? -1.978  -4.914  5.789   1.00 0.30  ? 36  LEU A CB   1 
ATOM 572  C CG   . LEU A 1 36  ? -1.373  -3.560  5.414   1.00 0.30  ? 36  LEU A CG   1 
ATOM 573  C CD1  . LEU A 1 36  ? -0.648  -3.680  4.074   1.00 0.41  ? 36  LEU A CD1  1 
ATOM 574  C CD2  . LEU A 1 36  ? -2.488  -2.519  5.299   1.00 0.35  ? 36  LEU A CD2  1 
ATOM 575  H H    . LEU A 1 36  ? -0.852  -4.384  7.998   1.00 0.27  ? 36  LEU A H    1 
ATOM 576  H HA   . LEU A 1 36  ? -3.452  -3.984  7.032   1.00 0.27  ? 36  LEU A HA   1 
ATOM 577  H HB2  . LEU A 1 36  ? -1.190  -5.644  5.894   1.00 0.31  ? 36  LEU A HB2  1 
ATOM 578  H HB3  . LEU A 1 36  ? -2.661  -5.227  5.014   1.00 0.33  ? 36  LEU A HB3  1 
ATOM 579  H HG   . LEU A 1 36  ? -0.671  -3.257  6.178   1.00 0.29  ? 36  LEU A HG   1 
ATOM 580  H HD11 . LEU A 1 36  ? -1.176  -3.105  3.327   1.00 0.98  ? 36  LEU A HD11 1 
ATOM 581  H HD12 . LEU A 1 36  ? -0.616  -4.717  3.774   1.00 1.10  ? 36  LEU A HD12 1 
ATOM 582  H HD13 . LEU A 1 36  ? 0.358   -3.303  4.174   1.00 1.11  ? 36  LEU A HD13 1 
ATOM 583  H HD21 . LEU A 1 36  ? -3.405  -3.005  4.997   1.00 1.03  ? 36  LEU A HD21 1 
ATOM 584  H HD22 . LEU A 1 36  ? -2.215  -1.778  4.563   1.00 1.11  ? 36  LEU A HD22 1 
ATOM 585  H HD23 . LEU A 1 36  ? -2.635  -2.039  6.256   1.00 1.06  ? 36  LEU A HD23 1 
ATOM 586  N N    . ALA A 1 37  ? -2.726  -7.101  7.815   1.00 0.30  ? 37  ALA A N    1 
ATOM 587  C CA   . ALA A 1 37  ? -3.321  -8.387  8.139   1.00 0.35  ? 37  ALA A CA   1 
ATOM 588  C C    . ALA A 1 37  ? -4.180  -8.256  9.386   1.00 0.36  ? 37  ALA A C    1 
ATOM 589  O O    . ALA A 1 37  ? -4.902  -9.182  9.757   1.00 0.43  ? 37  ALA A O    1 
ATOM 590  C CB   . ALA A 1 37  ? -2.225  -9.427  8.377   1.00 0.40  ? 37  ALA A CB   1 
ATOM 591  H H    . ALA A 1 37  ? -1.762  -6.979  7.917   1.00 0.30  ? 37  ALA A H    1 
ATOM 592  H HA   . ALA A 1 37  ? -3.939  -8.710  7.315   1.00 0.38  ? 37  ALA A HA   1 
ATOM 593  H HB1  . ALA A 1 37  ? -1.850  -9.780  7.428   1.00 1.04  ? 37  ALA A HB1  1 
ATOM 594  H HB2  . ALA A 1 37  ? -2.633  -10.259 8.933   1.00 1.19  ? 37  ALA A HB2  1 
ATOM 595  H HB3  . ALA A 1 37  ? -1.419  -8.980  8.939   1.00 0.99  ? 37  ALA A HB3  1 
ATOM 596  N N    . ALA A 1 38  ? -4.091  -7.099  10.036  1.00 0.32  ? 38  ALA A N    1 
ATOM 597  C CA   . ALA A 1 38  ? -4.863  -6.865  11.247  1.00 0.36  ? 38  ALA A CA   1 
ATOM 598  C C    . ALA A 1 38  ? -6.259  -6.349  10.908  1.00 0.36  ? 38  ALA A C    1 
ATOM 599  O O    . ALA A 1 38  ? -7.183  -6.462  11.713  1.00 0.56  ? 38  ALA A O    1 
ATOM 600  C CB   . ALA A 1 38  ? -4.145  -5.848  12.135  1.00 0.39  ? 38  ALA A CB   1 
ATOM 601  H H    . ALA A 1 38  ? -3.493  -6.396  9.698   1.00 0.30  ? 38  ALA A H    1 
ATOM 602  H HA   . ALA A 1 38  ? -4.952  -7.794  11.783  1.00 0.43  ? 38  ALA A HA   1 
ATOM 603  H HB1  . ALA A 1 38  ? -4.874  -5.258  12.670  1.00 1.04  ? 38  ALA A HB1  1 
ATOM 604  H HB2  . ALA A 1 38  ? -3.536  -5.199  11.522  1.00 1.07  ? 38  ALA A HB2  1 
ATOM 605  H HB3  . ALA A 1 38  ? -3.516  -6.369  12.842  1.00 1.03  ? 38  ALA A HB3  1 
ATOM 606  N N    . VAL A 1 39  ? -6.406  -5.785  9.712   1.00 0.44  ? 39  VAL A N    1 
ATOM 607  C CA   . VAL A 1 39  ? -7.698  -5.257  9.285   1.00 0.51  ? 39  VAL A CA   1 
ATOM 608  C C    . VAL A 1 39  ? -8.465  -6.288  8.462   1.00 0.47  ? 39  VAL A C    1 
ATOM 609  O O    . VAL A 1 39  ? -9.667  -6.145  8.239   1.00 0.60  ? 39  VAL A O    1 
ATOM 610  C CB   . VAL A 1 39  ? -7.494  -3.994  8.450   1.00 0.59  ? 39  VAL A CB   1 
ATOM 611  C CG1  . VAL A 1 39  ? -6.826  -4.360  7.123   1.00 0.60  ? 39  VAL A CG1  1 
ATOM 612  C CG2  . VAL A 1 39  ? -8.852  -3.345  8.175   1.00 0.76  ? 39  VAL A CG2  1 
ATOM 613  H H    . VAL A 1 39  ? -5.636  -5.721  9.111   1.00 0.61  ? 39  VAL A H    1 
ATOM 614  H HA   . VAL A 1 39  ? -8.278  -5.005  10.158  1.00 0.73  ? 39  VAL A HA   1 
ATOM 615  H HB   . VAL A 1 39  ? -6.865  -3.302  8.992   1.00 0.83  ? 39  VAL A HB   1 
ATOM 616  H HG11 . VAL A 1 39  ? -6.272  -3.510  6.753   1.00 1.16  ? 39  VAL A HG11 1 
ATOM 617  H HG12 . VAL A 1 39  ? -7.582  -4.637  6.404   1.00 1.26  ? 39  VAL A HG12 1 
ATOM 618  H HG13 . VAL A 1 39  ? -6.151  -5.189  7.277   1.00 1.18  ? 39  VAL A HG13 1 
ATOM 619  H HG21 . VAL A 1 39  ? -9.630  -3.925  8.649   1.00 1.19  ? 39  VAL A HG21 1 
ATOM 620  H HG22 . VAL A 1 39  ? -9.026  -3.312  7.110   1.00 1.34  ? 39  VAL A HG22 1 
ATOM 621  H HG23 . VAL A 1 39  ? -8.858  -2.342  8.572   1.00 1.29  ? 39  VAL A HG23 1 
ATOM 622  N N    . GLU A 1 40  ? -7.767  -7.325  8.013   1.00 0.64  ? 40  GLU A N    1 
ATOM 623  C CA   . GLU A 1 40  ? -8.400  -8.367  7.213   1.00 0.94  ? 40  GLU A CA   1 
ATOM 624  C C    . GLU A 1 40  ? -9.482  -7.768  6.318   1.00 0.73  ? 40  GLU A C    1 
ATOM 625  O O    . GLU A 1 40  ? -9.182  -7.090  5.335   1.00 0.83  ? 40  GLU A O    1 
ATOM 626  C CB   . GLU A 1 40  ? -9.017  -9.426  8.127   1.00 1.31  ? 40  GLU A CB   1 
ATOM 627  C CG   . GLU A 1 40  ? -7.913  -10.336 8.669   1.00 1.94  ? 40  GLU A CG   1 
ATOM 628  C CD   . GLU A 1 40  ? -8.524  -11.599 9.266   1.00 2.23  ? 40  GLU A CD   1 
ATOM 629  O OE1  . GLU A 1 40  ? -9.625  -11.945 8.871   1.00 2.58  ? 40  GLU A OE1  1 
ATOM 630  O OE2  . GLU A 1 40  ? -7.883  -12.201 10.110  1.00 2.70  ? 40  GLU A OE2  1 
ATOM 631  H H    . GLU A 1 40  ? -6.811  -7.388  8.218   1.00 0.69  ? 40  GLU A H    1 
ATOM 632  H HA   . GLU A 1 40  ? -7.651  -8.836  6.592   1.00 1.19  ? 40  GLU A HA   1 
ATOM 633  H HB2  . GLU A 1 40  ? -9.522  -8.941  8.951   1.00 1.52  ? 40  GLU A HB2  1 
ATOM 634  H HB3  . GLU A 1 40  ? -9.726  -10.017 7.567   1.00 1.54  ? 40  GLU A HB3  1 
ATOM 635  H HG2  . GLU A 1 40  ? -7.245  -10.607 7.864   1.00 2.45  ? 40  GLU A HG2  1 
ATOM 636  H HG3  . GLU A 1 40  ? -7.359  -9.811  9.433   1.00 2.35  ? 40  GLU A HG3  1 
ATOM 637  N N    . ALA A 1 41  ? -10.740 -8.018  6.669   1.00 0.66  ? 41  ALA A N    1 
ATOM 638  C CA   . ALA A 1 41  ? -11.859 -7.494  5.892   1.00 0.53  ? 41  ALA A CA   1 
ATOM 639  C C    . ALA A 1 41  ? -12.149 -8.391  4.694   1.00 0.55  ? 41  ALA A C    1 
ATOM 640  O O    . ALA A 1 41  ? -11.373 -9.291  4.375   1.00 0.87  ? 41  ALA A O    1 
ATOM 641  C CB   . ALA A 1 41  ? -11.540 -6.079  5.408   1.00 0.46  ? 41  ALA A CB   1 
ATOM 642  H H    . ALA A 1 41  ? -10.919 -8.562  7.465   1.00 0.86  ? 41  ALA A H    1 
ATOM 643  H HA   . ALA A 1 41  ? -12.735 -7.457  6.522   1.00 0.60  ? 41  ALA A HA   1 
ATOM 644  H HB1  . ALA A 1 41  ? -12.215 -5.811  4.609   1.00 1.15  ? 41  ALA A HB1  1 
ATOM 645  H HB2  . ALA A 1 41  ? -10.523 -6.043  5.047   1.00 1.05  ? 41  ALA A HB2  1 
ATOM 646  H HB3  . ALA A 1 41  ? -11.657 -5.384  6.226   1.00 1.15  ? 41  ALA A HB3  1 
ATOM 647  N N    . THR A 1 42  ? -13.275 -8.138  4.030   1.00 0.50  ? 42  THR A N    1 
ATOM 648  C CA   . THR A 1 42  ? -13.657 -8.929  2.866   1.00 0.56  ? 42  THR A CA   1 
ATOM 649  C C    . THR A 1 42  ? -12.835 -8.518  1.650   1.00 0.54  ? 42  THR A C    1 
ATOM 650  O O    . THR A 1 42  ? -12.987 -9.079  0.565   1.00 0.64  ? 42  THR A O    1 
ATOM 651  C CB   . THR A 1 42  ? -15.145 -8.733  2.566   1.00 0.62  ? 42  THR A CB   1 
ATOM 652  O OG1  . THR A 1 42  ? -15.392 -7.363  2.278   1.00 0.58  ? 42  THR A OG1  1 
ATOM 653  C CG2  . THR A 1 42  ? -15.972 -9.157  3.779   1.00 0.69  ? 42  THR A CG2  1 
ATOM 654  H H    . THR A 1 42  ? -13.855 -7.408  4.328   1.00 0.67  ? 42  THR A H    1 
ATOM 655  H HA   . THR A 1 42  ? -13.477 -9.972  3.074   1.00 0.63  ? 42  THR A HA   1 
ATOM 656  H HB   . THR A 1 42  ? -15.423 -9.336  1.717   1.00 0.71  ? 42  THR A HB   1 
ATOM 657  H HG1  . THR A 1 42  ? -14.581 -6.982  1.931   1.00 1.03  ? 42  THR A HG1  1 
ATOM 658  H HG21 . THR A 1 42  ? -16.662 -9.937  3.491   1.00 1.19  ? 42  THR A HG21 1 
ATOM 659  H HG22 . THR A 1 42  ? -16.525 -8.308  4.153   1.00 1.23  ? 42  THR A HG22 1 
ATOM 660  H HG23 . THR A 1 42  ? -15.315 -9.527  4.553   1.00 1.23  ? 42  THR A HG23 1 
ATOM 661  N N    . VAL A 1 43  ? -11.965 -7.532  1.839   1.00 0.44  ? 43  VAL A N    1 
ATOM 662  C CA   . VAL A 1 43  ? -11.125 -7.047  0.761   1.00 0.44  ? 43  VAL A CA   1 
ATOM 663  C C    . VAL A 1 43  ? -9.659  -7.048  1.185   1.00 0.38  ? 43  VAL A C    1 
ATOM 664  O O    . VAL A 1 43  ? -9.130  -6.030  1.631   1.00 0.41  ? 43  VAL A O    1 
ATOM 665  C CB   . VAL A 1 43  ? -11.547 -5.630  0.387   1.00 0.47  ? 43  VAL A CB   1 
ATOM 666  C CG1  . VAL A 1 43  ? -12.771 -5.682  -0.528  1.00 0.58  ? 43  VAL A CG1  1 
ATOM 667  C CG2  . VAL A 1 43  ? -11.897 -4.854  1.659   1.00 0.45  ? 43  VAL A CG2  1 
ATOM 668  H H    . VAL A 1 43  ? -11.889 -7.118  2.720   1.00 0.39  ? 43  VAL A H    1 
ATOM 669  H HA   . VAL A 1 43  ? -11.245 -7.687  -0.099  1.00 0.51  ? 43  VAL A HA   1 
ATOM 670  H HB   . VAL A 1 43  ? -10.735 -5.140  -0.118  1.00 0.47  ? 43  VAL A HB   1 
ATOM 671  H HG11 . VAL A 1 43  ? -12.528 -6.236  -1.423  1.00 1.12  ? 43  VAL A HG11 1 
ATOM 672  H HG12 . VAL A 1 43  ? -13.062 -4.677  -0.796  1.00 1.20  ? 43  VAL A HG12 1 
ATOM 673  H HG13 . VAL A 1 43  ? -13.586 -6.168  -0.013  1.00 1.18  ? 43  VAL A HG13 1 
ATOM 674  H HG21 . VAL A 1 43  ? -12.736 -5.326  2.149   1.00 1.05  ? 43  VAL A HG21 1 
ATOM 675  H HG22 . VAL A 1 43  ? -12.158 -3.838  1.400   1.00 1.09  ? 43  VAL A HG22 1 
ATOM 676  H HG23 . VAL A 1 43  ? -11.046 -4.849  2.324   1.00 1.15  ? 43  VAL A HG23 1 
ATOM 677  N N    . PRO A 1 44  ? -9.005  -8.169  1.053   1.00 0.37  ? 44  PRO A N    1 
ATOM 678  C CA   . PRO A 1 44  ? -7.573  -8.304  1.429   1.00 0.37  ? 44  PRO A CA   1 
ATOM 679  C C    . PRO A 1 44  ? -6.671  -7.432  0.562   1.00 0.31  ? 44  PRO A C    1 
ATOM 680  O O    . PRO A 1 44  ? -6.961  -7.194  -0.611  1.00 0.31  ? 44  PRO A O    1 
ATOM 681  C CB   . PRO A 1 44  ? -7.243  -9.789  1.233   1.00 0.49  ? 44  PRO A CB   1 
ATOM 682  C CG   . PRO A 1 44  ? -8.490  -10.471 0.756   1.00 0.55  ? 44  PRO A CG   1 
ATOM 683  C CD   . PRO A 1 44  ? -9.572  -9.414  0.529   1.00 0.44  ? 44  PRO A CD   1 
ATOM 684  H HA   . PRO A 1 44  ? -7.441  -8.047  2.467   1.00 0.38  ? 44  PRO A HA   1 
ATOM 685  H HB2  . PRO A 1 44  ? -6.460  -9.896  0.496   1.00 0.49  ? 44  PRO A HB2  1 
ATOM 686  H HB3  . PRO A 1 44  ? -6.928  -10.222 2.169   1.00 0.54  ? 44  PRO A HB3  1 
ATOM 687  H HG2  . PRO A 1 44  ? -8.286  -10.991 -0.171  1.00 0.66  ? 44  PRO A HG2  1 
ATOM 688  H HG3  . PRO A 1 44  ? -8.826  -11.176 1.501   1.00 0.65  ? 44  PRO A HG3  1 
ATOM 689  H HD2  . PRO A 1 44  ? -9.787  -9.317  -0.525  1.00 0.52  ? 44  PRO A HD2  1 
ATOM 690  H HD3  . PRO A 1 44  ? -10.467 -9.671  1.075   1.00 0.44  ? 44  PRO A HD3  1 
ATOM 691  N N    . ILE A 1 45  ? -5.578  -6.954  1.148   1.00 0.28  ? 45  ILE A N    1 
ATOM 692  C CA   . ILE A 1 45  ? -4.641  -6.104  0.421   1.00 0.24  ? 45  ILE A CA   1 
ATOM 693  C C    . ILE A 1 45  ? -3.457  -6.919  -0.090  1.00 0.26  ? 45  ILE A C    1 
ATOM 694  O O    . ILE A 1 45  ? -3.033  -7.883  0.546   1.00 0.30  ? 45  ILE A O    1 
ATOM 695  C CB   . ILE A 1 45  ? -4.130  -4.988  1.335   1.00 0.23  ? 45  ILE A CB   1 
ATOM 696  C CG1  . ILE A 1 45  ? -5.320  -4.220  1.916   1.00 0.26  ? 45  ILE A CG1  1 
ATOM 697  C CG2  . ILE A 1 45  ? -3.246  -4.030  0.533   1.00 0.23  ? 45  ILE A CG2  1 
ATOM 698  C CD1  . ILE A 1 45  ? -5.637  -4.749  3.316   1.00 0.37  ? 45  ILE A CD1  1 
ATOM 699  H H    . ILE A 1 45  ? -5.400  -7.174  2.086   1.00 0.31  ? 45  ILE A H    1 
ATOM 700  H HA   . ILE A 1 45  ? -5.151  -5.660  -0.419  1.00 0.24  ? 45  ILE A HA   1 
ATOM 701  H HB   . ILE A 1 45  ? -3.552  -5.420  2.140   1.00 0.26  ? 45  ILE A HB   1 
ATOM 702  H HG12 . ILE A 1 45  ? -5.077  -3.169  1.973   1.00 0.33  ? 45  ILE A HG12 1 
ATOM 703  H HG13 . ILE A 1 45  ? -6.181  -4.356  1.279   1.00 0.26  ? 45  ILE A HG13 1 
ATOM 704  H HG21 . ILE A 1 45  ? -3.191  -3.078  1.042   1.00 1.08  ? 45  ILE A HG21 1 
ATOM 705  H HG22 . ILE A 1 45  ? -3.669  -3.887  -0.450  1.00 1.05  ? 45  ILE A HG22 1 
ATOM 706  H HG23 . ILE A 1 45  ? -2.253  -4.446  0.441   1.00 0.97  ? 45  ILE A HG23 1 
ATOM 707  H HD11 . ILE A 1 45  ? -6.107  -5.719  3.237   1.00 1.15  ? 45  ILE A HD11 1 
ATOM 708  H HD12 . ILE A 1 45  ? -6.305  -4.064  3.818   1.00 0.97  ? 45  ILE A HD12 1 
ATOM 709  H HD13 . ILE A 1 45  ? -4.721  -4.838  3.882   1.00 1.11  ? 45  ILE A HD13 1 
ATOM 710  N N    . SER A 1 46  ? -2.925  -6.516  -1.238  1.00 0.27  ? 46  SER A N    1 
ATOM 711  C CA   . SER A 1 46  ? -1.782  -7.204  -1.822  1.00 0.31  ? 46  SER A CA   1 
ATOM 712  C C    . SER A 1 46  ? -0.512  -6.393  -1.591  1.00 0.29  ? 46  SER A C    1 
ATOM 713  O O    . SER A 1 46  ? -0.352  -5.303  -2.141  1.00 0.31  ? 46  SER A O    1 
ATOM 714  C CB   . SER A 1 46  ? -2.000  -7.406  -3.323  1.00 0.37  ? 46  SER A CB   1 
ATOM 715  O OG   . SER A 1 46  ? -0.874  -8.078  -3.873  1.00 0.46  ? 46  SER A OG   1 
ATOM 716  H H    . SER A 1 46  ? -3.302  -5.735  -1.695  1.00 0.26  ? 46  SER A H    1 
ATOM 717  H HA   . SER A 1 46  ? -1.674  -8.169  -1.351  1.00 0.35  ? 46  SER A HA   1 
ATOM 718  H HB2  . SER A 1 46  ? -2.883  -8.003  -3.483  1.00 0.40  ? 46  SER A HB2  1 
ATOM 719  H HB3  . SER A 1 46  ? -2.127  -6.444  -3.800  1.00 0.38  ? 46  SER A HB3  1 
ATOM 720  H HG   . SER A 1 46  ? -1.196  -8.823  -4.387  1.00 1.01  ? 46  SER A HG   1 
ATOM 721  N N    . LEU A 1 47  ? 0.383   -6.924  -0.766  1.00 0.30  ? 47  LEU A N    1 
ATOM 722  C CA   . LEU A 1 47  ? 1.628   -6.230  -0.462  1.00 0.29  ? 47  LEU A CA   1 
ATOM 723  C C    . LEU A 1 47  ? 2.752   -6.716  -1.369  1.00 0.30  ? 47  LEU A C    1 
ATOM 724  O O    . LEU A 1 47  ? 3.112   -7.893  -1.355  1.00 0.36  ? 47  LEU A O    1 
ATOM 725  C CB   . LEU A 1 47  ? 2.012   -6.468  0.999   1.00 0.33  ? 47  LEU A CB   1 
ATOM 726  C CG   . LEU A 1 47  ? 2.793   -5.264  1.527   1.00 0.33  ? 47  LEU A CG   1 
ATOM 727  C CD1  . LEU A 1 47  ? 3.688   -5.705  2.688   1.00 0.44  ? 47  LEU A CD1  1 
ATOM 728  C CD2  . LEU A 1 47  ? 3.662   -4.686  0.408   1.00 0.31  ? 47  LEU A CD2  1 
ATOM 729  H H    . LEU A 1 47  ? 0.200   -7.791  -0.349  1.00 0.34  ? 47  LEU A H    1 
ATOM 730  H HA   . LEU A 1 47  ? 1.486   -5.172  -0.617  1.00 0.28  ? 47  LEU A HA   1 
ATOM 731  H HB2  . LEU A 1 47  ? 1.116   -6.603  1.588   1.00 0.39  ? 47  LEU A HB2  1 
ATOM 732  H HB3  . LEU A 1 47  ? 2.626   -7.353  1.071   1.00 0.39  ? 47  LEU A HB3  1 
ATOM 733  H HG   . LEU A 1 47  ? 2.101   -4.510  1.874   1.00 0.53  ? 47  LEU A HG   1 
ATOM 734  H HD11 . LEU A 1 47  ? 4.654   -5.231  2.597   1.00 1.10  ? 47  LEU A HD11 1 
ATOM 735  H HD12 . LEU A 1 47  ? 3.810   -6.778  2.660   1.00 1.16  ? 47  LEU A HD12 1 
ATOM 736  H HD13 . LEU A 1 47  ? 3.232   -5.418  3.624   1.00 1.14  ? 47  LEU A HD13 1 
ATOM 737  H HD21 . LEU A 1 47  ? 4.212   -5.485  -0.069  1.00 1.00  ? 47  LEU A HD21 1 
ATOM 738  H HD22 . LEU A 1 47  ? 4.355   -3.969  0.823   1.00 1.12  ? 47  LEU A HD22 1 
ATOM 739  H HD23 . LEU A 1 47  ? 3.032   -4.198  -0.322  1.00 1.04  ? 47  LEU A HD23 1 
ATOM 740  N N    . GLN A 1 48  ? 3.304   -5.799  -2.152  1.00 0.27  ? 48  GLN A N    1 
ATOM 741  C CA   . GLN A 1 48  ? 4.388   -6.132  -3.061  1.00 0.30  ? 48  GLN A CA   1 
ATOM 742  C C    . GLN A 1 48  ? 5.562   -5.186  -2.839  1.00 0.28  ? 48  GLN A C    1 
ATOM 743  O O    . GLN A 1 48  ? 5.396   -3.966  -2.841  1.00 0.33  ? 48  GLN A O    1 
ATOM 744  C CB   . GLN A 1 48  ? 3.903   -6.025  -4.506  1.00 0.35  ? 48  GLN A CB   1 
ATOM 745  C CG   . GLN A 1 48  ? 3.473   -7.406  -5.002  1.00 0.57  ? 48  GLN A CG   1 
ATOM 746  C CD   . GLN A 1 48  ? 3.368   -7.406  -6.523  1.00 1.31  ? 48  GLN A CD   1 
ATOM 747  O OE1  . GLN A 1 48  ? 3.073   -6.373  -7.125  1.00 2.11  ? 48  GLN A OE1  1 
ATOM 748  N NE2  . GLN A 1 48  ? 3.595   -8.510  -7.182  1.00 2.05  ? 48  GLN A NE2  1 
ATOM 749  H H    . GLN A 1 48  ? 2.974   -4.877  -2.118  1.00 0.27  ? 48  GLN A H    1 
ATOM 750  H HA   . GLN A 1 48  ? 4.708   -7.145  -2.871  1.00 0.33  ? 48  GLN A HA   1 
ATOM 751  H HB2  . GLN A 1 48  ? 3.063   -5.347  -4.553  1.00 0.43  ? 48  GLN A HB2  1 
ATOM 752  H HB3  . GLN A 1 48  ? 4.702   -5.652  -5.126  1.00 0.47  ? 48  GLN A HB3  1 
ATOM 753  H HG2  . GLN A 1 48  ? 4.204   -8.140  -4.694  1.00 1.02  ? 48  GLN A HG2  1 
ATOM 754  H HG3  . GLN A 1 48  ? 2.512   -7.656  -4.578  1.00 1.32  ? 48  GLN A HG3  1 
ATOM 755  H HE21 . GLN A 1 48  ? 3.830   -9.328  -6.698  1.00 2.31  ? 48  GLN A HE21 1 
ATOM 756  H HE22 . GLN A 1 48  ? 3.529   -8.520  -8.159  1.00 2.74  ? 48  GLN A HE22 1 
ATOM 757  N N    . VAL A 1 49  ? 6.746   -5.753  -2.634  1.00 0.24  ? 49  VAL A N    1 
ATOM 758  C CA   . VAL A 1 49  ? 7.933   -4.941  -2.398  1.00 0.21  ? 49  VAL A CA   1 
ATOM 759  C C    . VAL A 1 49  ? 8.680   -4.666  -3.693  1.00 0.21  ? 49  VAL A C    1 
ATOM 760  O O    . VAL A 1 49  ? 8.806   -5.539  -4.552  1.00 0.25  ? 49  VAL A O    1 
ATOM 761  C CB   . VAL A 1 49  ? 8.875   -5.645  -1.422  1.00 0.23  ? 49  VAL A CB   1 
ATOM 762  C CG1  . VAL A 1 49  ? 9.993   -4.683  -1.013  1.00 0.22  ? 49  VAL A CG1  1 
ATOM 763  C CG2  . VAL A 1 49  ? 8.093   -6.080  -0.181  1.00 0.30  ? 49  VAL A CG2  1 
ATOM 764  H H    . VAL A 1 49  ? 6.820   -6.729  -2.635  1.00 0.25  ? 49  VAL A H    1 
ATOM 765  H HA   . VAL A 1 49  ? 7.630   -3.999  -1.965  1.00 0.23  ? 49  VAL A HA   1 
ATOM 766  H HB   . VAL A 1 49  ? 9.308   -6.510  -1.903  1.00 0.25  ? 49  VAL A HB   1 
ATOM 767  H HG11 . VAL A 1 49  ? 10.057  -4.642  0.065   1.00 1.00  ? 49  VAL A HG11 1 
ATOM 768  H HG12 . VAL A 1 49  ? 9.779   -3.697  -1.398  1.00 0.99  ? 49  VAL A HG12 1 
ATOM 769  H HG13 . VAL A 1 49  ? 10.934  -5.029  -1.417  1.00 0.95  ? 49  VAL A HG13 1 
ATOM 770  H HG21 . VAL A 1 49  ? 8.504   -7.004  0.198   1.00 0.99  ? 49  VAL A HG21 1 
ATOM 771  H HG22 . VAL A 1 49  ? 7.056   -6.228  -0.443  1.00 1.00  ? 49  VAL A HG22 1 
ATOM 772  H HG23 . VAL A 1 49  ? 8.167   -5.314  0.578   1.00 1.05  ? 49  VAL A HG23 1 
ATOM 773  N N    . ILE A 1 50  ? 9.190   -3.448  -3.812  1.00 0.21  ? 50  ILE A N    1 
ATOM 774  C CA   . ILE A 1 50  ? 9.946   -3.056  -4.988  1.00 0.24  ? 50  ILE A CA   1 
ATOM 775  C C    . ILE A 1 50  ? 11.359  -2.674  -4.570  1.00 0.21  ? 50  ILE A C    1 
ATOM 776  O O    . ILE A 1 50  ? 11.551  -1.791  -3.734  1.00 0.21  ? 50  ILE A O    1 
ATOM 777  C CB   . ILE A 1 50  ? 9.269   -1.873  -5.678  1.00 0.33  ? 50  ILE A CB   1 
ATOM 778  C CG1  . ILE A 1 50  ? 7.792   -2.203  -5.908  1.00 0.36  ? 50  ILE A CG1  1 
ATOM 779  C CG2  . ILE A 1 50  ? 9.947   -1.606  -7.023  1.00 0.40  ? 50  ILE A CG2  1 
ATOM 780  C CD1  . ILE A 1 50  ? 7.191   -1.207  -6.901  1.00 0.48  ? 50  ILE A CD1  1 
ATOM 781  H H    . ILE A 1 50  ? 9.065   -2.804  -3.086  1.00 0.21  ? 50  ILE A H    1 
ATOM 782  H HA   . ILE A 1 50  ? 9.990   -3.888  -5.675  1.00 0.28  ? 50  ILE A HA   1 
ATOM 783  H HB   . ILE A 1 50  ? 9.350   -0.995  -5.053  1.00 0.34  ? 50  ILE A HB   1 
ATOM 784  H HG12 . ILE A 1 50  ? 7.707   -3.205  -6.303  1.00 0.38  ? 50  ILE A HG12 1 
ATOM 785  H HG13 . ILE A 1 50  ? 7.260   -2.141  -4.971  1.00 0.33  ? 50  ILE A HG13 1 
ATOM 786  H HG21 . ILE A 1 50  ? 10.784  -0.939  -6.879  1.00 1.08  ? 50  ILE A HG21 1 
ATOM 787  H HG22 . ILE A 1 50  ? 9.238   -1.153  -7.701  1.00 1.09  ? 50  ILE A HG22 1 
ATOM 788  H HG23 . ILE A 1 50  ? 10.297  -2.539  -7.440  1.00 1.12  ? 50  ILE A HG23 1 
ATOM 789  H HD11 . ILE A 1 50  ? 7.135   -1.663  -7.879  1.00 1.03  ? 50  ILE A HD11 1 
ATOM 790  H HD12 . ILE A 1 50  ? 7.815   -0.327  -6.951  1.00 1.19  ? 50  ILE A HD12 1 
ATOM 791  H HD13 . ILE A 1 50  ? 6.199   -0.928  -6.577  1.00 1.14  ? 50  ILE A HD13 1 
ATOM 792  N N    . ASN A 1 51  ? 12.346  -3.350  -5.142  1.00 0.21  ? 51  ASN A N    1 
ATOM 793  C CA   . ASN A 1 51  ? 13.733  -3.076  -4.799  1.00 0.21  ? 51  ASN A CA   1 
ATOM 794  C C    . ASN A 1 51  ? 14.228  -1.840  -5.543  1.00 0.22  ? 51  ASN A C    1 
ATOM 795  O O    . ASN A 1 51  ? 14.510  -1.894  -6.739  1.00 0.28  ? 51  ASN A O    1 
ATOM 796  C CB   . ASN A 1 51  ? 14.605  -4.278  -5.161  1.00 0.26  ? 51  ASN A CB   1 
ATOM 797  C CG   . ASN A 1 51  ? 14.551  -5.316  -4.045  1.00 0.95  ? 51  ASN A CG   1 
ATOM 798  O OD1  . ASN A 1 51  ? 13.493  -5.882  -3.773  1.00 1.92  ? 51  ASN A OD1  1 
ATOM 799  N ND2  . ASN A 1 51  ? 15.638  -5.597  -3.378  1.00 1.42  ? 51  ASN A ND2  1 
ATOM 800  H H    . ASN A 1 51  ? 12.139  -4.052  -5.792  1.00 0.24  ? 51  ASN A H    1 
ATOM 801  H HA   . ASN A 1 51  ? 13.799  -2.903  -3.734  1.00 0.20  ? 51  ASN A HA   1 
ATOM 802  H HB2  . ASN A 1 51  ? 14.243  -4.720  -6.079  1.00 0.72  ? 51  ASN A HB2  1 
ATOM 803  H HB3  . ASN A 1 51  ? 15.625  -3.953  -5.298  1.00 0.77  ? 51  ASN A HB3  1 
ATOM 804  H HD21 . ASN A 1 51  ? 16.480  -5.144  -3.596  1.00 1.83  ? 51  ASN A HD21 1 
ATOM 805  H HD22 . ASN A 1 51  ? 15.612  -6.263  -2.659  1.00 1.90  ? 51  ASN A HD22 1 
ATOM 806  N N    . VAL A 1 52  ? 14.324  -0.725  -4.825  1.00 0.20  ? 52  VAL A N    1 
ATOM 807  C CA   . VAL A 1 52  ? 14.780  0.523   -5.427  1.00 0.24  ? 52  VAL A CA   1 
ATOM 808  C C    . VAL A 1 52  ? 16.140  0.340   -6.095  1.00 0.31  ? 52  VAL A C    1 
ATOM 809  O O    . VAL A 1 52  ? 16.462  1.028   -7.063  1.00 0.38  ? 52  VAL A O    1 
ATOM 810  C CB   . VAL A 1 52  ? 14.877  1.611   -4.356  1.00 0.27  ? 52  VAL A CB   1 
ATOM 811  C CG1  . VAL A 1 52  ? 13.516  1.788   -3.683  1.00 0.31  ? 52  VAL A CG1  1 
ATOM 812  C CG2  . VAL A 1 52  ? 15.915  1.205   -3.308  1.00 0.32  ? 52  VAL A CG2  1 
ATOM 813  H H    . VAL A 1 52  ? 14.082  -0.742  -3.873  1.00 0.20  ? 52  VAL A H    1 
ATOM 814  H HA   . VAL A 1 52  ? 14.063  0.833   -6.172  1.00 0.27  ? 52  VAL A HA   1 
ATOM 815  H HB   . VAL A 1 52  ? 15.174  2.543   -4.818  1.00 0.32  ? 52  VAL A HB   1 
ATOM 816  H HG11 . VAL A 1 52  ? 12.812  1.085   -4.104  1.00 1.08  ? 52  VAL A HG11 1 
ATOM 817  H HG12 . VAL A 1 52  ? 13.161  2.795   -3.847  1.00 1.04  ? 52  VAL A HG12 1 
ATOM 818  H HG13 . VAL A 1 52  ? 13.612  1.608   -2.622  1.00 1.01  ? 52  VAL A HG13 1 
ATOM 819  H HG21 . VAL A 1 52  ? 16.865  1.029   -3.791  1.00 1.12  ? 52  VAL A HG21 1 
ATOM 820  H HG22 . VAL A 1 52  ? 15.591  0.300   -2.813  1.00 1.03  ? 52  VAL A HG22 1 
ATOM 821  H HG23 . VAL A 1 52  ? 16.021  1.996   -2.581  1.00 1.07  ? 52  VAL A HG23 1 
ATOM 822  N N    . ALA A 1 53  ? 16.931  -0.590  -5.573  1.00 0.36  ? 53  ALA A N    1 
ATOM 823  C CA   . ALA A 1 53  ? 18.251  -0.852  -6.130  1.00 0.47  ? 53  ALA A CA   1 
ATOM 824  C C    . ALA A 1 53  ? 18.130  -1.626  -7.435  1.00 0.51  ? 53  ALA A C    1 
ATOM 825  O O    . ALA A 1 53  ? 19.096  -1.746  -8.188  1.00 0.62  ? 53  ALA A O    1 
ATOM 826  C CB   . ALA A 1 53  ? 19.090  -1.653  -5.133  1.00 0.54  ? 53  ALA A CB   1 
ATOM 827  H H    . ALA A 1 53  ? 16.622  -1.111  -4.804  1.00 0.34  ? 53  ALA A H    1 
ATOM 828  H HA   . ALA A 1 53  ? 18.743  0.089   -6.323  1.00 0.53  ? 53  ALA A HA   1 
ATOM 829  H HB1  . ALA A 1 53  ? 19.275  -2.641  -5.530  1.00 1.16  ? 53  ALA A HB1  1 
ATOM 830  H HB2  . ALA A 1 53  ? 18.557  -1.736  -4.198  1.00 1.20  ? 53  ALA A HB2  1 
ATOM 831  H HB3  . ALA A 1 53  ? 20.031  -1.151  -4.968  1.00 1.08  ? 53  ALA A HB3  1 
ATOM 832  N N    . ASP A 1 54  ? 16.940  -2.155  -7.692  1.00 0.50  ? 54  ASP A N    1 
ATOM 833  C CA   . ASP A 1 54  ? 16.710  -2.922  -8.906  1.00 0.60  ? 54  ASP A CA   1 
ATOM 834  C C    . ASP A 1 54  ? 16.031  -2.068  -9.973  1.00 0.55  ? 54  ASP A C    1 
ATOM 835  O O    . ASP A 1 54  ? 16.227  -2.285  -11.170 1.00 0.61  ? 54  ASP A O    1 
ATOM 836  C CB   . ASP A 1 54  ? 15.843  -4.143  -8.599  1.00 0.72  ? 54  ASP A CB   1 
ATOM 837  C CG   . ASP A 1 54  ? 16.641  -5.156  -7.786  1.00 0.82  ? 54  ASP A CG   1 
ATOM 838  O OD1  . ASP A 1 54  ? 17.720  -5.520  -8.225  1.00 1.39  ? 54  ASP A OD1  1 
ATOM 839  O OD2  . ASP A 1 54  ? 16.163  -5.552  -6.736  1.00 1.36  ? 54  ASP A OD2  1 
ATOM 840  H H    . ASP A 1 54  ? 16.207  -2.031  -7.054  1.00 0.47  ? 54  ASP A H    1 
ATOM 841  H HA   . ASP A 1 54  ? 17.661  -3.259  -9.284  1.00 0.67  ? 54  ASP A HA   1 
ATOM 842  H HB2  . ASP A 1 54  ? 14.975  -3.833  -8.035  1.00 0.69  ? 54  ASP A HB2  1 
ATOM 843  H HB3  . ASP A 1 54  ? 15.525  -4.600  -9.525  1.00 0.83  ? 54  ASP A HB3  1 
ATOM 844  N N    . GLN A 1 55  ? 15.228  -1.102  -9.538  1.00 0.50  ? 55  GLN A N    1 
ATOM 845  C CA   . GLN A 1 55  ? 14.525  -0.235  -10.476 1.00 0.48  ? 55  GLN A CA   1 
ATOM 846  C C    . GLN A 1 55  ? 14.301  1.152   -9.881  1.00 0.41  ? 55  GLN A C    1 
ATOM 847  O O    . GLN A 1 55  ? 13.191  1.497   -9.476  1.00 0.47  ? 55  GLN A O    1 
ATOM 848  C CB   . GLN A 1 55  ? 13.178  -0.857  -10.848 1.00 0.60  ? 55  GLN A CB   1 
ATOM 849  C CG   . GLN A 1 55  ? 12.251  -0.835  -9.632  1.00 0.74  ? 55  GLN A CG   1 
ATOM 850  C CD   . GLN A 1 55  ? 11.790  -2.252  -9.306  1.00 1.07  ? 55  GLN A CD   1 
ATOM 851  O OE1  . GLN A 1 55  ? 10.904  -2.786  -9.972  1.00 1.79  ? 55  GLN A OE1  1 
ATOM 852  N NE2  . GLN A 1 55  ? 12.345  -2.894  -8.314  1.00 1.70  ? 55  GLN A NE2  1 
ATOM 853  H H    . GLN A 1 55  ? 15.103  -0.974  -8.574  1.00 0.53  ? 55  GLN A H    1 
ATOM 854  H HA   . GLN A 1 55  ? 15.119  -0.137  -11.372 1.00 0.46  ? 55  GLN A HA   1 
ATOM 855  H HB2  . GLN A 1 55  ? 12.731  -0.291  -11.654 1.00 0.64  ? 55  GLN A HB2  1 
ATOM 856  H HB3  . GLN A 1 55  ? 13.330  -1.877  -11.165 1.00 0.62  ? 55  GLN A HB3  1 
ATOM 857  H HG2  . GLN A 1 55  ? 12.782  -0.427  -8.786  1.00 1.24  ? 55  GLN A HG2  1 
ATOM 858  H HG3  . GLN A 1 55  ? 11.390  -0.221  -9.848  1.00 1.15  ? 55  GLN A HG3  1 
ATOM 859  H HE21 . GLN A 1 55  ? 13.050  -2.465  -7.786  1.00 2.09  ? 55  GLN A HE21 1 
ATOM 860  H HE22 . GLN A 1 55  ? 12.057  -3.805  -8.098  1.00 2.19  ? 55  GLN A HE22 1 
ATOM 861  N N    . PRO A 1 56  ? 15.334  1.945   -9.834  1.00 0.33  ? 56  PRO A N    1 
ATOM 862  C CA   . PRO A 1 56  ? 15.277  3.331   -9.297  1.00 0.32  ? 56  PRO A CA   1 
ATOM 863  C C    . PRO A 1 56  ? 14.590  4.288   -10.262 1.00 0.35  ? 56  PRO A C    1 
ATOM 864  O O    . PRO A 1 56  ? 14.406  5.470   -9.965  1.00 0.37  ? 56  PRO A O    1 
ATOM 865  C CB   . PRO A 1 56  ? 16.745  3.731   -9.107  1.00 0.35  ? 56  PRO A CB   1 
ATOM 866  C CG   . PRO A 1 56  ? 17.581  2.560   -9.529  1.00 0.36  ? 56  PRO A CG   1 
ATOM 867  C CD   . PRO A 1 56  ? 16.677  1.603   -10.302 1.00 0.33  ? 56  PRO A CD   1 
ATOM 868  H HA   . PRO A 1 56  ? 14.777  3.341   -8.342  1.00 0.33  ? 56  PRO A HA   1 
ATOM 869  H HB2  . PRO A 1 56  ? 16.966  4.584   -9.732  1.00 0.38  ? 56  PRO A HB2  1 
ATOM 870  H HB3  . PRO A 1 56  ? 16.937  3.968   -8.072  1.00 0.37  ? 56  PRO A HB3  1 
ATOM 871  H HG2  . PRO A 1 56  ? 18.390  2.897   -10.162 1.00 0.40  ? 56  PRO A HG2  1 
ATOM 872  H HG3  . PRO A 1 56  ? 17.977  2.059   -8.659  1.00 0.38  ? 56  PRO A HG3  1 
ATOM 873  H HD2  . PRO A 1 56  ? 16.768  1.773   -11.366 1.00 0.34  ? 56  PRO A HD2  1 
ATOM 874  H HD3  . PRO A 1 56  ? 16.908  0.579   -10.056 1.00 0.38  ? 56  PRO A HD3  1 
ATOM 875  N N    . GLN A 1 57  ? 14.232  3.770   -11.427 1.00 0.37  ? 57  GLN A N    1 
ATOM 876  C CA   . GLN A 1 57  ? 13.586  4.580   -12.453 1.00 0.43  ? 57  GLN A CA   1 
ATOM 877  C C    . GLN A 1 57  ? 12.145  4.905   -12.071 1.00 0.42  ? 57  GLN A C    1 
ATOM 878  O O    . GLN A 1 57  ? 11.710  6.050   -12.206 1.00 0.43  ? 57  GLN A O    1 
ATOM 879  C CB   . GLN A 1 57  ? 13.606  3.833   -13.787 1.00 0.50  ? 57  GLN A CB   1 
ATOM 880  C CG   . GLN A 1 57  ? 12.814  4.622   -14.830 1.00 0.51  ? 57  GLN A CG   1 
ATOM 881  C CD   . GLN A 1 57  ? 12.846  3.891   -16.169 1.00 0.60  ? 57  GLN A CD   1 
ATOM 882  O OE1  . GLN A 1 57  ? 13.691  3.020   -16.380 1.00 1.28  ? 57  GLN A OE1  1 
ATOM 883  N NE2  . GLN A 1 57  ? 11.970  4.193   -17.088 1.00 1.16  ? 57  GLN A NE2  1 
ATOM 884  H H    . GLN A 1 57  ? 14.423  2.828   -11.606 1.00 0.37  ? 57  GLN A H    1 
ATOM 885  H HA   . GLN A 1 57  ? 14.134  5.502   -12.565 1.00 0.46  ? 57  GLN A HA   1 
ATOM 886  H HB2  . GLN A 1 57  ? 14.627  3.719   -14.121 1.00 0.62  ? 57  GLN A HB2  1 
ATOM 887  H HB3  . GLN A 1 57  ? 13.159  2.858   -13.661 1.00 0.52  ? 57  GLN A HB3  1 
ATOM 888  H HG2  . GLN A 1 57  ? 11.791  4.724   -14.501 1.00 0.49  ? 57  GLN A HG2  1 
ATOM 889  H HG3  . GLN A 1 57  ? 13.253  5.601   -14.947 1.00 0.63  ? 57  GLN A HG3  1 
ATOM 890  H HE21 . GLN A 1 57  ? 11.299  4.886   -16.916 1.00 1.88  ? 57  GLN A HE21 1 
ATOM 891  H HE22 . GLN A 1 57  ? 11.985  3.727   -17.950 1.00 1.18  ? 57  GLN A HE22 1 
ATOM 892  N N    . LEU A 1 58  ? 11.405  3.913   -11.584 1.00 0.41  ? 58  LEU A N    1 
ATOM 893  C CA   . LEU A 1 58  ? 10.028  4.149   -11.188 1.00 0.41  ? 58  LEU A CA   1 
ATOM 894  C C    . LEU A 1 58  ? 9.995   4.917   -9.872  1.00 0.36  ? 58  LEU A C    1 
ATOM 895  O O    . LEU A 1 58  ? 9.025   5.612   -9.569  1.00 0.39  ? 58  LEU A O    1 
ATOM 896  C CB   . LEU A 1 58  ? 9.288   2.820   -11.042 1.00 0.45  ? 58  LEU A CB   1 
ATOM 897  C CG   . LEU A 1 58  ? 9.987   1.955   -10.000 1.00 0.72  ? 58  LEU A CG   1 
ATOM 898  C CD1  . LEU A 1 58  ? 10.042  2.707   -8.671  1.00 1.39  ? 58  LEU A CD1  1 
ATOM 899  C CD2  . LEU A 1 58  ? 9.209   0.650   -9.819  1.00 0.82  ? 58  LEU A CD2  1 
ATOM 900  H H    . LEU A 1 58  ? 11.788  3.017   -11.481 1.00 0.42  ? 58  LEU A H    1 
ATOM 901  H HA   . LEU A 1 58  ? 9.541   4.738   -11.950 1.00 0.44  ? 58  LEU A HA   1 
ATOM 902  H HB2  . LEU A 1 58  ? 8.275   3.010   -10.730 1.00 0.76  ? 58  LEU A HB2  1 
ATOM 903  H HB3  . LEU A 1 58  ? 9.282   2.305   -11.991 1.00 0.64  ? 58  LEU A HB3  1 
ATOM 904  H HG   . LEU A 1 58  ? 10.991  1.735   -10.331 1.00 1.08  ? 58  LEU A HG   1 
ATOM 905  H HD11 . LEU A 1 58  ? 10.938  2.428   -8.137  1.00 1.92  ? 58  LEU A HD11 1 
ATOM 906  H HD12 . LEU A 1 58  ? 9.175   2.457   -8.079  1.00 1.77  ? 58  LEU A HD12 1 
ATOM 907  H HD13 . LEU A 1 58  ? 10.053  3.770   -8.859  1.00 1.93  ? 58  LEU A HD13 1 
ATOM 908  H HD21 . LEU A 1 58  ? 9.741   0.003   -9.138  1.00 1.27  ? 58  LEU A HD21 1 
ATOM 909  H HD22 . LEU A 1 58  ? 9.105   0.158   -10.775 1.00 1.35  ? 58  LEU A HD22 1 
ATOM 910  H HD23 . LEU A 1 58  ? 8.230   0.867   -9.418  1.00 1.36  ? 58  LEU A HD23 1 
ATOM 911  N N    . VAL A 1 59  ? 11.077  4.801   -9.101  1.00 0.31  ? 59  VAL A N    1 
ATOM 912  C CA   . VAL A 1 59  ? 11.176  5.505   -7.828  1.00 0.28  ? 59  VAL A CA   1 
ATOM 913  C C    . VAL A 1 59  ? 11.207  7.004   -8.084  1.00 0.30  ? 59  VAL A C    1 
ATOM 914  O O    . VAL A 1 59  ? 10.527  7.776   -7.407  1.00 0.34  ? 59  VAL A O    1 
ATOM 915  C CB   . VAL A 1 59  ? 12.444  5.082   -7.085  1.00 0.27  ? 59  VAL A CB   1 
ATOM 916  C CG1  . VAL A 1 59  ? 12.559  5.875   -5.781  1.00 0.40  ? 59  VAL A CG1  1 
ATOM 917  C CG2  . VAL A 1 59  ? 12.372  3.588   -6.764  1.00 0.35  ? 59  VAL A CG2  1 
ATOM 918  H H    . VAL A 1 59  ? 11.825  4.244   -9.402  1.00 0.30  ? 59  VAL A H    1 
ATOM 919  H HA   . VAL A 1 59  ? 10.315  5.267   -7.220  1.00 0.30  ? 59  VAL A HA   1 
ATOM 920  H HB   . VAL A 1 59  ? 13.307  5.279   -7.704  1.00 0.26  ? 59  VAL A HB   1 
ATOM 921  H HG11 . VAL A 1 59  ? 11.976  6.782   -5.859  1.00 1.09  ? 59  VAL A HG11 1 
ATOM 922  H HG12 . VAL A 1 59  ? 13.594  6.128   -5.604  1.00 1.06  ? 59  VAL A HG12 1 
ATOM 923  H HG13 . VAL A 1 59  ? 12.189  5.277   -4.962  1.00 1.13  ? 59  VAL A HG13 1 
ATOM 924  H HG21 . VAL A 1 59  ? 11.395  3.210   -7.025  1.00 1.16  ? 59  VAL A HG21 1 
ATOM 925  H HG22 . VAL A 1 59  ? 12.546  3.438   -5.709  1.00 1.01  ? 59  VAL A HG22 1 
ATOM 926  H HG23 . VAL A 1 59  ? 13.126  3.062   -7.331  1.00 1.06  ? 59  VAL A HG23 1 
ATOM 927  N N    . GLU A 1 60  ? 11.987  7.406   -9.084  1.00 0.31  ? 60  GLU A N    1 
ATOM 928  C CA   . GLU A 1 60  ? 12.081  8.813   -9.440  1.00 0.38  ? 60  GLU A CA   1 
ATOM 929  C C    . GLU A 1 60  ? 10.761  9.266   -10.051 1.00 0.44  ? 60  GLU A C    1 
ATOM 930  O O    . GLU A 1 60  ? 10.332  10.403  -9.858  1.00 0.51  ? 60  GLU A O    1 
ATOM 931  C CB   . GLU A 1 60  ? 13.219  9.031   -10.442 1.00 0.39  ? 60  GLU A CB   1 
ATOM 932  C CG   . GLU A 1 60  ? 14.562  8.815   -9.743  1.00 0.39  ? 60  GLU A CG   1 
ATOM 933  C CD   . GLU A 1 60  ? 15.707  9.137   -10.697 1.00 0.49  ? 60  GLU A CD   1 
ATOM 934  O OE1  . GLU A 1 60  ? 15.876  8.405   -11.658 1.00 1.33  ? 60  GLU A OE1  1 
ATOM 935  O OE2  . GLU A 1 60  ? 16.400  10.111  -10.453 1.00 1.09  ? 60  GLU A OE2  1 
ATOM 936  H H    . GLU A 1 60  ? 12.494  6.742   -9.597  1.00 0.29  ? 60  GLU A H    1 
ATOM 937  H HA   . GLU A 1 60  ? 12.278  9.392   -8.551  1.00 0.41  ? 60  GLU A HA   1 
ATOM 938  H HB2  . GLU A 1 60  ? 13.119  8.328   -11.258 1.00 0.37  ? 60  GLU A HB2  1 
ATOM 939  H HB3  . GLU A 1 60  ? 13.173  10.038  -10.826 1.00 0.45  ? 60  GLU A HB3  1 
ATOM 940  H HG2  . GLU A 1 60  ? 14.623  9.460   -8.878  1.00 0.50  ? 60  GLU A HG2  1 
ATOM 941  H HG3  . GLU A 1 60  ? 14.640  7.785   -9.426  1.00 0.44  ? 60  GLU A HG3  1 
ATOM 942  N N    . TYR A 1 61  ? 10.114  8.354   -10.774 1.00 0.45  ? 61  TYR A N    1 
ATOM 943  C CA   . TYR A 1 61  ? 8.830   8.659   -11.392 1.00 0.55  ? 61  TYR A CA   1 
ATOM 944  C C    . TYR A 1 61  ? 7.859   9.145   -10.326 1.00 0.60  ? 61  TYR A C    1 
ATOM 945  O O    . TYR A 1 61  ? 7.173   10.151  -10.503 1.00 0.71  ? 61  TYR A O    1 
ATOM 946  C CB   . TYR A 1 61  ? 8.267   7.410   -12.075 1.00 0.57  ? 61  TYR A CB   1 
ATOM 947  C CG   . TYR A 1 61  ? 6.957   7.746   -12.747 1.00 0.71  ? 61  TYR A CG   1 
ATOM 948  C CD1  . TYR A 1 61  ? 6.953   8.392   -13.988 1.00 0.73  ? 61  TYR A CD1  1 
ATOM 949  C CD2  . TYR A 1 61  ? 5.746   7.409   -12.128 1.00 0.86  ? 61  TYR A CD2  1 
ATOM 950  C CE1  . TYR A 1 61  ? 5.738   8.702   -14.612 1.00 0.88  ? 61  TYR A CE1  1 
ATOM 951  C CE2  . TYR A 1 61  ? 4.532   7.720   -12.752 1.00 1.01  ? 61  TYR A CE2  1 
ATOM 952  C CZ   . TYR A 1 61  ? 4.528   8.366   -13.994 1.00 1.00  ? 61  TYR A CZ   1 
ATOM 953  O OH   . TYR A 1 61  ? 3.331   8.672   -14.608 1.00 1.16  ? 61  TYR A OH   1 
ATOM 954  H H    . TYR A 1 61  ? 10.499  7.459   -10.881 1.00 0.40  ? 61  TYR A H    1 
ATOM 955  H HA   . TYR A 1 61  ? 8.966   9.435   -12.128 1.00 0.58  ? 61  TYR A HA   1 
ATOM 956  H HB2  . TYR A 1 61  ? 8.970   7.056   -12.814 1.00 0.55  ? 61  TYR A HB2  1 
ATOM 957  H HB3  . TYR A 1 61  ? 8.104   6.640   -11.336 1.00 0.56  ? 61  TYR A HB3  1 
ATOM 958  H HD1  . TYR A 1 61  ? 7.886   8.652   -14.466 1.00 0.68  ? 61  TYR A HD1  1 
ATOM 959  H HD2  . TYR A 1 61  ? 5.750   6.911   -11.171 1.00 0.90  ? 61  TYR A HD2  1 
ATOM 960  H HE1  . TYR A 1 61  ? 5.735   9.200   -15.570 1.00 0.93  ? 61  TYR A HE1  1 
ATOM 961  H HE2  . TYR A 1 61  ? 3.598   7.461   -12.275 1.00 1.15  ? 61  TYR A HE2  1 
ATOM 962  H HH   . TYR A 1 61  ? 3.247   8.116   -15.386 1.00 1.40  ? 61  TYR A HH   1 
ATOM 963  N N    . TYR A 1 62  ? 7.832   8.431   -9.206  1.00 0.55  ? 62  TYR A N    1 
ATOM 964  C CA   . TYR A 1 62  ? 6.975   8.795   -8.094  1.00 0.61  ? 62  TYR A CA   1 
ATOM 965  C C    . TYR A 1 62  ? 7.689   9.816   -7.224  1.00 0.63  ? 62  TYR A C    1 
ATOM 966  O O    . TYR A 1 62  ? 7.342   10.008  -6.059  1.00 0.67  ? 62  TYR A O    1 
ATOM 967  C CB   . TYR A 1 62  ? 6.662   7.558   -7.254  1.00 0.56  ? 62  TYR A CB   1 
ATOM 968  C CG   . TYR A 1 62  ? 5.916   6.541   -8.084  1.00 0.64  ? 62  TYR A CG   1 
ATOM 969  C CD1  . TYR A 1 62  ? 4.611   6.806   -8.515  1.00 0.80  ? 62  TYR A CD1  1 
ATOM 970  C CD2  . TYR A 1 62  ? 6.532   5.329   -8.418  1.00 0.60  ? 62  TYR A CD2  1 
ATOM 971  C CE1  . TYR A 1 62  ? 3.921   5.858   -9.279  1.00 0.91  ? 62  TYR A CE1  1 
ATOM 972  C CE2  . TYR A 1 62  ? 5.843   4.382   -9.181  1.00 0.73  ? 62  TYR A CE2  1 
ATOM 973  C CZ   . TYR A 1 62  ? 4.538   4.645   -9.613  1.00 0.87  ? 62  TYR A CZ   1 
ATOM 974  O OH   . TYR A 1 62  ? 3.857   3.710   -10.367 1.00 1.01  ? 62  TYR A OH   1 
ATOM 975  H H    . TYR A 1 62  ? 8.416   7.650   -9.118  1.00 0.48  ? 62  TYR A H    1 
ATOM 976  H HA   . TYR A 1 62  ? 6.054   9.217   -8.469  1.00 0.71  ? 62  TYR A HA   1 
ATOM 977  H HB2  . TYR A 1 62  ? 7.585   7.123   -6.902  1.00 0.46  ? 62  TYR A HB2  1 
ATOM 978  H HB3  . TYR A 1 62  ? 6.058   7.843   -6.411  1.00 0.61  ? 62  TYR A HB3  1 
ATOM 979  H HD1  . TYR A 1 62  ? 4.136   7.742   -8.257  1.00 0.87  ? 62  TYR A HD1  1 
ATOM 980  H HD2  . TYR A 1 62  ? 7.539   5.126   -8.085  1.00 0.51  ? 62  TYR A HD2  1 
ATOM 981  H HE1  . TYR A 1 62  ? 2.915   6.062   -9.612  1.00 1.04  ? 62  TYR A HE1  1 
ATOM 982  H HE2  . TYR A 1 62  ? 6.321   3.446   -9.438  1.00 0.75  ? 62  TYR A HE2  1 
ATOM 983  H HH   . TYR A 1 62  ? 4.075   2.839   -10.027 1.00 1.44  ? 62  TYR A HH   1 
ATOM 984  N N    . ARG A 1 63  ? 8.710   10.453  -7.791  1.00 0.63  ? 63  ARG A N    1 
ATOM 985  C CA   . ARG A 1 63  ? 9.481   11.427  -7.042  1.00 0.69  ? 63  ARG A CA   1 
ATOM 986  C C    . ARG A 1 63  ? 9.979   10.772  -5.765  1.00 0.62  ? 63  ARG A C    1 
ATOM 987  O O    . ARG A 1 63  ? 10.616  11.404  -4.920  1.00 0.66  ? 63  ARG A O    1 
ATOM 988  C CB   . ARG A 1 63  ? 8.607   12.634  -6.722  1.00 0.83  ? 63  ARG A CB   1 
ATOM 989  C CG   . ARG A 1 63  ? 7.992   13.158  -8.020  1.00 0.97  ? 63  ARG A CG   1 
ATOM 990  C CD   . ARG A 1 63  ? 7.850   14.676  -7.951  1.00 1.69  ? 63  ARG A CD   1 
ATOM 991  N NE   . ARG A 1 63  ? 6.570   15.078  -8.516  1.00 2.29  ? 63  ARG A NE   1 
ATOM 992  C CZ   . ARG A 1 63  ? 6.164   16.340  -8.471  1.00 3.09  ? 63  ARG A CZ   1 
ATOM 993  N NH1  . ARG A 1 63  ? 5.908   16.904  -7.322  1.00 3.60  ? 63  ARG A NH1  1 
ATOM 994  N NH2  . ARG A 1 63  ? 6.022   17.015  -9.575  1.00 3.74  ? 63  ARG A NH2  1 
ATOM 995  H H    . ARG A 1 63  ? 8.955   10.250  -8.715  1.00 0.61  ? 63  ARG A H    1 
ATOM 996  H HA   . ARG A 1 63  ? 10.327  11.744  -7.634  1.00 0.72  ? 63  ARG A HA   1 
ATOM 997  H HB2  . ARG A 1 63  ? 7.820   12.332  -6.046  1.00 0.81  ? 63  ARG A HB2  1 
ATOM 998  H HB3  . ARG A 1 63  ? 9.205   13.407  -6.266  1.00 0.89  ? 63  ARG A HB3  1 
ATOM 999  H HG2  . ARG A 1 63  ? 8.631   12.893  -8.850  1.00 1.29  ? 63  ARG A HG2  1 
ATOM 1000 H HG3  . ARG A 1 63  ? 7.019   12.714  -8.160  1.00 1.19  ? 63  ARG A HG3  1 
ATOM 1001 H HD2  . ARG A 1 63  ? 7.904   14.996  -6.921  1.00 2.30  ? 63  ARG A HD2  1 
ATOM 1002 H HD3  . ARG A 1 63  ? 8.651   15.135  -8.512  1.00 2.10  ? 63  ARG A HD3  1 
ATOM 1003 H HE   . ARG A 1 63  ? 5.999   14.403  -8.941  1.00 2.64  ? 63  ARG A HE   1 
ATOM 1004 H HH11 . ARG A 1 63  ? 6.019   16.386  -6.473  1.00 3.40  ? 63  ARG A HH11 1 
ATOM 1005 H HH12 . ARG A 1 63  ? 5.607   17.857  -7.290  1.00 4.37  ? 63  ARG A HH12 1 
ATOM 1006 H HH21 . ARG A 1 63  ? 6.219   16.581  -10.455 1.00 3.64  ? 63  ARG A HH21 1 
ATOM 1007 H HH22 . ARG A 1 63  ? 5.715   17.966  -9.543  1.00 4.52  ? 63  ARG A HH22 1 
ATOM 1008 N N    . LEU A 1 64  ? 9.676   9.484   -5.651  1.00 0.52  ? 64  LEU A N    1 
ATOM 1009 C CA   . LEU A 1 64  ? 10.074  8.690   -4.499  1.00 0.45  ? 64  LEU A CA   1 
ATOM 1010 C C    . LEU A 1 64  ? 11.593  8.671   -4.363  1.00 0.49  ? 64  LEU A C    1 
ATOM 1011 O O    . LEU A 1 64  ? 12.279  7.939   -5.077  1.00 0.85  ? 64  LEU A O    1 
ATOM 1012 C CB   . LEU A 1 64  ? 9.555   7.264   -4.682  1.00 0.38  ? 64  LEU A CB   1 
ATOM 1013 C CG   . LEU A 1 64  ? 9.497   6.556   -3.335  1.00 0.35  ? 64  LEU A CG   1 
ATOM 1014 C CD1  . LEU A 1 64  ? 10.910  6.421   -2.769  1.00 0.41  ? 64  LEU A CD1  1 
ATOM 1015 C CD2  . LEU A 1 64  ? 8.631   7.366   -2.369  1.00 0.44  ? 64  LEU A CD2  1 
ATOM 1016 H H    . LEU A 1 64  ? 9.170   9.053   -6.370  1.00 0.50  ? 64  LEU A H    1 
ATOM 1017 H HA   . LEU A 1 64  ? 9.640   9.112   -3.608  1.00 0.48  ? 64  LEU A HA   1 
ATOM 1018 H HB2  . LEU A 1 64  ? 8.566   7.296   -5.115  1.00 0.42  ? 64  LEU A HB2  1 
ATOM 1019 H HB3  . LEU A 1 64  ? 10.217  6.724   -5.341  1.00 0.36  ? 64  LEU A HB3  1 
ATOM 1020 H HG   . LEU A 1 64  ? 9.070   5.575   -3.468  1.00 0.35  ? 64  LEU A HG   1 
ATOM 1021 H HD11 . LEU A 1 64  ? 11.047  5.423   -2.381  1.00 1.17  ? 64  LEU A HD11 1 
ATOM 1022 H HD12 . LEU A 1 64  ? 11.051  7.140   -1.977  1.00 1.02  ? 64  LEU A HD12 1 
ATOM 1023 H HD13 . LEU A 1 64  ? 11.629  6.603   -3.554  1.00 1.08  ? 64  LEU A HD13 1 
ATOM 1024 H HD21 . LEU A 1 64  ? 8.395   6.763   -1.506  1.00 1.13  ? 64  LEU A HD21 1 
ATOM 1025 H HD22 . LEU A 1 64  ? 7.717   7.656   -2.867  1.00 1.03  ? 64  LEU A HD22 1 
ATOM 1026 H HD23 . LEU A 1 64  ? 9.168   8.250   -2.058  1.00 1.19  ? 64  LEU A HD23 1 
ATOM 1027 N N    . VAL A 1 65  ? 12.116  9.486   -3.453  1.00 0.36  ? 65  VAL A N    1 
ATOM 1028 C CA   . VAL A 1 65  ? 13.558  9.555   -3.249  1.00 0.38  ? 65  VAL A CA   1 
ATOM 1029 C C    . VAL A 1 65  ? 13.947  9.069   -1.854  1.00 0.32  ? 65  VAL A C    1 
ATOM 1030 O O    . VAL A 1 65  ? 15.131  8.902   -1.561  1.00 0.37  ? 65  VAL A O    1 
ATOM 1031 C CB   . VAL A 1 65  ? 14.040  10.995  -3.439  1.00 0.51  ? 65  VAL A CB   1 
ATOM 1032 C CG1  . VAL A 1 65  ? 15.512  10.993  -3.858  1.00 0.65  ? 65  VAL A CG1  1 
ATOM 1033 C CG2  . VAL A 1 65  ? 13.204  11.673  -4.528  1.00 0.71  ? 65  VAL A CG2  1 
ATOM 1034 H H    . VAL A 1 65  ? 11.524  10.052  -2.918  1.00 0.54  ? 65  VAL A H    1 
ATOM 1035 H HA   . VAL A 1 65  ? 14.043  8.929   -3.983  1.00 0.39  ? 65  VAL A HA   1 
ATOM 1036 H HB   . VAL A 1 65  ? 13.931  11.535  -2.510  1.00 0.50  ? 65  VAL A HB   1 
ATOM 1037 H HG11 . VAL A 1 65  ? 16.021  11.822  -3.387  1.00 1.21  ? 65  VAL A HG11 1 
ATOM 1038 H HG12 . VAL A 1 65  ? 15.581  11.093  -4.931  1.00 1.27  ? 65  VAL A HG12 1 
ATOM 1039 H HG13 . VAL A 1 65  ? 15.973  10.066  -3.552  1.00 1.18  ? 65  VAL A HG13 1 
ATOM 1040 H HG21 . VAL A 1 65  ? 13.323  12.744  -4.457  1.00 1.14  ? 65  VAL A HG21 1 
ATOM 1041 H HG22 . VAL A 1 65  ? 12.163  11.416  -4.395  1.00 1.42  ? 65  VAL A HG22 1 
ATOM 1042 H HG23 . VAL A 1 65  ? 13.537  11.337  -5.499  1.00 1.23  ? 65  VAL A HG23 1 
ATOM 1043 N N    . VAL A 1 66  ? 12.957  8.856   -0.990  1.00 0.26  ? 66  VAL A N    1 
ATOM 1044 C CA   . VAL A 1 66  ? 13.239  8.408   0.365   1.00 0.23  ? 66  VAL A CA   1 
ATOM 1045 C C    . VAL A 1 66  ? 12.901  6.931   0.550   1.00 0.19  ? 66  VAL A C    1 
ATOM 1046 O O    . VAL A 1 66  ? 11.936  6.424   -0.022  1.00 0.20  ? 66  VAL A O    1 
ATOM 1047 C CB   . VAL A 1 66  ? 12.432  9.238   1.357   1.00 0.24  ? 66  VAL A CB   1 
ATOM 1048 C CG1  . VAL A 1 66  ? 12.908  10.692  1.315   1.00 0.30  ? 66  VAL A CG1  1 
ATOM 1049 C CG2  . VAL A 1 66  ? 10.948  9.173   0.994   1.00 0.27  ? 66  VAL A CG2  1 
ATOM 1050 H H    . VAL A 1 66  ? 12.030  9.010   -1.261  1.00 0.28  ? 66  VAL A H    1 
ATOM 1051 H HA   . VAL A 1 66  ? 14.289  8.553   0.568   1.00 0.26  ? 66  VAL A HA   1 
ATOM 1052 H HB   . VAL A 1 66  ? 12.577  8.844   2.345   1.00 0.26  ? 66  VAL A HB   1 
ATOM 1053 H HG11 . VAL A 1 66  ? 12.420  11.207  0.501   1.00 1.04  ? 66  VAL A HG11 1 
ATOM 1054 H HG12 . VAL A 1 66  ? 13.978  10.715  1.166   1.00 1.01  ? 66  VAL A HG12 1 
ATOM 1055 H HG13 . VAL A 1 66  ? 12.663  11.178  2.249   1.00 1.05  ? 66  VAL A HG13 1 
ATOM 1056 H HG21 . VAL A 1 66  ? 10.735  8.225   0.520   1.00 1.04  ? 66  VAL A HG21 1 
ATOM 1057 H HG22 . VAL A 1 66  ? 10.706  9.978   0.315   1.00 1.04  ? 66  VAL A HG22 1 
ATOM 1058 H HG23 . VAL A 1 66  ? 10.353  9.267   1.893   1.00 1.01  ? 66  VAL A HG23 1 
ATOM 1059 N N    . THR A 1 67  ? 13.700  6.256   1.371   1.00 0.19  ? 67  THR A N    1 
ATOM 1060 C CA   . THR A 1 67  ? 13.484  4.842   1.652   1.00 0.17  ? 67  THR A CA   1 
ATOM 1061 C C    . THR A 1 67  ? 13.787  4.552   3.120   1.00 0.20  ? 67  THR A C    1 
ATOM 1062 O O    . THR A 1 67  ? 14.667  5.171   3.716   1.00 0.24  ? 67  THR A O    1 
ATOM 1063 C CB   . THR A 1 67  ? 14.375  3.980   0.756   1.00 0.20  ? 67  THR A CB   1 
ATOM 1064 O OG1  . THR A 1 67  ? 15.722  4.417   0.866   1.00 0.26  ? 67  THR A OG1  1 
ATOM 1065 C CG2  . THR A 1 67  ? 13.911  4.105   -0.697  1.00 0.24  ? 67  THR A CG2  1 
ATOM 1066 H H    . THR A 1 67  ? 14.444  6.722   1.804   1.00 0.23  ? 67  THR A H    1 
ATOM 1067 H HA   . THR A 1 67  ? 12.451  4.601   1.454   1.00 0.15  ? 67  THR A HA   1 
ATOM 1068 H HB   . THR A 1 67  ? 14.304  2.947   1.062   1.00 0.20  ? 67  THR A HB   1 
ATOM 1069 H HG1  . THR A 1 67  ? 15.783  5.292   0.475   1.00 0.93  ? 67  THR A HG1  1 
ATOM 1070 H HG21 . THR A 1 67  ? 13.561  5.112   -0.878  1.00 0.96  ? 67  THR A HG21 1 
ATOM 1071 H HG22 . THR A 1 67  ? 13.108  3.406   -0.881  1.00 1.06  ? 67  THR A HG22 1 
ATOM 1072 H HG23 . THR A 1 67  ? 14.736  3.888   -1.359  1.00 1.04  ? 67  THR A HG23 1 
ATOM 1073 N N    . PRO A 1 68  ? 13.064  3.640   3.707   1.00 0.21  ? 68  PRO A N    1 
ATOM 1074 C CA   . PRO A 1 68  ? 11.997  2.883   3.002   1.00 0.18  ? 68  PRO A CA   1 
ATOM 1075 C C    . PRO A 1 68  ? 10.770  3.746   2.735   1.00 0.17  ? 68  PRO A C    1 
ATOM 1076 O O    . PRO A 1 68  ? 10.634  4.840   3.284   1.00 0.18  ? 68  PRO A O    1 
ATOM 1077 C CB   . PRO A 1 68  ? 11.643  1.731   3.953   1.00 0.21  ? 68  PRO A CB   1 
ATOM 1078 C CG   . PRO A 1 68  ? 12.515  1.870   5.164   1.00 0.25  ? 68  PRO A CG   1 
ATOM 1079 C CD   . PRO A 1 68  ? 13.186  3.241   5.107   1.00 0.26  ? 68  PRO A CD   1 
ATOM 1080 H HA   . PRO A 1 68  ? 12.376  2.481   2.077   1.00 0.17  ? 68  PRO A HA   1 
ATOM 1081 H HB2  . PRO A 1 68  ? 10.602  1.797   4.236   1.00 0.22  ? 68  PRO A HB2  1 
ATOM 1082 H HB3  . PRO A 1 68  ? 11.835  0.785   3.471   1.00 0.21  ? 68  PRO A HB3  1 
ATOM 1083 H HG2  . PRO A 1 68  ? 11.910  1.795   6.058   1.00 0.28  ? 68  PRO A HG2  1 
ATOM 1084 H HG3  . PRO A 1 68  ? 13.269  1.098   5.164   1.00 0.26  ? 68  PRO A HG3  1 
ATOM 1085 H HD2  . PRO A 1 68  ? 12.669  3.941   5.750   1.00 0.29  ? 68  PRO A HD2  1 
ATOM 1086 H HD3  . PRO A 1 68  ? 14.226  3.166   5.385   1.00 0.29  ? 68  PRO A HD3  1 
ATOM 1087 N N    . ALA A 1 69  ? 9.878   3.245   1.890   1.00 0.18  ? 69  ALA A N    1 
ATOM 1088 C CA   . ALA A 1 69  ? 8.666   3.976   1.559   1.00 0.18  ? 69  ALA A CA   1 
ATOM 1089 C C    . ALA A 1 69  ? 7.571   3.020   1.094   1.00 0.19  ? 69  ALA A C    1 
ATOM 1090 O O    . ALA A 1 69  ? 7.854   1.930   0.595   1.00 0.25  ? 69  ALA A O    1 
ATOM 1091 C CB   . ALA A 1 69  ? 8.957   4.994   0.455   1.00 0.21  ? 69  ALA A CB   1 
ATOM 1092 H H    . ALA A 1 69  ? 10.038  2.367   1.485   1.00 0.20  ? 69  ALA A H    1 
ATOM 1093 H HA   . ALA A 1 69  ? 8.325   4.506   2.438   1.00 0.18  ? 69  ALA A HA   1 
ATOM 1094 H HB1  . ALA A 1 69  ? 9.670   5.721   0.814   1.00 1.02  ? 69  ALA A HB1  1 
ATOM 1095 H HB2  . ALA A 1 69  ? 8.042   5.495   0.175   1.00 1.05  ? 69  ALA A HB2  1 
ATOM 1096 H HB3  . ALA A 1 69  ? 9.367   4.484   -0.406  1.00 1.01  ? 69  ALA A HB3  1 
ATOM 1097 N N    . LEU A 1 70  ? 6.324   3.444   1.250   1.00 0.18  ? 70  LEU A N    1 
ATOM 1098 C CA   . LEU A 1 70  ? 5.184   2.637   0.834   1.00 0.18  ? 70  LEU A CA   1 
ATOM 1099 C C    . LEU A 1 70  ? 4.288   3.465   -0.079  1.00 0.19  ? 70  LEU A C    1 
ATOM 1100 O O    . LEU A 1 70  ? 4.130   4.668   0.127   1.00 0.23  ? 70  LEU A O    1 
ATOM 1101 C CB   . LEU A 1 70  ? 4.392   2.174   2.058   1.00 0.20  ? 70  LEU A CB   1 
ATOM 1102 C CG   . LEU A 1 70  ? 3.500   0.992   1.674   1.00 0.22  ? 70  LEU A CG   1 
ATOM 1103 C CD1  . LEU A 1 70  ? 3.085   0.233   2.936   1.00 0.29  ? 70  LEU A CD1  1 
ATOM 1104 C CD2  . LEU A 1 70  ? 2.252   1.510   0.957   1.00 0.21  ? 70  LEU A CD2  1 
ATOM 1105 H H    . LEU A 1 70  ? 6.168   4.323   1.643   1.00 0.21  ? 70  LEU A H    1 
ATOM 1106 H HA   . LEU A 1 70  ? 5.540   1.773   0.293   1.00 0.19  ? 70  LEU A HA   1 
ATOM 1107 H HB2  . LEU A 1 70  ? 5.078   1.870   2.837   1.00 0.22  ? 70  LEU A HB2  1 
ATOM 1108 H HB3  . LEU A 1 70  ? 3.776   2.985   2.417   1.00 0.22  ? 70  LEU A HB3  1 
ATOM 1109 H HG   . LEU A 1 70  ? 4.045   0.328   1.018   1.00 0.23  ? 70  LEU A HG   1 
ATOM 1110 H HD11 . LEU A 1 70  ? 3.695   0.554   3.766   1.00 0.98  ? 70  LEU A HD11 1 
ATOM 1111 H HD12 . LEU A 1 70  ? 3.218   -0.827  2.778   1.00 1.11  ? 70  LEU A HD12 1 
ATOM 1112 H HD13 . LEU A 1 70  ? 2.046   0.436   3.152   1.00 1.08  ? 70  LEU A HD13 1 
ATOM 1113 H HD21 . LEU A 1 70  ? 1.813   0.713   0.376   1.00 1.03  ? 70  LEU A HD21 1 
ATOM 1114 H HD22 . LEU A 1 70  ? 2.524   2.325   0.303   1.00 1.00  ? 70  LEU A HD22 1 
ATOM 1115 H HD23 . LEU A 1 70  ? 1.536   1.859   1.688   1.00 1.03  ? 70  LEU A HD23 1 
ATOM 1116 N N    . VAL A 1 71  ? 3.718   2.831   -1.098  1.00 0.18  ? 71  VAL A N    1 
ATOM 1117 C CA   . VAL A 1 71  ? 2.865   3.556   -2.031  1.00 0.21  ? 71  VAL A CA   1 
ATOM 1118 C C    . VAL A 1 71  ? 1.651   2.734   -2.447  1.00 0.20  ? 71  VAL A C    1 
ATOM 1119 O O    . VAL A 1 71  ? 1.782   1.650   -3.017  1.00 0.20  ? 71  VAL A O    1 
ATOM 1120 C CB   . VAL A 1 71  ? 3.671   3.932   -3.275  1.00 0.25  ? 71  VAL A CB   1 
ATOM 1121 C CG1  . VAL A 1 71  ? 2.839   4.862   -4.161  1.00 0.32  ? 71  VAL A CG1  1 
ATOM 1122 C CG2  . VAL A 1 71  ? 4.958   4.647   -2.853  1.00 0.26  ? 71  VAL A CG2  1 
ATOM 1123 H H    . VAL A 1 71  ? 3.885   1.875   -1.231  1.00 0.17  ? 71  VAL A H    1 
ATOM 1124 H HA   . VAL A 1 71  ? 2.524   4.462   -1.556  1.00 0.23  ? 71  VAL A HA   1 
ATOM 1125 H HB   . VAL A 1 71  ? 3.918   3.037   -3.827  1.00 0.25  ? 71  VAL A HB   1 
ATOM 1126 H HG11 . VAL A 1 71  ? 2.577   5.750   -3.606  1.00 1.06  ? 71  VAL A HG11 1 
ATOM 1127 H HG12 . VAL A 1 71  ? 1.939   4.352   -4.473  1.00 1.11  ? 71  VAL A HG12 1 
ATOM 1128 H HG13 . VAL A 1 71  ? 3.416   5.138   -5.032  1.00 1.01  ? 71  VAL A HG13 1 
ATOM 1129 H HG21 . VAL A 1 71  ? 4.746   5.314   -2.030  1.00 0.88  ? 71  VAL A HG21 1 
ATOM 1130 H HG22 . VAL A 1 71  ? 5.344   5.215   -3.687  1.00 1.04  ? 71  VAL A HG22 1 
ATOM 1131 H HG23 . VAL A 1 71  ? 5.690   3.915   -2.544  1.00 1.01  ? 71  VAL A HG23 1 
ATOM 1132 N N    . LYS A 1 72  ? 0.467   3.276   -2.179  1.00 0.21  ? 72  LYS A N    1 
ATOM 1133 C CA   . LYS A 1 72  ? -0.775  2.612   -2.551  1.00 0.21  ? 72  LYS A CA   1 
ATOM 1134 C C    . LYS A 1 72  ? -1.184  3.059   -3.950  1.00 0.22  ? 72  LYS A C    1 
ATOM 1135 O O    . LYS A 1 72  ? -1.220  4.254   -4.240  1.00 0.25  ? 72  LYS A O    1 
ATOM 1136 C CB   . LYS A 1 72  ? -1.879  2.964   -1.550  1.00 0.23  ? 72  LYS A CB   1 
ATOM 1137 C CG   . LYS A 1 72  ? -3.145  2.174   -1.885  1.00 0.27  ? 72  LYS A CG   1 
ATOM 1138 C CD   . LYS A 1 72  ? -4.318  3.140   -2.055  1.00 0.57  ? 72  LYS A CD   1 
ATOM 1139 C CE   . LYS A 1 72  ? -5.506  2.651   -1.225  1.00 0.90  ? 72  LYS A CE   1 
ATOM 1140 N NZ   . LYS A 1 72  ? -6.758  3.281   -1.732  1.00 1.65  ? 72  LYS A NZ   1 
ATOM 1141 H H    . LYS A 1 72  ? 0.429   4.152   -1.740  1.00 0.22  ? 72  LYS A H    1 
ATOM 1142 H HA   . LYS A 1 72  ? -0.623  1.543   -2.550  1.00 0.21  ? 72  LYS A HA   1 
ATOM 1143 H HB2  . LYS A 1 72  ? -1.551  2.715   -0.552  1.00 0.26  ? 72  LYS A HB2  1 
ATOM 1144 H HB3  . LYS A 1 72  ? -2.092  4.021   -1.606  1.00 0.26  ? 72  LYS A HB3  1 
ATOM 1145 H HG2  . LYS A 1 72  ? -2.994  1.623   -2.802  1.00 0.51  ? 72  LYS A HG2  1 
ATOM 1146 H HG3  . LYS A 1 72  ? -3.362  1.485   -1.082  1.00 0.38  ? 72  LYS A HG3  1 
ATOM 1147 H HD2  . LYS A 1 72  ? -4.024  4.124   -1.720  1.00 1.24  ? 72  LYS A HD2  1 
ATOM 1148 H HD3  . LYS A 1 72  ? -4.601  3.183   -3.096  1.00 0.92  ? 72  LYS A HD3  1 
ATOM 1149 H HE2  . LYS A 1 72  ? -5.585  1.577   -1.308  1.00 1.40  ? 72  LYS A HE2  1 
ATOM 1150 H HE3  . LYS A 1 72  ? -5.359  2.923   -0.190  1.00 1.28  ? 72  LYS A HE3  1 
ATOM 1151 H HZ1  . LYS A 1 72  ? -7.243  2.623   -2.373  1.00 2.21  ? 72  LYS A HZ1  1 
ATOM 1152 H HZ2  . LYS A 1 72  ? -6.522  4.156   -2.243  1.00 2.07  ? 72  LYS A HZ2  1 
ATOM 1153 H HZ3  . LYS A 1 72  ? -7.382  3.506   -0.931  1.00 2.04  ? 72  LYS A HZ3  1 
ATOM 1154 N N    . ILE A 1 73  ? -1.468  2.099   -4.821  1.00 0.23  ? 73  ILE A N    1 
ATOM 1155 C CA   . ILE A 1 73  ? -1.844  2.427   -6.192  1.00 0.26  ? 73  ILE A CA   1 
ATOM 1156 C C    . ILE A 1 73  ? -3.353  2.335   -6.392  1.00 0.30  ? 73  ILE A C    1 
ATOM 1157 O O    . ILE A 1 73  ? -3.901  2.955   -7.303  1.00 0.34  ? 73  ILE A O    1 
ATOM 1158 C CB   . ILE A 1 73  ? -1.141  1.480   -7.164  1.00 0.28  ? 73  ILE A CB   1 
ATOM 1159 C CG1  . ILE A 1 73  ? -0.913  0.128   -6.481  1.00 0.26  ? 73  ILE A CG1  1 
ATOM 1160 C CG2  . ILE A 1 73  ? 0.207   2.078   -7.573  1.00 0.31  ? 73  ILE A CG2  1 
ATOM 1161 C CD1  . ILE A 1 73  ? 0.399   0.167   -5.693  1.00 0.24  ? 73  ILE A CD1  1 
ATOM 1162 H H    . ILE A 1 73  ? -1.408  1.161   -4.547  1.00 0.24  ? 73  ILE A H    1 
ATOM 1163 H HA   . ILE A 1 73  ? -1.529  3.438   -6.405  1.00 0.27  ? 73  ILE A HA   1 
ATOM 1164 H HB   . ILE A 1 73  ? -1.755  1.343   -8.042  1.00 0.33  ? 73  ILE A HB   1 
ATOM 1165 H HG12 . ILE A 1 73  ? -1.732  -0.076  -5.807  1.00 0.26  ? 73  ILE A HG12 1 
ATOM 1166 H HG13 . ILE A 1 73  ? -0.858  -0.648  -7.229  1.00 0.31  ? 73  ILE A HG13 1 
ATOM 1167 H HG21 . ILE A 1 73  ? 0.611   1.521   -8.405  1.00 1.01  ? 73  ILE A HG21 1 
ATOM 1168 H HG22 . ILE A 1 73  ? 0.891   2.027   -6.738  1.00 1.09  ? 73  ILE A HG22 1 
ATOM 1169 H HG23 . ILE A 1 73  ? 0.069   3.109   -7.863  1.00 1.02  ? 73  ILE A HG23 1 
ATOM 1170 H HD11 . ILE A 1 73  ? 0.185   0.130   -4.635  1.00 1.05  ? 73  ILE A HD11 1 
ATOM 1171 H HD12 . ILE A 1 73  ? 0.929   1.080   -5.921  1.00 1.05  ? 73  ILE A HD12 1 
ATOM 1172 H HD13 . ILE A 1 73  ? 1.009   -0.682  -5.967  1.00 1.03  ? 73  ILE A HD13 1 
ATOM 1173 N N    . GLY A 1 74  ? -4.025  1.567   -5.543  1.00 0.30  ? 74  GLY A N    1 
ATOM 1174 C CA   . GLY A 1 74  ? -5.471  1.427   -5.660  1.00 0.35  ? 74  GLY A CA   1 
ATOM 1175 C C    . GLY A 1 74  ? -5.958  0.100   -5.090  1.00 0.37  ? 74  GLY A C    1 
ATOM 1176 O O    . GLY A 1 74  ? -5.189  -0.666  -4.508  1.00 0.37  ? 74  GLY A O    1 
ATOM 1177 H H    . GLY A 1 74  ? -3.545  1.095   -4.829  1.00 0.29  ? 74  GLY A H    1 
ATOM 1178 H HA2  . GLY A 1 74  ? -5.947  2.236   -5.127  1.00 0.38  ? 74  GLY A HA2  1 
ATOM 1179 H HA3  . GLY A 1 74  ? -5.745  1.482   -6.703  1.00 0.39  ? 74  GLY A HA3  1 
ATOM 1180 N N    . PRO A 1 75  ? -7.225  -0.165  -5.246  1.00 0.46  ? 75  PRO A N    1 
ATOM 1181 C CA   . PRO A 1 75  ? -8.144  0.766   -5.951  1.00 0.52  ? 75  PRO A CA   1 
ATOM 1182 C C    . PRO A 1 75  ? -8.286  2.093   -5.208  1.00 0.55  ? 75  PRO A C    1 
ATOM 1183 O O    . PRO A 1 75  ? -7.840  2.227   -4.068  1.00 1.16  ? 75  PRO A O    1 
ATOM 1184 C CB   . PRO A 1 75  ? -9.487  0.031   -6.024  1.00 0.65  ? 75  PRO A CB   1 
ATOM 1185 C CG   . PRO A 1 75  ? -9.308  -1.307  -5.371  1.00 0.66  ? 75  PRO A CG   1 
ATOM 1186 C CD   . PRO A 1 75  ? -7.903  -1.372  -4.766  1.00 0.55  ? 75  PRO A CD   1 
ATOM 1187 H HA   . PRO A 1 75  ? -7.784  0.947   -6.951  1.00 0.52  ? 75  PRO A HA   1 
ATOM 1188 H HB2  . PRO A 1 75  ? -10.245 0.597   -5.500  1.00 0.71  ? 75  PRO A HB2  1 
ATOM 1189 H HB3  . PRO A 1 75  ? -9.777  -0.104  -7.055  1.00 0.70  ? 75  PRO A HB3  1 
ATOM 1190 H HG2  . PRO A 1 75  ? -10.047 -1.432  -4.593  1.00 0.74  ? 75  PRO A HG2  1 
ATOM 1191 H HG3  . PRO A 1 75  ? -9.417  -2.088  -6.107  1.00 0.72  ? 75  PRO A HG3  1 
ATOM 1192 H HD2  . PRO A 1 75  ? -7.960  -1.368  -3.686  1.00 0.57  ? 75  PRO A HD2  1 
ATOM 1193 H HD3  . PRO A 1 75  ? -7.385  -2.252  -5.114  1.00 0.58  ? 75  PRO A HD3  1 
ATOM 1194 N N    . GLY A 1 76  ? -8.901  3.070   -5.866  1.00 0.73  ? 76  GLY A N    1 
ATOM 1195 C CA   . GLY A 1 76  ? -9.084  4.384   -5.262  1.00 0.73  ? 76  GLY A CA   1 
ATOM 1196 C C    . GLY A 1 76  ? -7.950  5.321   -5.660  1.00 0.63  ? 76  GLY A C    1 
ATOM 1197 O O    . GLY A 1 76  ? -7.204  5.041   -6.599  1.00 0.64  ? 76  GLY A O    1 
ATOM 1198 H H    . GLY A 1 76  ? -9.229  2.907   -6.775  1.00 1.25  ? 76  GLY A H    1 
ATOM 1199 H HA2  . GLY A 1 76  ? -10.026 4.800   -5.594  1.00 0.81  ? 76  GLY A HA2  1 
ATOM 1200 H HA3  . GLY A 1 76  ? -9.099  4.284   -4.187  1.00 0.75  ? 76  GLY A HA3  1 
ATOM 1201 N N    . SER A 1 77  ? -7.820  6.434   -4.944  1.00 0.60  ? 77  SER A N    1 
ATOM 1202 C CA   . SER A 1 77  ? -6.766  7.398   -5.240  1.00 0.53  ? 77  SER A CA   1 
ATOM 1203 C C    . SER A 1 77  ? -5.403  6.854   -4.835  1.00 0.43  ? 77  SER A C    1 
ATOM 1204 O O    . SER A 1 77  ? -5.304  5.911   -4.049  1.00 0.46  ? 77  SER A O    1 
ATOM 1205 C CB   . SER A 1 77  ? -7.029  8.710   -4.502  1.00 0.59  ? 77  SER A CB   1 
ATOM 1206 O OG   . SER A 1 77  ? -5.814  9.443   -4.404  1.00 0.56  ? 77  SER A OG   1 
ATOM 1207 H H    . SER A 1 77  ? -8.441  6.608   -4.206  1.00 0.68  ? 77  SER A H    1 
ATOM 1208 H HA   . SER A 1 77  ? -6.762  7.594   -6.301  1.00 0.55  ? 77  SER A HA   1 
ATOM 1209 H HB2  . SER A 1 77  ? -7.747  9.293   -5.051  1.00 0.66  ? 77  SER A HB2  1 
ATOM 1210 H HB3  . SER A 1 77  ? -7.416  8.498   -3.514  1.00 0.63  ? 77  SER A HB3  1 
ATOM 1211 H HG   . SER A 1 77  ? -5.689  9.687   -3.484  1.00 0.98  ? 77  SER A HG   1 
ATOM 1212 N N    . ARG A 1 78  ? -4.353  7.459   -5.377  1.00 0.38  ? 78  ARG A N    1 
ATOM 1213 C CA   . ARG A 1 78  ? -2.992  7.036   -5.069  1.00 0.31  ? 78  ARG A CA   1 
ATOM 1214 C C    . ARG A 1 78  ? -2.444  7.822   -3.883  1.00 0.29  ? 78  ARG A C    1 
ATOM 1215 O O    . ARG A 1 78  ? -2.828  8.968   -3.654  1.00 0.36  ? 78  ARG A O    1 
ATOM 1216 C CB   . ARG A 1 78  ? -2.089  7.253   -6.285  1.00 0.34  ? 78  ARG A CB   1 
ATOM 1217 C CG   . ARG A 1 78  ? -0.832  6.392   -6.146  1.00 0.36  ? 78  ARG A CG   1 
ATOM 1218 C CD   . ARG A 1 78  ? 0.276   6.956   -7.035  1.00 0.48  ? 78  ARG A CD   1 
ATOM 1219 N NE   . ARG A 1 78  ? 0.013   8.356   -7.343  1.00 1.09  ? 78  ARG A NE   1 
ATOM 1220 C CZ   . ARG A 1 78  ? 0.939   9.118   -7.914  1.00 1.51  ? 78  ARG A CZ   1 
ATOM 1221 N NH1  . ARG A 1 78  ? 2.201   8.806   -7.803  1.00 2.02  ? 78  ARG A NH1  1 
ATOM 1222 N NH2  . ARG A 1 78  ? 0.589   10.180  -8.584  1.00 2.21  ? 78  ARG A NH2  1 
ATOM 1223 H H    . ARG A 1 78  ? -4.498  8.208   -5.994  1.00 0.43  ? 78  ARG A H    1 
ATOM 1224 H HA   . ARG A 1 78  ? -2.996  5.984   -4.824  1.00 0.30  ? 78  ARG A HA   1 
ATOM 1225 H HB2  . ARG A 1 78  ? -2.620  6.974   -7.184  1.00 0.39  ? 78  ARG A HB2  1 
ATOM 1226 H HB3  . ARG A 1 78  ? -1.805  8.293   -6.343  1.00 0.40  ? 78  ARG A HB3  1 
ATOM 1227 H HG2  . ARG A 1 78  ? -0.505  6.397   -5.116  1.00 0.42  ? 78  ARG A HG2  1 
ATOM 1228 H HG3  . ARG A 1 78  ? -1.053  5.380   -6.449  1.00 0.38  ? 78  ARG A HG3  1 
ATOM 1229 H HD2  . ARG A 1 78  ? 1.222   6.878   -6.521  1.00 0.84  ? 78  ARG A HD2  1 
ATOM 1230 H HD3  . ARG A 1 78  ? 0.321   6.388   -7.953  1.00 0.93  ? 78  ARG A HD3  1 
ATOM 1231 H HE   . ARG A 1 78  ? -0.863  8.740   -7.126  1.00 1.81  ? 78  ARG A HE   1 
ATOM 1232 H HH11 . ARG A 1 78  ? 2.472   7.992   -7.289  1.00 2.17  ? 78  ARG A HH11 1 
ATOM 1233 H HH12 . ARG A 1 78  ? 2.898   9.380   -8.233  1.00 2.62  ? 78  ARG A HH12 1 
ATOM 1234 H HH21 . ARG A 1 78  ? -0.377  10.422  -8.672  1.00 2.46  ? 78  ARG A HH21 1 
ATOM 1235 H HH22 . ARG A 1 78  ? 1.288   10.754  -9.013  1.00 2.81  ? 78  ARG A HH22 1 
ATOM 1236 N N    . GLN A 1 79  ? -1.543  7.199   -3.133  1.00 0.26  ? 79  GLN A N    1 
ATOM 1237 C CA   . GLN A 1 79  ? -0.945  7.850   -1.975  1.00 0.28  ? 79  GLN A CA   1 
ATOM 1238 C C    . GLN A 1 79  ? 0.488   7.366   -1.781  1.00 0.25  ? 79  GLN A C    1 
ATOM 1239 O O    . GLN A 1 79  ? 0.830   6.248   -2.168  1.00 0.26  ? 79  GLN A O    1 
ATOM 1240 C CB   . GLN A 1 79  ? -1.768  7.550   -0.721  1.00 0.37  ? 79  GLN A CB   1 
ATOM 1241 C CG   . GLN A 1 79  ? -3.229  7.935   -0.966  1.00 0.45  ? 79  GLN A CG   1 
ATOM 1242 C CD   . GLN A 1 79  ? -3.994  7.951   0.352   1.00 0.79  ? 79  GLN A CD   1 
ATOM 1243 O OE1  . GLN A 1 79  ? -4.832  7.084   0.596   1.00 1.72  ? 79  GLN A OE1  1 
ATOM 1244 N NE2  . GLN A 1 79  ? -3.754  8.894   1.224   1.00 1.29  ? 79  GLN A NE2  1 
ATOM 1245 H H    . GLN A 1 79  ? -1.272  6.286   -3.365  1.00 0.26  ? 79  GLN A H    1 
ATOM 1246 H HA   . GLN A 1 79  ? -0.935  8.918   -2.139  1.00 0.33  ? 79  GLN A HA   1 
ATOM 1247 H HB2  . GLN A 1 79  ? -1.705  6.495   -0.493  1.00 0.38  ? 79  GLN A HB2  1 
ATOM 1248 H HB3  . GLN A 1 79  ? -1.382  8.121   0.110   1.00 0.42  ? 79  GLN A HB3  1 
ATOM 1249 H HG2  . GLN A 1 79  ? -3.270  8.916   -1.416  1.00 0.91  ? 79  GLN A HG2  1 
ATOM 1250 H HG3  . GLN A 1 79  ? -3.682  7.216   -1.632  1.00 0.88  ? 79  GLN A HG3  1 
ATOM 1251 H HE21 . GLN A 1 79  ? -3.086  9.584   1.027   1.00 1.80  ? 79  GLN A HE21 1 
ATOM 1252 H HE22 . GLN A 1 79  ? -4.241  8.912   2.073   1.00 1.70  ? 79  GLN A HE22 1 
ATOM 1253 N N    . VAL A 1 80  ? 1.325   8.212   -1.190  1.00 0.26  ? 80  VAL A N    1 
ATOM 1254 C CA   . VAL A 1 80  ? 2.719   7.852   -0.965  1.00 0.25  ? 80  VAL A CA   1 
ATOM 1255 C C    . VAL A 1 80  ? 3.100   8.016   0.501   1.00 0.24  ? 80  VAL A C    1 
ATOM 1256 O O    . VAL A 1 80  ? 3.108   9.126   1.034   1.00 0.26  ? 80  VAL A O    1 
ATOM 1257 C CB   . VAL A 1 80  ? 3.630   8.727   -1.829  1.00 0.30  ? 80  VAL A CB   1 
ATOM 1258 C CG1  . VAL A 1 80  ? 5.088   8.316   -1.612  1.00 0.34  ? 80  VAL A CG1  1 
ATOM 1259 C CG2  . VAL A 1 80  ? 3.263   8.545   -3.302  1.00 0.33  ? 80  VAL A CG2  1 
ATOM 1260 H H    . VAL A 1 80  ? 1.002   9.093   -0.907  1.00 0.31  ? 80  VAL A H    1 
ATOM 1261 H HA   . VAL A 1 80  ? 2.862   6.819   -1.250  1.00 0.26  ? 80  VAL A HA   1 
ATOM 1262 H HB   . VAL A 1 80  ? 3.503   9.763   -1.549  1.00 0.32  ? 80  VAL A HB   1 
ATOM 1263 H HG11 . VAL A 1 80  ? 5.130   7.280   -1.314  1.00 1.04  ? 80  VAL A HG11 1 
ATOM 1264 H HG12 . VAL A 1 80  ? 5.525   8.932   -0.840  1.00 1.12  ? 80  VAL A HG12 1 
ATOM 1265 H HG13 . VAL A 1 80  ? 5.639   8.449   -2.532  1.00 1.03  ? 80  VAL A HG13 1 
ATOM 1266 H HG21 . VAL A 1 80  ? 2.286   8.969   -3.486  1.00 0.94  ? 80  VAL A HG21 1 
ATOM 1267 H HG22 . VAL A 1 80  ? 3.248   7.492   -3.542  1.00 0.99  ? 80  VAL A HG22 1 
ATOM 1268 H HG23 . VAL A 1 80  ? 3.994   9.045   -3.921  1.00 1.02  ? 80  VAL A HG23 1 
ATOM 1269 N N    . LEU A 1 81  ? 3.427   6.900   1.143   1.00 0.22  ? 81  LEU A N    1 
ATOM 1270 C CA   . LEU A 1 81  ? 3.825   6.918   2.545   1.00 0.21  ? 81  LEU A CA   1 
ATOM 1271 C C    . LEU A 1 81  ? 5.309   6.605   2.666   1.00 0.21  ? 81  LEU A C    1 
ATOM 1272 O O    . LEU A 1 81  ? 5.777   5.598   2.144   1.00 0.23  ? 81  LEU A O    1 
ATOM 1273 C CB   . LEU A 1 81  ? 3.024   5.880   3.332   1.00 0.24  ? 81  LEU A CB   1 
ATOM 1274 C CG   . LEU A 1 81  ? 1.537   6.044   3.027   1.00 0.30  ? 81  LEU A CG   1 
ATOM 1275 C CD1  . LEU A 1 81  ? 0.760   4.908   3.689   1.00 0.33  ? 81  LEU A CD1  1 
ATOM 1276 C CD2  . LEU A 1 81  ? 1.051   7.384   3.579   1.00 0.35  ? 81  LEU A CD2  1 
ATOM 1277 H H    . LEU A 1 81  ? 3.410   6.047   0.661   1.00 0.22  ? 81  LEU A H    1 
ATOM 1278 H HA   . LEU A 1 81  ? 3.632   7.896   2.957   1.00 0.22  ? 81  LEU A HA   1 
ATOM 1279 H HB2  . LEU A 1 81  ? 3.345   4.889   3.046   1.00 0.26  ? 81  LEU A HB2  1 
ATOM 1280 H HB3  . LEU A 1 81  ? 3.192   6.022   4.388   1.00 0.25  ? 81  LEU A HB3  1 
ATOM 1281 H HG   . LEU A 1 81  ? 1.382   6.013   1.958   1.00 0.37  ? 81  LEU A HG   1 
ATOM 1282 H HD11 . LEU A 1 81  ? -0.130  5.306   4.155   1.00 1.12  ? 81  LEU A HD11 1 
ATOM 1283 H HD12 . LEU A 1 81  ? 1.379   4.438   4.438   1.00 0.98  ? 81  LEU A HD12 1 
ATOM 1284 H HD13 . LEU A 1 81  ? 0.481   4.180   2.943   1.00 1.05  ? 81  LEU A HD13 1 
ATOM 1285 H HD21 . LEU A 1 81  ? 0.386   7.209   4.412   1.00 1.12  ? 81  LEU A HD21 1 
ATOM 1286 H HD22 . LEU A 1 81  ? 0.524   7.923   2.805   1.00 1.04  ? 81  LEU A HD22 1 
ATOM 1287 H HD23 . LEU A 1 81  ? 1.898   7.965   3.911   1.00 1.04  ? 81  LEU A HD23 1 
ATOM 1288 N N    . SER A 1 82  ? 6.051   7.463   3.351   1.00 0.20  ? 82  SER A N    1 
ATOM 1289 C CA   . SER A 1 82  ? 7.481   7.236   3.513   1.00 0.21  ? 82  SER A CA   1 
ATOM 1290 C C    . SER A 1 82  ? 8.009   7.941   4.751   1.00 0.21  ? 82  SER A C    1 
ATOM 1291 O O    . SER A 1 82  ? 7.312   8.737   5.379   1.00 0.23  ? 82  SER A O    1 
ATOM 1292 C CB   . SER A 1 82  ? 8.238   7.738   2.286   1.00 0.24  ? 82  SER A CB   1 
ATOM 1293 O OG   . SER A 1 82  ? 9.634   7.714   2.555   1.00 0.27  ? 82  SER A OG   1 
ATOM 1294 H H    . SER A 1 82  ? 5.635   8.255   3.751   1.00 0.20  ? 82  SER A H    1 
ATOM 1295 H HA   . SER A 1 82  ? 7.655   6.176   3.616   1.00 0.22  ? 82  SER A HA   1 
ATOM 1296 H HB2  . SER A 1 82  ? 8.030   7.101   1.446   1.00 0.25  ? 82  SER A HB2  1 
ATOM 1297 H HB3  . SER A 1 82  ? 7.923   8.747   2.059   1.00 0.24  ? 82  SER A HB3  1 
ATOM 1298 H HG   . SER A 1 82  ? 9.772   7.217   3.365   1.00 0.77  ? 82  SER A HG   1 
ATOM 1299 N N    . GLY A 1 83  ? 9.255   7.641   5.086   1.00 0.20  ? 83  GLY A N    1 
ATOM 1300 C CA   . GLY A 1 83  ? 9.891   8.249   6.247   1.00 0.22  ? 83  GLY A CA   1 
ATOM 1301 C C    . GLY A 1 83  ? 9.643   7.420   7.504   1.00 0.21  ? 83  GLY A C    1 
ATOM 1302 O O    . GLY A 1 83  ? 9.014   7.885   8.455   1.00 0.24  ? 83  GLY A O    1 
ATOM 1303 H H    . GLY A 1 83  ? 9.757   7.000   4.536   1.00 0.21  ? 83  GLY A H    1 
ATOM 1304 H HA2  . GLY A 1 83  ? 10.954  8.321   6.069   1.00 0.24  ? 83  GLY A HA2  1 
ATOM 1305 H HA3  . GLY A 1 83  ? 9.489   9.237   6.394   1.00 0.24  ? 83  GLY A HA3  1 
ATOM 1306 N N    . ILE A 1 84  ? 10.147  6.194   7.498   1.00 0.23  ? 84  ILE A N    1 
ATOM 1307 C CA   . ILE A 1 84  ? 9.987   5.297   8.639   1.00 0.27  ? 84  ILE A CA   1 
ATOM 1308 C C    . ILE A 1 84  ? 8.667   5.551   9.364   1.00 0.26  ? 84  ILE A C    1 
ATOM 1309 O O    . ILE A 1 84  ? 8.402   4.961   10.411  1.00 0.30  ? 84  ILE A O    1 
ATOM 1310 C CB   . ILE A 1 84  ? 11.147  5.487   9.615   1.00 0.34  ? 84  ILE A CB   1 
ATOM 1311 C CG1  . ILE A 1 84  ? 10.969  6.809   10.366  1.00 0.35  ? 84  ILE A CG1  1 
ATOM 1312 C CG2  . ILE A 1 84  ? 12.464  5.517   8.838   1.00 0.38  ? 84  ILE A CG2  1 
ATOM 1313 C CD1  . ILE A 1 84  ? 12.040  6.928   11.452  1.00 0.44  ? 84  ILE A CD1  1 
ATOM 1314 H H    . ILE A 1 84  ? 10.640  5.886   6.711   1.00 0.25  ? 84  ILE A H    1 
ATOM 1315 H HA   . ILE A 1 84  ? 9.997   4.277   8.284   1.00 0.30  ? 84  ILE A HA   1 
ATOM 1316 H HB   . ILE A 1 84  ? 11.163  4.669   10.320  1.00 0.39  ? 84  ILE A HB   1 
ATOM 1317 H HG12 . ILE A 1 84  ? 11.065  7.633   9.673   1.00 0.34  ? 84  ILE A HG12 1 
ATOM 1318 H HG13 . ILE A 1 84  ? 9.992   6.834   10.823  1.00 0.36  ? 84  ILE A HG13 1 
ATOM 1319 H HG21 . ILE A 1 84  ? 12.400  6.253   8.050   1.00 1.13  ? 84  ILE A HG21 1 
ATOM 1320 H HG22 . ILE A 1 84  ? 12.651  4.545   8.408   1.00 1.01  ? 84  ILE A HG22 1 
ATOM 1321 H HG23 . ILE A 1 84  ? 13.272  5.776   9.507   1.00 1.13  ? 84  ILE A HG23 1 
ATOM 1322 H HD11 . ILE A 1 84  ? 11.904  6.141   12.179  1.00 1.04  ? 84  ILE A HD11 1 
ATOM 1323 H HD12 . ILE A 1 84  ? 11.954  7.887   11.939  1.00 1.09  ? 84  ILE A HD12 1 
ATOM 1324 H HD13 . ILE A 1 84  ? 13.019  6.839   11.003  1.00 1.16  ? 84  ILE A HD13 1 
ATOM 1325 N N    . ASP A 1 85  ? 7.840   6.428   8.804   1.00 0.23  ? 85  ASP A N    1 
ATOM 1326 C CA   . ASP A 1 85  ? 6.550   6.740   9.415   1.00 0.25  ? 85  ASP A CA   1 
ATOM 1327 C C    . ASP A 1 85  ? 5.432   5.966   8.723   1.00 0.24  ? 85  ASP A C    1 
ATOM 1328 O O    . ASP A 1 85  ? 4.253   6.150   9.025   1.00 0.26  ? 85  ASP A O    1 
ATOM 1329 C CB   . ASP A 1 85  ? 6.273   8.242   9.315   1.00 0.29  ? 85  ASP A CB   1 
ATOM 1330 C CG   . ASP A 1 85  ? 6.065   8.639   7.857   1.00 0.28  ? 85  ASP A CG   1 
ATOM 1331 O OD1  . ASP A 1 85  ? 6.222   7.781   7.003   1.00 1.05  ? 85  ASP A OD1  1 
ATOM 1332 O OD2  . ASP A 1 85  ? 5.753   9.794   7.617   1.00 1.05  ? 85  ASP A OD2  1 
ATOM 1333 H H    . ASP A 1 85  ? 8.097   6.869   7.967   1.00 0.21  ? 85  ASP A H    1 
ATOM 1334 H HA   . ASP A 1 85  ? 6.579   6.459   10.457  1.00 0.29  ? 85  ASP A HA   1 
ATOM 1335 H HB2  . ASP A 1 85  ? 5.385   8.481   9.882   1.00 0.33  ? 85  ASP A HB2  1 
ATOM 1336 H HB3  . ASP A 1 85  ? 7.113   8.789   9.718   1.00 0.31  ? 85  ASP A HB3  1 
ATOM 1337 N N    . LEU A 1 86  ? 5.817   5.103   7.791   1.00 0.23  ? 86  LEU A N    1 
ATOM 1338 C CA   . LEU A 1 86  ? 4.856   4.299   7.047   1.00 0.24  ? 86  LEU A CA   1 
ATOM 1339 C C    . LEU A 1 86  ? 3.793   3.701   7.965   1.00 0.25  ? 86  LEU A C    1 
ATOM 1340 O O    . LEU A 1 86  ? 2.603   3.743   7.655   1.00 0.24  ? 86  LEU A O    1 
ATOM 1341 C CB   . LEU A 1 86  ? 5.590   3.175   6.318   1.00 0.26  ? 86  LEU A CB   1 
ATOM 1342 C CG   . LEU A 1 86  ? 6.730   3.765   5.490   1.00 0.27  ? 86  LEU A CG   1 
ATOM 1343 C CD1  . LEU A 1 86  ? 8.069   3.270   6.039   1.00 1.08  ? 86  LEU A CD1  1 
ATOM 1344 C CD2  . LEU A 1 86  ? 6.582   3.320   4.034   1.00 0.94  ? 86  LEU A CD2  1 
ATOM 1345 H H    . LEU A 1 86  ? 6.771   5.003   7.594   1.00 0.23  ? 86  LEU A H    1 
ATOM 1346 H HA   . LEU A 1 86  ? 4.371   4.926   6.314   1.00 0.25  ? 86  LEU A HA   1 
ATOM 1347 H HB2  . LEU A 1 86  ? 5.989   2.478   7.040   1.00 0.31  ? 86  LEU A HB2  1 
ATOM 1348 H HB3  . LEU A 1 86  ? 4.903   2.663   5.666   1.00 0.36  ? 86  LEU A HB3  1 
ATOM 1349 H HG   . LEU A 1 86  ? 6.696   4.843   5.545   1.00 0.79  ? 86  LEU A HG   1 
ATOM 1350 H HD11 . LEU A 1 86  ? 7.954   2.265   6.418   1.00 1.60  ? 86  LEU A HD11 1 
ATOM 1351 H HD12 . LEU A 1 86  ? 8.393   3.921   6.838   1.00 1.68  ? 86  LEU A HD12 1 
ATOM 1352 H HD13 . LEU A 1 86  ? 8.806   3.274   5.249   1.00 1.69  ? 86  LEU A HD13 1 
ATOM 1353 H HD21 . LEU A 1 86  ? 7.281   2.522   3.829   1.00 1.37  ? 86  LEU A HD21 1 
ATOM 1354 H HD22 . LEU A 1 86  ? 6.785   4.155   3.380   1.00 1.63  ? 86  LEU A HD22 1 
ATOM 1355 H HD23 . LEU A 1 86  ? 5.575   2.968   3.866   1.00 1.59  ? 86  LEU A HD23 1 
ATOM 1356 N N    . THR A 1 87  ? 4.226   3.127   9.083   1.00 0.27  ? 87  THR A N    1 
ATOM 1357 C CA   . THR A 1 87  ? 3.292   2.506   10.018  1.00 0.30  ? 87  THR A CA   1 
ATOM 1358 C C    . THR A 1 87  ? 2.357   3.540   10.631  1.00 0.27  ? 87  THR A C    1 
ATOM 1359 O O    . THR A 1 87  ? 1.180   3.260   10.861  1.00 0.28  ? 87  THR A O    1 
ATOM 1360 C CB   . THR A 1 87  ? 4.057   1.783   11.130  1.00 0.36  ? 87  THR A CB   1 
ATOM 1361 O OG1  . THR A 1 87  ? 4.821   2.727   11.868  1.00 0.38  ? 87  THR A OG1  1 
ATOM 1362 C CG2  . THR A 1 87  ? 4.990   0.737   10.517  1.00 0.42  ? 87  THR A CG2  1 
ATOM 1363 H H    . THR A 1 87  ? 5.188   3.108   9.276   1.00 0.29  ? 87  THR A H    1 
ATOM 1364 H HA   . THR A 1 87  ? 2.698   1.787   9.479   1.00 0.32  ? 87  THR A HA   1 
ATOM 1365 H HB   . THR A 1 87  ? 3.357   1.293   11.789  1.00 0.38  ? 87  THR A HB   1 
ATOM 1366 H HG1  . THR A 1 87  ? 5.255   3.313   11.243  1.00 0.93  ? 87  THR A HG1  1 
ATOM 1367 H HG21 . THR A 1 87  ? 5.763   0.486   11.226  1.00 1.18  ? 87  THR A HG21 1 
ATOM 1368 H HG22 . THR A 1 87  ? 5.438   1.136   9.620   1.00 1.09  ? 87  THR A HG22 1 
ATOM 1369 H HG23 . THR A 1 87  ? 4.424   -0.150  10.273  1.00 1.01  ? 87  THR A HG23 1 
ATOM 1370 N N    . ASP A 1 88  ? 2.872   4.734   10.884  1.00 0.26  ? 88  ASP A N    1 
ATOM 1371 C CA   . ASP A 1 88  ? 2.051   5.786   11.457  1.00 0.26  ? 88  ASP A CA   1 
ATOM 1372 C C    . ASP A 1 88  ? 1.107   6.322   10.392  1.00 0.23  ? 88  ASP A C    1 
ATOM 1373 O O    . ASP A 1 88  ? -0.096  6.456   10.617  1.00 0.25  ? 88  ASP A O    1 
ATOM 1374 C CB   . ASP A 1 88  ? 2.941   6.913   11.982  1.00 0.30  ? 88  ASP A CB   1 
ATOM 1375 C CG   . ASP A 1 88  ? 3.656   6.464   13.252  1.00 0.36  ? 88  ASP A CG   1 
ATOM 1376 O OD1  . ASP A 1 88  ? 3.478   5.320   13.635  1.00 1.18  ? 88  ASP A OD1  1 
ATOM 1377 O OD2  . ASP A 1 88  ? 4.372   7.270   13.820  1.00 1.11  ? 88  ASP A OD2  1 
ATOM 1378 H H    . ASP A 1 88  ? 3.812   4.915   10.677  1.00 0.27  ? 88  ASP A H    1 
ATOM 1379 H HA   . ASP A 1 88  ? 1.472   5.381   12.275  1.00 0.28  ? 88  ASP A HA   1 
ATOM 1380 H HB2  . ASP A 1 88  ? 3.672   7.171   11.230  1.00 0.29  ? 88  ASP A HB2  1 
ATOM 1381 H HB3  . ASP A 1 88  ? 2.333   7.774   12.200  1.00 0.31  ? 88  ASP A HB3  1 
ATOM 1382 N N    . GLN A 1 89  ? 1.664   6.607   9.221   1.00 0.21  ? 89  GLN A N    1 
ATOM 1383 C CA   . GLN A 1 89  ? 0.870   7.106   8.110   1.00 0.22  ? 89  GLN A CA   1 
ATOM 1384 C C    . GLN A 1 89  ? -0.066  6.013   7.602   1.00 0.21  ? 89  GLN A C    1 
ATOM 1385 O O    . GLN A 1 89  ? -1.241  6.266   7.333   1.00 0.23  ? 89  GLN A O    1 
ATOM 1386 C CB   . GLN A 1 89  ? 1.786   7.568   6.976   1.00 0.24  ? 89  GLN A CB   1 
ATOM 1387 C CG   . GLN A 1 89  ? 1.341   8.947   6.489   1.00 0.55  ? 89  GLN A CG   1 
ATOM 1388 C CD   . GLN A 1 89  ? 2.312   9.467   5.435   1.00 0.60  ? 89  GLN A CD   1 
ATOM 1389 O OE1  . GLN A 1 89  ? 1.960   10.338  4.640   1.00 0.85  ? 89  GLN A OE1  1 
ATOM 1390 N NE2  . GLN A 1 89  ? 3.522   8.980   5.380   1.00 0.61  ? 89  GLN A NE2  1 
ATOM 1391 H H    . GLN A 1 89  ? 2.626   6.464   9.098   1.00 0.21  ? 89  GLN A H    1 
ATOM 1392 H HA   . GLN A 1 89  ? 0.280   7.945   8.448   1.00 0.24  ? 89  GLN A HA   1 
ATOM 1393 H HB2  . GLN A 1 89  ? 2.804   7.622   7.336   1.00 0.43  ? 89  GLN A HB2  1 
ATOM 1394 H HB3  . GLN A 1 89  ? 1.731   6.863   6.159   1.00 0.29  ? 89  GLN A HB3  1 
ATOM 1395 H HG2  . GLN A 1 89  ? 0.352   8.873   6.060   1.00 0.71  ? 89  GLN A HG2  1 
ATOM 1396 H HG3  . GLN A 1 89  ? 1.320   9.632   7.323   1.00 0.78  ? 89  GLN A HG3  1 
ATOM 1397 H HE21 . GLN A 1 89  ? 3.800   8.285   6.014   1.00 0.74  ? 89  GLN A HE21 1 
ATOM 1398 H HE22 . GLN A 1 89  ? 4.152   9.308   4.706   1.00 0.66  ? 89  GLN A HE22 1 
ATOM 1399 N N    . LEU A 1 90  ? 0.461   4.796   7.472   1.00 0.22  ? 90  LEU A N    1 
ATOM 1400 C CA   . LEU A 1 90  ? -0.342  3.677   6.995   1.00 0.24  ? 90  LEU A CA   1 
ATOM 1401 C C    . LEU A 1 90  ? -1.567  3.480   7.882   1.00 0.24  ? 90  LEU A C    1 
ATOM 1402 O O    . LEU A 1 90  ? -2.698  3.478   7.399   1.00 0.25  ? 90  LEU A O    1 
ATOM 1403 C CB   . LEU A 1 90  ? 0.492   2.395   6.980   1.00 0.28  ? 90  LEU A CB   1 
ATOM 1404 C CG   . LEU A 1 90  ? -0.385  1.221   6.541   1.00 0.32  ? 90  LEU A CG   1 
ATOM 1405 C CD1  . LEU A 1 90  ? -0.904  1.471   5.122   1.00 0.66  ? 90  LEU A CD1  1 
ATOM 1406 C CD2  . LEU A 1 90  ? 0.441   -0.068  6.560   1.00 0.43  ? 90  LEU A CD2  1 
ATOM 1407 H H    . LEU A 1 90  ? 1.405   4.647   7.705   1.00 0.23  ? 90  LEU A H    1 
ATOM 1408 H HA   . LEU A 1 90  ? -0.671  3.888   5.989   1.00 0.26  ? 90  LEU A HA   1 
ATOM 1409 H HB2  . LEU A 1 90  ? 1.316   2.509   6.290   1.00 0.31  ? 90  LEU A HB2  1 
ATOM 1410 H HB3  . LEU A 1 90  ? 0.877   2.204   7.971   1.00 0.28  ? 90  LEU A HB3  1 
ATOM 1411 H HG   . LEU A 1 90  ? -1.221  1.124   7.217   1.00 0.56  ? 90  LEU A HG   1 
ATOM 1412 H HD11 . LEU A 1 90  ? -0.731  2.501   4.851   1.00 1.19  ? 90  LEU A HD11 1 
ATOM 1413 H HD12 . LEU A 1 90  ? -1.963  1.261   5.085   1.00 1.30  ? 90  LEU A HD12 1 
ATOM 1414 H HD13 . LEU A 1 90  ? -0.384  0.824   4.431   1.00 1.31  ? 90  LEU A HD13 1 
ATOM 1415 H HD21 . LEU A 1 90  ? 0.375   -0.522  7.537   1.00 1.11  ? 90  LEU A HD21 1 
ATOM 1416 H HD22 . LEU A 1 90  ? 1.473   0.164   6.339   1.00 1.18  ? 90  LEU A HD22 1 
ATOM 1417 H HD23 . LEU A 1 90  ? 0.058   -0.751  5.817   1.00 0.99  ? 90  LEU A HD23 1 
ATOM 1418 N N    . ALA A 1 91  ? -1.333  3.313   9.178   1.00 0.25  ? 91  ALA A N    1 
ATOM 1419 C CA   . ALA A 1 91  ? -2.428  3.116   10.122  1.00 0.29  ? 91  ALA A CA   1 
ATOM 1420 C C    . ALA A 1 91  ? -3.454  4.237   9.990   1.00 0.29  ? 91  ALA A C    1 
ATOM 1421 O O    . ALA A 1 91  ? -4.655  4.011   10.128  1.00 0.30  ? 91  ALA A O    1 
ATOM 1422 C CB   . ALA A 1 91  ? -1.885  3.086   11.552  1.00 0.34  ? 91  ALA A CB   1 
ATOM 1423 H H    . ALA A 1 91  ? -0.410  3.323   9.506   1.00 0.26  ? 91  ALA A H    1 
ATOM 1424 H HA   . ALA A 1 91  ? -2.908  2.173   9.910   1.00 0.32  ? 91  ALA A HA   1 
ATOM 1425 H HB1  . ALA A 1 91  ? -2.686  3.292   12.245  1.00 1.15  ? 91  ALA A HB1  1 
ATOM 1426 H HB2  . ALA A 1 91  ? -1.113  3.834   11.660  1.00 1.07  ? 91  ALA A HB2  1 
ATOM 1427 H HB3  . ALA A 1 91  ? -1.471  2.110   11.759  1.00 0.99  ? 91  ALA A HB3  1 
ATOM 1428 N N    . ASN A 1 92  ? -2.969  5.443   9.720   1.00 0.30  ? 92  ASN A N    1 
ATOM 1429 C CA   . ASN A 1 92  ? -3.848  6.594   9.571   1.00 0.32  ? 92  ASN A CA   1 
ATOM 1430 C C    . ASN A 1 92  ? -4.448  6.632   8.170   1.00 0.29  ? 92  ASN A C    1 
ATOM 1431 O O    . ASN A 1 92  ? -5.590  7.050   7.983   1.00 0.29  ? 92  ASN A O    1 
ATOM 1432 C CB   . ASN A 1 92  ? -3.061  7.878   9.821   1.00 0.39  ? 92  ASN A CB   1 
ATOM 1433 C CG   . ASN A 1 92  ? -2.917  8.117   11.320  1.00 0.46  ? 92  ASN A CG   1 
ATOM 1434 O OD1  . ASN A 1 92  ? -3.594  7.471   12.120  1.00 1.14  ? 92  ASN A OD1  1 
ATOM 1435 N ND2  . ASN A 1 92  ? -2.070  9.012   11.749  1.00 1.27  ? 92  ASN A ND2  1 
ATOM 1436 H H    . ASN A 1 92  ? -2.002  5.565   9.618   1.00 0.30  ? 92  ASN A H    1 
ATOM 1437 H HA   . ASN A 1 92  ? -4.646  6.526   10.294  1.00 0.35  ? 92  ASN A HA   1 
ATOM 1438 H HB2  . ASN A 1 92  ? -2.081  7.788   9.377   1.00 0.39  ? 92  ASN A HB2  1 
ATOM 1439 H HB3  . ASN A 1 92  ? -3.582  8.707   9.374   1.00 0.43  ? 92  ASN A HB3  1 
ATOM 1440 H HD21 . ASN A 1 92  ? -1.532  9.523   11.109  1.00 2.07  ? 92  ASN A HD21 1 
ATOM 1441 H HD22 . ASN A 1 92  ? -1.970  9.173   12.711  1.00 1.31  ? 92  ASN A HD22 1 
ATOM 1442 N N    . GLN A 1 93  ? -3.664  6.199   7.190   1.00 0.28  ? 93  GLN A N    1 
ATOM 1443 C CA   . GLN A 1 93  ? -4.117  6.193   5.809   1.00 0.29  ? 93  GLN A CA   1 
ATOM 1444 C C    . GLN A 1 93  ? -5.021  4.994   5.541   1.00 0.26  ? 93  GLN A C    1 
ATOM 1445 O O    . GLN A 1 93  ? -5.953  5.076   4.738   1.00 0.28  ? 93  GLN A O    1 
ATOM 1446 C CB   . GLN A 1 93  ? -2.911  6.141   4.871   1.00 0.35  ? 93  GLN A CB   1 
ATOM 1447 C CG   . GLN A 1 93  ? -2.224  7.507   4.844   1.00 0.41  ? 93  GLN A CG   1 
ATOM 1448 C CD   . GLN A 1 93  ? -3.227  8.591   4.462   1.00 0.43  ? 93  GLN A CD   1 
ATOM 1449 O OE1  . GLN A 1 93  ? -3.879  8.494   3.422   1.00 0.78  ? 93  GLN A OE1  1 
ATOM 1450 N NE2  . GLN A 1 93  ? -3.388  9.622   5.245   1.00 0.49  ? 93  GLN A NE2  1 
ATOM 1451 H H    . GLN A 1 93  ? -2.761  5.885   7.400   1.00 0.29  ? 93  GLN A H    1 
ATOM 1452 H HA   . GLN A 1 93  ? -4.668  7.099   5.618   1.00 0.31  ? 93  GLN A HA   1 
ATOM 1453 H HB2  . GLN A 1 93  ? -2.214  5.394   5.223   1.00 0.37  ? 93  GLN A HB2  1 
ATOM 1454 H HB3  . GLN A 1 93  ? -3.240  5.887   3.878   1.00 0.39  ? 93  GLN A HB3  1 
ATOM 1455 H HG2  . GLN A 1 93  ? -1.818  7.724   5.821   1.00 0.47  ? 93  GLN A HG2  1 
ATOM 1456 H HG3  . GLN A 1 93  ? -1.424  7.491   4.119   1.00 0.55  ? 93  GLN A HG3  1 
ATOM 1457 H HE21 . GLN A 1 93  ? -2.866  9.697   6.071   1.00 0.74  ? 93  GLN A HE21 1 
ATOM 1458 H HE22 . GLN A 1 93  ? -4.030  10.322  5.006   1.00 0.54  ? 93  GLN A HE22 1 
ATOM 1459 N N    . LEU A 1 94  ? -4.746  3.882   6.213   1.00 0.26  ? 94  LEU A N    1 
ATOM 1460 C CA   . LEU A 1 94  ? -5.548  2.679   6.033   1.00 0.28  ? 94  LEU A CA   1 
ATOM 1461 C C    . LEU A 1 94  ? -7.025  2.996   6.233   1.00 0.27  ? 94  LEU A C    1 
ATOM 1462 O O    . LEU A 1 94  ? -7.835  2.833   5.321   1.00 0.30  ? 94  LEU A O    1 
ATOM 1463 C CB   . LEU A 1 94  ? -5.114  1.604   7.031   1.00 0.33  ? 94  LEU A CB   1 
ATOM 1464 C CG   . LEU A 1 94  ? -6.134  0.464   7.028   1.00 0.38  ? 94  LEU A CG   1 
ATOM 1465 C CD1  . LEU A 1 94  ? -6.385  0.006   5.591   1.00 0.43  ? 94  LEU A CD1  1 
ATOM 1466 C CD2  . LEU A 1 94  ? -5.589  -0.707  7.849   1.00 0.45  ? 94  LEU A CD2  1 
ATOM 1467 H H    . LEU A 1 94  ? -3.993  3.872   6.840   1.00 0.27  ? 94  LEU A H    1 
ATOM 1468 H HA   . LEU A 1 94  ? -5.400  2.306   5.030   1.00 0.33  ? 94  LEU A HA   1 
ATOM 1469 H HB2  . LEU A 1 94  ? -4.144  1.221   6.747   1.00 0.37  ? 94  LEU A HB2  1 
ATOM 1470 H HB3  . LEU A 1 94  ? -5.057  2.031   8.020   1.00 0.32  ? 94  LEU A HB3  1 
ATOM 1471 H HG   . LEU A 1 94  ? -7.061  0.811   7.463   1.00 0.37  ? 94  LEU A HG   1 
ATOM 1472 H HD11 . LEU A 1 94  ? -7.243  -0.651  5.567   1.00 1.08  ? 94  LEU A HD11 1 
ATOM 1473 H HD12 . LEU A 1 94  ? -5.517  -0.523  5.224   1.00 1.16  ? 94  LEU A HD12 1 
ATOM 1474 H HD13 . LEU A 1 94  ? -6.573  0.866   4.966   1.00 1.07  ? 94  LEU A HD13 1 
ATOM 1475 H HD21 . LEU A 1 94  ? -5.522  -0.417  8.887   1.00 1.08  ? 94  LEU A HD21 1 
ATOM 1476 H HD22 . LEU A 1 94  ? -4.608  -0.975  7.486   1.00 1.13  ? 94  LEU A HD22 1 
ATOM 1477 H HD23 . LEU A 1 94  ? -6.253  -1.553  7.753   1.00 1.12  ? 94  LEU A HD23 1 
ATOM 1478 N N    . PRO A 1 95  ? -7.380  3.459   7.402   1.00 0.27  ? 95  PRO A N    1 
ATOM 1479 C CA   . PRO A 1 95  ? -8.783  3.822   7.730   1.00 0.30  ? 95  PRO A CA   1 
ATOM 1480 C C    . PRO A 1 95  ? -9.404  4.676   6.631   1.00 0.29  ? 95  PRO A C    1 
ATOM 1481 O O    . PRO A 1 95  ? -10.557 4.479   6.251   1.00 0.33  ? 95  PRO A O    1 
ATOM 1482 C CB   . PRO A 1 95  ? -8.685  4.615   9.041   1.00 0.36  ? 95  PRO A CB   1 
ATOM 1483 C CG   . PRO A 1 95  ? -7.232  4.681   9.410   1.00 0.35  ? 95  PRO A CG   1 
ATOM 1484 C CD   . PRO A 1 95  ? -6.482  3.677   8.535   1.00 0.29  ? 95  PRO A CD   1 
ATOM 1485 H HA   . PRO A 1 95  ? -9.371  2.933   7.888   1.00 0.35  ? 95  PRO A HA   1 
ATOM 1486 H HB2  . PRO A 1 95  ? -9.075  5.612   8.898   1.00 0.38  ? 95  PRO A HB2  1 
ATOM 1487 H HB3  . PRO A 1 95  ? -9.236  4.110   9.820   1.00 0.42  ? 95  PRO A HB3  1 
ATOM 1488 H HG2  . PRO A 1 95  ? -6.856  5.679   9.232   1.00 0.35  ? 95  PRO A HG2  1 
ATOM 1489 H HG3  . PRO A 1 95  ? -7.105  4.420   10.448  1.00 0.42  ? 95  PRO A HG3  1 
ATOM 1490 H HD2  . PRO A 1 95  ? -5.541  4.095   8.203   1.00 0.27  ? 95  PRO A HD2  1 
ATOM 1491 H HD3  . PRO A 1 95  ? -6.323  2.753   9.070   1.00 0.34  ? 95  PRO A HD3  1 
ATOM 1492 N N    . GLN A 1 96  ? -8.621  5.622   6.120   1.00 0.28  ? 96  GLN A N    1 
ATOM 1493 C CA   . GLN A 1 96  ? -9.094  6.499   5.058   1.00 0.34  ? 96  GLN A CA   1 
ATOM 1494 C C    . GLN A 1 96  ? -9.347  5.692   3.791   1.00 0.34  ? 96  GLN A C    1 
ATOM 1495 O O    . GLN A 1 96  ? -10.242 6.009   3.008   1.00 0.41  ? 96  GLN A O    1 
ATOM 1496 C CB   . GLN A 1 96  ? -8.061  7.592   4.781   1.00 0.38  ? 96  GLN A CB   1 
ATOM 1497 C CG   . GLN A 1 96  ? -7.830  8.404   6.056   1.00 0.44  ? 96  GLN A CG   1 
ATOM 1498 C CD   . GLN A 1 96  ? -6.855  9.542   5.786   1.00 0.72  ? 96  GLN A CD   1 
ATOM 1499 O OE1  . GLN A 1 96  ? -6.140  9.525   4.783   1.00 1.17  ? 96  GLN A OE1  1 
ATOM 1500 N NE2  . GLN A 1 96  ? -6.783  10.539  6.626   1.00 1.43  ? 96  GLN A NE2  1 
ATOM 1501 H H    . GLN A 1 96  ? -7.709  5.727   6.461   1.00 0.28  ? 96  GLN A H    1 
ATOM 1502 H HA   . GLN A 1 96  ? -10.019 6.961   5.371   1.00 0.39  ? 96  GLN A HA   1 
ATOM 1503 H HB2  . GLN A 1 96  ? -7.131  7.138   4.468   1.00 0.36  ? 96  GLN A HB2  1 
ATOM 1504 H HB3  . GLN A 1 96  ? -8.425  8.244   4.002   1.00 0.45  ? 96  GLN A HB3  1 
ATOM 1505 H HG2  . GLN A 1 96  ? -8.770  8.811   6.396   1.00 0.60  ? 96  GLN A HG2  1 
ATOM 1506 H HG3  . GLN A 1 96  ? -7.422  7.759   6.822   1.00 0.53  ? 96  GLN A HG3  1 
ATOM 1507 H HE21 . GLN A 1 96  ? -7.354  10.550  7.422   1.00 1.99  ? 96  GLN A HE21 1 
ATOM 1508 H HE22 . GLN A 1 96  ? -6.159  11.277  6.460   1.00 1.65  ? 96  GLN A HE22 1 
ATOM 1509 N N    . TRP A 1 97  ? -8.557  4.638   3.604   1.00 0.32  ? 97  TRP A N    1 
ATOM 1510 C CA   . TRP A 1 97  ? -8.710  3.781   2.437   1.00 0.39  ? 97  TRP A CA   1 
ATOM 1511 C C    . TRP A 1 97  ? -10.019 3.011   2.542   1.00 0.43  ? 97  TRP A C    1 
ATOM 1512 O O    . TRP A 1 97  ? -10.858 3.064   1.640   1.00 0.54  ? 97  TRP A O    1 
ATOM 1513 C CB   . TRP A 1 97  ? -7.535  2.806   2.344   1.00 0.41  ? 97  TRP A CB   1 
ATOM 1514 C CG   . TRP A 1 97  ? -6.254  3.577   2.329   1.00 0.39  ? 97  TRP A CG   1 
ATOM 1515 C CD1  . TRP A 1 97  ? -6.159  4.923   2.242   1.00 0.39  ? 97  TRP A CD1  1 
ATOM 1516 C CD2  . TRP A 1 97  ? -4.887  3.074   2.399   1.00 0.41  ? 97  TRP A CD2  1 
ATOM 1517 N NE1  . TRP A 1 97  ? -4.823  5.281   2.255   1.00 0.40  ? 97  TRP A NE1  1 
ATOM 1518 C CE2  . TRP A 1 97  ? -3.998  4.176   2.351   1.00 0.41  ? 97  TRP A CE2  1 
ATOM 1519 C CE3  . TRP A 1 97  ? -4.337  1.784   2.501   1.00 0.45  ? 97  TRP A CE3  1 
ATOM 1520 C CZ2  . TRP A 1 97  ? -2.615  4.003   2.399   1.00 0.45  ? 97  TRP A CZ2  1 
ATOM 1521 C CZ3  . TRP A 1 97  ? -2.945  1.606   2.550   1.00 0.49  ? 97  TRP A CZ3  1 
ATOM 1522 C CH2  . TRP A 1 97  ? -2.086  2.713   2.500   1.00 0.49  ? 97  TRP A CH2  1 
ATOM 1523 H H    . TRP A 1 97  ? -7.866  4.428   4.268   1.00 0.28  ? 97  TRP A H    1 
ATOM 1524 H HA   . TRP A 1 97  ? -8.731  4.393   1.549   1.00 0.44  ? 97  TRP A HA   1 
ATOM 1525 H HB2  . TRP A 1 97  ? -7.547  2.141   3.196   1.00 0.39  ? 97  TRP A HB2  1 
ATOM 1526 H HB3  . TRP A 1 97  ? -7.618  2.227   1.436   1.00 0.48  ? 97  TRP A HB3  1 
ATOM 1527 H HD1  . TRP A 1 97  ? -6.993  5.609   2.174   1.00 0.40  ? 97  TRP A HD1  1 
ATOM 1528 H HE1  . TRP A 1 97  ? -4.483  6.199   2.203   1.00 0.42  ? 97  TRP A HE1  1 
ATOM 1529 H HE3  . TRP A 1 97  ? -4.990  0.925   2.541   1.00 0.47  ? 97  TRP A HE3  1 
ATOM 1530 H HZ2  . TRP A 1 97  ? -1.958  4.859   2.360   1.00 0.47  ? 97  TRP A HZ2  1 
ATOM 1531 H HZ3  . TRP A 1 97  ? -2.533  0.610   2.627   1.00 0.54  ? 97  TRP A HZ3  1 
ATOM 1532 H HH2  . TRP A 1 97  ? -1.016  2.569   2.537   1.00 0.53  ? 97  TRP A HH2  1 
ATOM 1533 N N    . LEU A 1 98  ? -10.203 2.318   3.661   1.00 0.41  ? 98  LEU A N    1 
ATOM 1534 C CA   . LEU A 1 98  ? -11.426 1.570   3.887   1.00 0.48  ? 98  LEU A CA   1 
ATOM 1535 C C    . LEU A 1 98  ? -12.602 2.535   3.925   1.00 0.52  ? 98  LEU A C    1 
ATOM 1536 O O    . LEU A 1 98  ? -13.688 2.238   3.425   1.00 0.62  ? 98  LEU A O    1 
ATOM 1537 C CB   . LEU A 1 98  ? -11.336 0.824   5.217   1.00 0.51  ? 98  LEU A CB   1 
ATOM 1538 C CG   . LEU A 1 98  ? -10.152 -0.143  5.185   1.00 0.55  ? 98  LEU A CG   1 
ATOM 1539 C CD1  . LEU A 1 98  ? -10.056 -0.883  6.521   1.00 0.65  ? 98  LEU A CD1  1 
ATOM 1540 C CD2  . LEU A 1 98  ? -10.355 -1.154  4.057   1.00 0.67  ? 98  LEU A CD2  1 
ATOM 1541 H H    . LEU A 1 98  ? -9.512  2.326   4.354   1.00 0.40  ? 98  LEU A H    1 
ATOM 1542 H HA   . LEU A 1 98  ? -11.569 0.859   3.088   1.00 0.53  ? 98  LEU A HA   1 
ATOM 1543 H HB2  . LEU A 1 98  ? -11.200 1.535   6.019   1.00 0.51  ? 98  LEU A HB2  1 
ATOM 1544 H HB3  . LEU A 1 98  ? -12.245 0.269   5.380   1.00 0.56  ? 98  LEU A HB3  1 
ATOM 1545 H HG   . LEU A 1 98  ? -9.240  0.412   5.015   1.00 0.56  ? 98  LEU A HG   1 
ATOM 1546 H HD11 . LEU A 1 98  ? -10.672 -1.769  6.486   1.00 1.12  ? 98  LEU A HD11 1 
ATOM 1547 H HD12 . LEU A 1 98  ? -10.401 -0.236  7.316   1.00 1.34  ? 98  LEU A HD12 1 
ATOM 1548 H HD13 . LEU A 1 98  ? -9.030  -1.162  6.704   1.00 1.18  ? 98  LEU A HD13 1 
ATOM 1549 H HD21 . LEU A 1 98  ? -9.585  -1.908  4.105   1.00 1.28  ? 98  LEU A HD21 1 
ATOM 1550 H HD22 . LEU A 1 98  ? -10.303 -0.645  3.105   1.00 1.33  ? 98  LEU A HD22 1 
ATOM 1551 H HD23 . LEU A 1 98  ? -11.324 -1.620  4.162   1.00 1.09  ? 98  LEU A HD23 1 
ATOM 1552 N N    . VAL A 1 99  ? -12.362 3.703   4.516   1.00 0.52  ? 99  VAL A N    1 
ATOM 1553 C CA   . VAL A 1 99  ? -13.389 4.730   4.615   1.00 0.62  ? 99  VAL A CA   1 
ATOM 1554 C C    . VAL A 1 99  ? -13.595 5.384   3.256   1.00 0.75  ? 99  VAL A C    1 
ATOM 1555 O O    . VAL A 1 99  ? -14.409 6.296   3.106   1.00 1.06  ? 99  VAL A O    1 
ATOM 1556 C CB   . VAL A 1 99  ? -12.970 5.786   5.644   1.00 0.70  ? 99  VAL A CB   1 
ATOM 1557 C CG1  . VAL A 1 99  ? -13.923 6.979   5.589   1.00 0.88  ? 99  VAL A CG1  1 
ATOM 1558 C CG2  . VAL A 1 99  ? -13.019 5.165   7.038   1.00 0.75  ? 99  VAL A CG2  1 
ATOM 1559 H H    . VAL A 1 99  ? -11.471 3.876   4.885   1.00 0.49  ? 99  VAL A H    1 
ATOM 1560 H HA   . VAL A 1 99  ? -14.316 4.277   4.933   1.00 0.67  ? 99  VAL A HA   1 
ATOM 1561 H HB   . VAL A 1 99  ? -11.964 6.117   5.431   1.00 0.71  ? 99  VAL A HB   1 
ATOM 1562 H HG11 . VAL A 1 99  ? -14.852 6.720   6.079   1.00 1.35  ? 99  VAL A HG11 1 
ATOM 1563 H HG12 . VAL A 1 99  ? -14.118 7.241   4.560   1.00 1.28  ? 99  VAL A HG12 1 
ATOM 1564 H HG13 . VAL A 1 99  ? -13.472 7.821   6.095   1.00 1.44  ? 99  VAL A HG13 1 
ATOM 1565 H HG21 . VAL A 1 99  ? -14.033 5.201   7.410   1.00 1.24  ? 99  VAL A HG21 1 
ATOM 1566 H HG22 . VAL A 1 99  ? -12.372 5.720   7.700   1.00 1.22  ? 99  VAL A HG22 1 
ATOM 1567 H HG23 . VAL A 1 99  ? -12.691 4.138   6.986   1.00 1.35  ? 99  VAL A HG23 1 
ATOM 1568 N N    . GLN A 1 100 ? -12.849 4.902   2.265   1.00 0.82  ? 100 GLN A N    1 
ATOM 1569 C CA   . GLN A 1 100 ? -12.952 5.434   0.914   1.00 1.01  ? 100 GLN A CA   1 
ATOM 1570 C C    . GLN A 1 100 ? -14.132 6.392   0.814   1.00 1.56  ? 100 GLN A C    1 
ATOM 1571 O O    . GLN A 1 100 ? -14.879 6.370   -0.165  1.00 2.01  ? 100 GLN A O    1 
ATOM 1572 C CB   . GLN A 1 100 ? -13.164 4.289   -0.079  1.00 1.07  ? 100 GLN A CB   1 
ATOM 1573 C CG   . GLN A 1 100 ? -11.875 3.485   -0.237  1.00 1.18  ? 100 GLN A CG   1 
ATOM 1574 C CD   . GLN A 1 100 ? -11.879 2.757   -1.576  1.00 2.06  ? 100 GLN A CD   1 
ATOM 1575 O OE1  . GLN A 1 100 ? -12.916 2.675   -2.235  1.00 2.57  ? 100 GLN A OE1  1 
ATOM 1576 N NE2  . GLN A 1 100 ? -10.775 2.224   -2.020  1.00 2.72  ? 100 GLN A NE2  1 
ATOM 1577 H H    . GLN A 1 100 ? -12.220 4.174   2.448   1.00 0.94  ? 100 GLN A H    1 
ATOM 1578 H HA   . GLN A 1 100 ? -12.040 5.955   0.665   1.00 1.10  ? 100 GLN A HA   1 
ATOM 1579 H HB2  . GLN A 1 100 ? -13.949 3.643   0.288   1.00 1.36  ? 100 GLN A HB2  1 
ATOM 1580 H HB3  . GLN A 1 100 ? -13.452 4.695   -1.036  1.00 1.23  ? 100 GLN A HB3  1 
ATOM 1581 H HG2  . GLN A 1 100 ? -11.027 4.153   -0.191  1.00 1.25  ? 100 GLN A HG2  1 
ATOM 1582 H HG3  . GLN A 1 100 ? -11.804 2.760   0.561   1.00 1.43  ? 100 GLN A HG3  1 
ATOM 1583 H HE21 . GLN A 1 100 ? -9.951  2.295   -1.495  1.00 2.76  ? 100 GLN A HE21 1 
ATOM 1584 H HE22 . GLN A 1 100 ? -10.768 1.753   -2.879  1.00 3.38  ? 100 GLN A HE22 1 
ATOM 1585 N N    . GLN A 1 101 ? -14.303 7.220   1.838   1.00 2.00  ? 101 GLN A N    1 
ATOM 1586 C CA   . GLN A 1 101 ? -15.409 8.169   1.862   1.00 2.63  ? 101 GLN A CA   1 
ATOM 1587 C C    . GLN A 1 101 ? -15.138 9.354   0.946   1.00 2.99  ? 101 GLN A C    1 
ATOM 1588 O O    . GLN A 1 101 ? -13.990 9.746   0.734   1.00 3.63  ? 101 GLN A O    1 
ATOM 1589 C CB   . GLN A 1 101 ? -15.622 8.674   3.284   1.00 3.27  ? 101 GLN A CB   1 
ATOM 1590 C CG   . GLN A 1 101 ? -16.187 7.544   4.141   1.00 3.72  ? 101 GLN A CG   1 
ATOM 1591 C CD   . GLN A 1 101 ? -17.022 8.119   5.275   1.00 4.64  ? 101 GLN A CD   1 
ATOM 1592 O OE1  . GLN A 1 101 ? -16.690 9.173   5.817   1.00 5.05  ? 101 GLN A OE1  1 
ATOM 1593 N NE2  . GLN A 1 101 ? -18.096 7.487   5.663   1.00 5.33  ? 101 GLN A NE2  1 
ATOM 1594 H H    . GLN A 1 101 ? -13.680 7.184   2.597   1.00 2.14  ? 101 GLN A H    1 
ATOM 1595 H HA   . GLN A 1 101 ? -16.306 7.669   1.534   1.00 2.96  ? 101 GLN A HA   1 
ATOM 1596 H HB2  . GLN A 1 101 ? -14.677 9.003   3.692   1.00 3.42  ? 101 GLN A HB2  1 
ATOM 1597 H HB3  . GLN A 1 101 ? -16.318 9.498   3.271   1.00 3.72  ? 101 GLN A HB3  1 
ATOM 1598 H HG2  . GLN A 1 101 ? -16.808 6.908   3.528   1.00 3.88  ? 101 GLN A HG2  1 
ATOM 1599 H HG3  . GLN A 1 101 ? -15.375 6.963   4.551   1.00 3.67  ? 101 GLN A HG3  1 
ATOM 1600 H HE21 . GLN A 1 101 ? -18.358 6.651   5.223   1.00 5.31  ? 101 GLN A HE21 1 
ATOM 1601 H HE22 . GLN A 1 101 ? -18.639 7.847   6.394   1.00 6.04  ? 101 GLN A HE22 1 
ATOM 1602 N N    . GLU A 1 102 ? -16.209 9.924   0.416   1.00 3.21  ? 102 GLU A N    1 
ATOM 1603 C CA   . GLU A 1 102 ? -16.090 11.072  -0.465  1.00 4.04  ? 102 GLU A CA   1 
ATOM 1604 C C    . GLU A 1 102 ? -15.021 12.028  0.051   1.00 4.54  ? 102 GLU A C    1 
ATOM 1605 O O    . GLU A 1 102 ? -15.293 13.207  0.286   1.00 4.94  ? 102 GLU A O    1 
ATOM 1606 C CB   . GLU A 1 102 ? -17.440 11.791  -0.548  1.00 4.70  ? 102 GLU A CB   1 
ATOM 1607 C CG   . GLU A 1 102 ? -18.483 10.830  -1.120  1.00 4.87  ? 102 GLU A CG   1 
ATOM 1608 C CD   . GLU A 1 102 ? -17.805 9.540   -1.578  1.00 4.76  ? 102 GLU A CD   1 
ATOM 1609 O OE1  . GLU A 1 102 ? -16.632 9.594   -1.916  1.00 4.86  ? 102 GLU A OE1  1 
ATOM 1610 O OE2  . GLU A 1 102 ? -18.469 8.519   -1.581  1.00 5.03  ? 102 GLU A OE2  1 
ATOM 1611 H H    . GLU A 1 102 ? -17.100 9.569   0.629   1.00 3.22  ? 102 GLU A H    1 
ATOM 1612 H HA   . GLU A 1 102 ? -15.812 10.732  -1.451  1.00 4.35  ? 102 GLU A HA   1 
ATOM 1613 H HB2  . GLU A 1 102 ? -17.742 12.104  0.441   1.00 4.76  ? 102 GLU A HB2  1 
ATOM 1614 H HB3  . GLU A 1 102 ? -17.354 12.653  -1.191  1.00 5.42  ? 102 GLU A HB3  1 
ATOM 1615 H HG2  . GLU A 1 102 ? -19.214 10.601  -0.356  1.00 5.09  ? 102 GLU A HG2  1 
ATOM 1616 H HG3  . GLU A 1 102 ? -18.979 11.293  -1.960  1.00 5.32  ? 102 GLU A HG3  1 
ATOM 1617 N N    . GLY A 1 103 ? -13.807 11.519  0.237   1.00 4.97  ? 103 GLY A N    1 
ATOM 1618 C CA   . GLY A 1 103 ? -12.722 12.357  0.739   1.00 5.82  ? 103 GLY A CA   1 
ATOM 1619 C C    . GLY A 1 103 ? -13.174 13.810  0.790   1.00 5.90  ? 103 GLY A C    1 
ATOM 1620 O O    . GLY A 1 103 ? -12.404 14.710  1.129   1.00 5.96  ? 103 GLY A O    1 
ATOM 1621 H H    . GLY A 1 103 ? -13.642 10.569  0.040   1.00 4.97  ? 103 GLY A H    1 
ATOM 1622 H HA2  . GLY A 1 103 ? -12.453 12.029  1.732   1.00 6.37  ? 103 GLY A HA2  1 
ATOM 1623 H HA3  . GLY A 1 103 ? -11.864 12.272  0.087   1.00 6.17  ? 103 GLY A HA3  1 
ATOM 1624 N N    . ILE A 1 104 ? -14.435 14.028  0.449   1.00 6.26  ? 104 ILE A N    1 
ATOM 1625 C CA   . ILE A 1 104 ? -14.998 15.365  0.457   1.00 6.66  ? 104 ILE A CA   1 
ATOM 1626 C C    . ILE A 1 104 ? -14.960 15.979  1.859   1.00 7.13  ? 104 ILE A C    1 
ATOM 1627 O O    . ILE A 1 104 ? -14.874 15.267  2.863   1.00 7.46  ? 104 ILE A O    1 
ATOM 1628 C CB   . ILE A 1 104 ? -16.443 15.304  -0.034  1.00 7.19  ? 104 ILE A CB   1 
ATOM 1629 C CG1  . ILE A 1 104 ? -16.448 15.206  -1.560  1.00 7.54  ? 104 ILE A CG1  1 
ATOM 1630 C CG2  . ILE A 1 104 ? -17.190 16.562  0.419   1.00 7.43  ? 104 ILE A CG2  1 
ATOM 1631 C CD1  . ILE A 1 104 ? -15.018 14.980  -2.055  1.00 8.34  ? 104 ILE A CD1  1 
ATOM 1632 H H    . ILE A 1 104 ? -15.001 13.271  0.187   1.00 6.47  ? 104 ILE A H    1 
ATOM 1633 H HA   . ILE A 1 104 ? -14.431 15.990  -0.214  1.00 6.59  ? 104 ILE A HA   1 
ATOM 1634 H HB   . ILE A 1 104 ? -16.928 14.433  0.381   1.00 7.50  ? 104 ILE A HB   1 
ATOM 1635 H HG12 . ILE A 1 104 ? -17.068 14.377  -1.868  1.00 7.55  ? 104 ILE A HG12 1 
ATOM 1636 H HG13 . ILE A 1 104 ? -16.833 16.120  -1.982  1.00 7.54  ? 104 ILE A HG13 1 
ATOM 1637 H HG21 . ILE A 1 104 ? -16.978 16.742  1.464   1.00 7.60  ? 104 ILE A HG21 1 
ATOM 1638 H HG22 . ILE A 1 104 ? -18.253 16.419  0.290   1.00 7.61  ? 104 ILE A HG22 1 
ATOM 1639 H HG23 . ILE A 1 104 ? -16.869 17.412  -0.168  1.00 7.54  ? 104 ILE A HG23 1 
ATOM 1640 H HD11 . ILE A 1 104 ? -14.411 15.842  -1.818  1.00 8.80  ? 104 ILE A HD11 1 
ATOM 1641 H HD12 . ILE A 1 104 ? -15.028 14.830  -3.125  1.00 8.57  ? 104 ILE A HD12 1 
ATOM 1642 H HD13 . ILE A 1 104 ? -14.600 14.107  -1.573  1.00 8.46  ? 104 ILE A HD13 1 
ATOM 1643 N N    . PHE A 1 105 ? -15.036 17.309  1.905   1.00 7.48  ? 105 PHE A N    1 
ATOM 1644 C CA   . PHE A 1 105 ? -15.027 18.043  3.170   1.00 8.21  ? 105 PHE A CA   1 
ATOM 1645 C C    . PHE A 1 105 ? -16.461 18.261  3.648   1.00 8.77  ? 105 PHE A C    1 
ATOM 1646 O O    . PHE A 1 105 ? -16.795 17.776  4.720   1.00 8.95  ? 105 PHE A O    1 
ATOM 1647 C CB   . PHE A 1 105 ? -14.342 19.406  2.983   1.00 8.54  ? 105 PHE A CB   1 
ATOM 1648 C CG   . PHE A 1 105 ? -14.291 19.754  1.516   1.00 8.89  ? 105 PHE A CG   1 
ATOM 1649 C CD1  . PHE A 1 105 ? -15.474 19.913  0.783   1.00 9.13  ? 105 PHE A CD1  1 
ATOM 1650 C CD2  . PHE A 1 105 ? -13.053 19.921  0.886   1.00 9.24  ? 105 PHE A CD2  1 
ATOM 1651 C CE1  . PHE A 1 105 ? -15.416 20.242  -0.580  1.00 9.75  ? 105 PHE A CE1  1 
ATOM 1652 C CE2  . PHE A 1 105 ? -12.994 20.246  -0.472  1.00 9.84  ? 105 PHE A CE2  1 
ATOM 1653 C CZ   . PHE A 1 105 ? -14.175 20.406  -1.207  1.00 10.10 ? 105 PHE A CZ   1 
ATOM 1654 O OXT  . PHE A 1 105 ? -17.215 18.896  2.927   1.00 9.23  ? 105 PHE A OXT  1 
ATOM 1655 H H    . PHE A 1 105 ? -15.109 17.805  1.067   1.00 7.43  ? 105 PHE A H    1 
ATOM 1656 H HA   . PHE A 1 105 ? -14.489 17.475  3.914   1.00 8.44  ? 105 PHE A HA   1 
ATOM 1657 H HB2  . PHE A 1 105 ? -14.899 20.168  3.507   1.00 8.50  ? 105 PHE A HB2  1 
ATOM 1658 H HB3  . PHE A 1 105 ? -13.337 19.366  3.376   1.00 8.88  ? 105 PHE A HB3  1 
ATOM 1659 H HD1  . PHE A 1 105 ? -16.432 19.785  1.266   1.00 9.02  ? 105 PHE A HD1  1 
ATOM 1660 H HD2  . PHE A 1 105 ? -12.140 19.798  1.450   1.00 9.23  ? 105 PHE A HD2  1 
ATOM 1661 H HE1  . PHE A 1 105 ? -16.326 20.368  -1.146  1.00 10.11 ? 105 PHE A HE1  1 
ATOM 1662 H HE2  . PHE A 1 105 ? -12.037 20.378  -0.955  1.00 10.26 ? 105 PHE A HE2  1 
ATOM 1663 H HZ   . PHE A 1 105 ? -14.130 20.658  -2.254  1.00 10.73 ? 105 PHE A HZ   1 
# 
